data_6UEF
# 
_entry.id   6UEF 
# 
_audit_conform.dict_name       mmcif_pdbx.dic 
_audit_conform.dict_version    5.380 
_audit_conform.dict_location   http://mmcif.pdb.org/dictionaries/ascii/mmcif_pdbx.dic 
# 
loop_
_database_2.database_id 
_database_2.database_code 
_database_2.pdbx_database_accession 
_database_2.pdbx_DOI 
PDB   6UEF         pdb_00006uef 10.2210/pdb6uef/pdb 
WWPDB D_1000244477 ?            ?                   
# 
loop_
_pdbx_database_related.db_name 
_pdbx_database_related.details 
_pdbx_database_related.db_id 
_pdbx_database_related.content_type 
PDB . 6U40 unspecified 
PDB . 6UDN unspecified 
PDB . 6UAL unspecified 
# 
_pdbx_database_status.status_code                     REL 
_pdbx_database_status.status_code_sf                  REL 
_pdbx_database_status.status_code_mr                  ? 
_pdbx_database_status.entry_id                        6UEF 
_pdbx_database_status.recvd_initial_deposition_date   2019-09-20 
_pdbx_database_status.SG_entry                        N 
_pdbx_database_status.deposit_site                    RCSB 
_pdbx_database_status.process_site                    RCSB 
_pdbx_database_status.status_code_cs                  ? 
_pdbx_database_status.status_code_nmr_data            ? 
_pdbx_database_status.methods_development_category    ? 
_pdbx_database_status.pdb_format_compatible           Y 
# 
loop_
_audit_author.name 
_audit_author.pdbx_ordinal 
_audit_author.identifier_ORCID 
'Simmons, C.R.'      1 ? 
'MacCulloch, T.'     2 ? 
'Stephanopoulos, N.' 3 ? 
'Yan, H.'            4 ? 
# 
_citation.abstract                  ? 
_citation.abstract_id_CAS           ? 
_citation.book_id_ISBN              ? 
_citation.book_publisher            ? 
_citation.book_publisher_city       ? 
_citation.book_title                ? 
_citation.coordinate_linkage        ? 
_citation.country                   GE 
_citation.database_id_Medline       ? 
_citation.details                   ? 
_citation.id                        primary 
_citation.journal_abbrev            Angew.Chem.Int.Ed.Engl. 
_citation.journal_id_ASTM           ACIEAY 
_citation.journal_id_CSD            0179 
_citation.journal_id_ISSN           1521-3773 
_citation.journal_full              ? 
_citation.journal_issue             ? 
_citation.journal_volume            59 
_citation.language                  ? 
_citation.page_first                18619 
_citation.page_last                 18626 
_citation.title                     
'A Self-Assembled Rhombohedral DNA Crystal Scaffold with Tunable Cavity Sizes and High-Resolution Structural Detail.' 
_citation.year                      2020 
_citation.database_id_CSD           ? 
_citation.pdbx_database_id_DOI      10.1002/anie.202005505 
_citation.pdbx_database_id_PubMed   32533629 
_citation.unpublished_flag          ? 
# 
loop_
_citation_author.citation_id 
_citation_author.name 
_citation_author.ordinal 
_citation_author.identifier_ORCID 
primary 'Simmons, C.R.'      1 0000-0002-2290-6132 
primary 'MacCulloch, T.'     2 0000-0001-5875-3361 
primary 'Zhang, F.'          3 0000-0002-3177-7547 
primary 'Liu, Y.'            4 ?                   
primary 'Stephanopoulos, N.' 5 0000-0001-7859-410X 
primary 'Yan, H.'            6 0000-0001-7397-9852 
# 
_cell.angle_alpha                  90.000 
_cell.angle_alpha_esd              ? 
_cell.angle_beta                   90.000 
_cell.angle_beta_esd               ? 
_cell.angle_gamma                  120.000 
_cell.angle_gamma_esd              ? 
_cell.entry_id                     6UEF 
_cell.details                      ? 
_cell.formula_units_Z              ? 
_cell.length_a                     115.910 
_cell.length_a_esd                 ? 
_cell.length_b                     115.910 
_cell.length_b_esd                 ? 
_cell.length_c                     43.988 
_cell.length_c_esd                 ? 
_cell.volume                       ? 
_cell.volume_esd                   ? 
_cell.Z_PDB                        9 
_cell.reciprocal_angle_alpha       ? 
_cell.reciprocal_angle_beta        ? 
_cell.reciprocal_angle_gamma       ? 
_cell.reciprocal_angle_alpha_esd   ? 
_cell.reciprocal_angle_beta_esd    ? 
_cell.reciprocal_angle_gamma_esd   ? 
_cell.reciprocal_length_a          ? 
_cell.reciprocal_length_b          ? 
_cell.reciprocal_length_c          ? 
_cell.reciprocal_length_a_esd      ? 
_cell.reciprocal_length_b_esd      ? 
_cell.reciprocal_length_c_esd      ? 
_cell.pdbx_unique_axis             ? 
# 
_symmetry.entry_id                         6UEF 
_symmetry.cell_setting                     ? 
_symmetry.Int_Tables_number                146 
_symmetry.space_group_name_Hall            ? 
_symmetry.space_group_name_H-M             'H 3' 
_symmetry.pdbx_full_space_group_name_H-M   ? 
# 
loop_
_entity.id 
_entity.type 
_entity.src_method 
_entity.pdbx_description 
_entity.formula_weight 
_entity.pdbx_number_of_molecules 
_entity.pdbx_ec 
_entity.pdbx_mutation 
_entity.pdbx_fragment 
_entity.details 
1 polymer syn 
;DNA (5'-D(*CP*AP*AP*TP*GP*AP*CP*TP*CP*AP*TP*GP*CP*TP*CP*AP*TP*CP*GP*GP*A)-3')
;
6407.161 1 ? ? ? ? 
2 polymer syn 
;DNA (5'-D(P*AP*GP*CP*AP*TP*GP*A)-3')
;
2146.449 1 ? ? ? ? 
3 polymer syn 
;DNA (5'-D(*TP*GP*TP*CP*CP*GP*AP*TP*G)-3')
;
2746.809 1 ? ? ? ? 
4 polymer syn 
;DNA (5'-D(P*GP*TP*CP*AP*T)-3')
;
1495.023 1 ? ? ? ? 
# 
loop_
_entity_poly.entity_id 
_entity_poly.type 
_entity_poly.nstd_linkage 
_entity_poly.nstd_monomer 
_entity_poly.pdbx_seq_one_letter_code 
_entity_poly.pdbx_seq_one_letter_code_can 
_entity_poly.pdbx_strand_id 
_entity_poly.pdbx_target_identifier 
1 polydeoxyribonucleotide no no 
;(DC)(DA)(DA)(DT)(DG)(DA)(DC)(DT)(DC)(DA)(DT)(DG)(DC)(DT)(DC)(DA)(DT)(DC)(DG)(DG)
(DA)
;
CAATGACTCATGCTCATCGGA B ? 
2 polydeoxyribonucleotide no no '(DA)(DG)(DC)(DA)(DT)(DG)(DA)'                                                          AGCATGA A 
? 
3 polydeoxyribonucleotide no no '(DT)(DG)(DT)(DC)(DC)(DG)(DA)(DT)(DG)'                                                  TGTCCGATG 
C ? 
4 polydeoxyribonucleotide no no '(DG)(DT)(DC)(DA)(DT)'                                                                  GTCAT D ? 
# 
loop_
_entity_poly_seq.entity_id 
_entity_poly_seq.num 
_entity_poly_seq.mon_id 
_entity_poly_seq.hetero 
1 1  DC n 
1 2  DA n 
1 3  DA n 
1 4  DT n 
1 5  DG n 
1 6  DA n 
1 7  DC n 
1 8  DT n 
1 9  DC n 
1 10 DA n 
1 11 DT n 
1 12 DG n 
1 13 DC n 
1 14 DT n 
1 15 DC n 
1 16 DA n 
1 17 DT n 
1 18 DC n 
1 19 DG n 
1 20 DG n 
1 21 DA n 
2 1  DA n 
2 2  DG n 
2 3  DC n 
2 4  DA n 
2 5  DT n 
2 6  DG n 
2 7  DA n 
3 1  DT n 
3 2  DG n 
3 3  DT n 
3 4  DC n 
3 5  DC n 
3 6  DG n 
3 7  DA n 
3 8  DT n 
3 9  DG n 
4 1  DG n 
4 2  DT n 
4 3  DC n 
4 4  DA n 
4 5  DT n 
# 
loop_
_pdbx_entity_src_syn.entity_id 
_pdbx_entity_src_syn.pdbx_src_id 
_pdbx_entity_src_syn.pdbx_alt_source_flag 
_pdbx_entity_src_syn.pdbx_beg_seq_num 
_pdbx_entity_src_syn.pdbx_end_seq_num 
_pdbx_entity_src_syn.organism_scientific 
_pdbx_entity_src_syn.organism_common_name 
_pdbx_entity_src_syn.ncbi_taxonomy_id 
_pdbx_entity_src_syn.details 
1 1 sample 1 21 'synthetic construct' ? 32630 ? 
2 1 sample 1 7  'synthetic construct' ? 32630 ? 
3 1 sample 1 9  'synthetic construct' ? 32630 ? 
4 1 sample 1 5  'synthetic construct' ? 32630 ? 
# 
loop_
_struct_ref.id 
_struct_ref.db_name 
_struct_ref.db_code 
_struct_ref.pdbx_db_accession 
_struct_ref.pdbx_db_isoform 
_struct_ref.entity_id 
_struct_ref.pdbx_seq_one_letter_code 
_struct_ref.pdbx_align_begin 
1 PDB 6UEF 6UEF ? 1 ? 1 
2 PDB 6UEF 6UEF ? 2 ? 1 
3 PDB 6UEF 6UEF ? 3 ? 1 
4 PDB 6UEF 6UEF ? 4 ? 1 
# 
loop_
_struct_ref_seq.align_id 
_struct_ref_seq.ref_id 
_struct_ref_seq.pdbx_PDB_id_code 
_struct_ref_seq.pdbx_strand_id 
_struct_ref_seq.seq_align_beg 
_struct_ref_seq.pdbx_seq_align_beg_ins_code 
_struct_ref_seq.seq_align_end 
_struct_ref_seq.pdbx_seq_align_end_ins_code 
_struct_ref_seq.pdbx_db_accession 
_struct_ref_seq.db_align_beg 
_struct_ref_seq.pdbx_db_align_beg_ins_code 
_struct_ref_seq.db_align_end 
_struct_ref_seq.pdbx_db_align_end_ins_code 
_struct_ref_seq.pdbx_auth_seq_align_beg 
_struct_ref_seq.pdbx_auth_seq_align_end 
1 1 6UEF B 1 ? 21 ? 6UEF 5  ? 25 ? 5  25 
2 2 6UEF A 1 ? 7  ? 6UEF 65 ? 71 ? 65 71 
3 3 6UEF C 1 ? 9  ? 6UEF 56 ? 64 ? 56 64 
4 4 6UEF D 1 ? 5  ? 6UEF 72 ? 76 ? 72 76 
# 
loop_
_chem_comp.id 
_chem_comp.type 
_chem_comp.mon_nstd_flag 
_chem_comp.name 
_chem_comp.pdbx_synonyms 
_chem_comp.formula 
_chem_comp.formula_weight 
DA 'DNA linking' y "2'-DEOXYADENOSINE-5'-MONOPHOSPHATE" ? 'C10 H14 N5 O6 P' 331.222 
DC 'DNA linking' y "2'-DEOXYCYTIDINE-5'-MONOPHOSPHATE"  ? 'C9 H14 N3 O7 P'  307.197 
DG 'DNA linking' y "2'-DEOXYGUANOSINE-5'-MONOPHOSPHATE" ? 'C10 H14 N5 O7 P' 347.221 
DT 'DNA linking' y "THYMIDINE-5'-MONOPHOSPHATE"         ? 'C10 H15 N2 O8 P' 322.208 
# 
_exptl.absorpt_coefficient_mu     ? 
_exptl.absorpt_correction_T_max   ? 
_exptl.absorpt_correction_T_min   ? 
_exptl.absorpt_correction_type    ? 
_exptl.absorpt_process_details    ? 
_exptl.entry_id                   6UEF 
_exptl.crystals_number            1 
_exptl.details                    ? 
_exptl.method                     'X-RAY DIFFRACTION' 
_exptl.method_details             ? 
# 
_exptl_crystal.colour                      ? 
_exptl_crystal.density_diffrn              ? 
_exptl_crystal.density_Matthews            4.44 
_exptl_crystal.density_method              ? 
_exptl_crystal.density_percent_sol         72.32 
_exptl_crystal.description                 ? 
_exptl_crystal.F_000                       ? 
_exptl_crystal.id                          1 
_exptl_crystal.preparation                 ? 
_exptl_crystal.size_max                    ? 
_exptl_crystal.size_mid                    ? 
_exptl_crystal.size_min                    ? 
_exptl_crystal.size_rad                    ? 
_exptl_crystal.colour_lustre               ? 
_exptl_crystal.colour_modifier             ? 
_exptl_crystal.colour_primary              ? 
_exptl_crystal.density_meas                ? 
_exptl_crystal.density_meas_esd            ? 
_exptl_crystal.density_meas_gt             ? 
_exptl_crystal.density_meas_lt             ? 
_exptl_crystal.density_meas_temp           ? 
_exptl_crystal.density_meas_temp_esd       ? 
_exptl_crystal.density_meas_temp_gt        ? 
_exptl_crystal.density_meas_temp_lt        ? 
_exptl_crystal.pdbx_crystal_image_url      ? 
_exptl_crystal.pdbx_crystal_image_format   ? 
_exptl_crystal.pdbx_mosaicity              ? 
_exptl_crystal.pdbx_mosaicity_esd          ? 
# 
_exptl_crystal_grow.apparatus       ? 
_exptl_crystal_grow.atmosphere      ? 
_exptl_crystal_grow.crystal_id      1 
_exptl_crystal_grow.details         ? 
_exptl_crystal_grow.method          'VAPOR DIFFUSION, SITTING DROP' 
_exptl_crystal_grow.method_ref      ? 
_exptl_crystal_grow.pH              ? 
_exptl_crystal_grow.pressure        ? 
_exptl_crystal_grow.pressure_esd    ? 
_exptl_crystal_grow.seeding         ? 
_exptl_crystal_grow.seeding_ref     ? 
_exptl_crystal_grow.temp            298 
_exptl_crystal_grow.temp_details    'temperature gradient generated from 60 to 25 C at 0.3 degrees per hour' 
_exptl_crystal_grow.temp_esd        ? 
_exptl_crystal_grow.time            ? 
_exptl_crystal_grow.pdbx_details    
;0.5 mL of 0.05 M TRIS pH 8.0, 200 mM MgCl2, and 15% ethanol was added to the reservoir with 2 uL added to the drop containing 4 uL of DNA stock
;
_exptl_crystal_grow.pdbx_pH_range   ? 
# 
_diffrn.ambient_environment              ? 
_diffrn.ambient_temp                     100 
_diffrn.ambient_temp_details             ? 
_diffrn.ambient_temp_esd                 ? 
_diffrn.crystal_id                       1 
_diffrn.crystal_support                  ? 
_diffrn.crystal_treatment                ? 
_diffrn.details                          ? 
_diffrn.id                               1 
_diffrn.ambient_pressure                 ? 
_diffrn.ambient_pressure_esd             ? 
_diffrn.ambient_pressure_gt              ? 
_diffrn.ambient_pressure_lt              ? 
_diffrn.ambient_temp_gt                  ? 
_diffrn.ambient_temp_lt                  ? 
_diffrn.pdbx_serial_crystal_experiment   N 
# 
_diffrn_detector.details                      ? 
_diffrn_detector.detector                     PIXEL 
_diffrn_detector.diffrn_id                    1 
_diffrn_detector.type                         'DECTRIS PILATUS 6M' 
_diffrn_detector.area_resol_mean              ? 
_diffrn_detector.dtime                        ? 
_diffrn_detector.pdbx_frames_total            ? 
_diffrn_detector.pdbx_collection_time_total   ? 
_diffrn_detector.pdbx_collection_date         2019-05-15 
_diffrn_detector.pdbx_frequency               ? 
# 
_diffrn_radiation.collimation                      ? 
_diffrn_radiation.diffrn_id                        1 
_diffrn_radiation.filter_edge                      ? 
_diffrn_radiation.inhomogeneity                    ? 
_diffrn_radiation.monochromator                    ? 
_diffrn_radiation.polarisn_norm                    ? 
_diffrn_radiation.polarisn_ratio                   ? 
_diffrn_radiation.probe                            ? 
_diffrn_radiation.type                             ? 
_diffrn_radiation.xray_symbol                      ? 
_diffrn_radiation.wavelength_id                    1 
_diffrn_radiation.pdbx_monochromatic_or_laue_m_l   M 
_diffrn_radiation.pdbx_wavelength_list             ? 
_diffrn_radiation.pdbx_wavelength                  ? 
_diffrn_radiation.pdbx_diffrn_protocol             'SINGLE WAVELENGTH' 
_diffrn_radiation.pdbx_analyzer                    ? 
_diffrn_radiation.pdbx_scattering_type             x-ray 
# 
_diffrn_radiation_wavelength.id           1 
_diffrn_radiation_wavelength.wavelength   1.0 
_diffrn_radiation_wavelength.wt           1.0 
# 
_diffrn_source.current                     ? 
_diffrn_source.details                     ? 
_diffrn_source.diffrn_id                   1 
_diffrn_source.power                       ? 
_diffrn_source.size                        ? 
_diffrn_source.source                      SYNCHROTRON 
_diffrn_source.target                      ? 
_diffrn_source.type                        'ALS BEAMLINE 5.0.2' 
_diffrn_source.voltage                     ? 
_diffrn_source.take-off_angle              ? 
_diffrn_source.pdbx_wavelength_list        1.0 
_diffrn_source.pdbx_wavelength             ? 
_diffrn_source.pdbx_synchrotron_beamline   5.0.2 
_diffrn_source.pdbx_synchrotron_site       ALS 
# 
_reflns.B_iso_Wilson_estimate            81.210 
_reflns.entry_id                         6UEF 
_reflns.data_reduction_details           ? 
_reflns.data_reduction_method            ? 
_reflns.d_resolution_high                2.95 
_reflns.d_resolution_low                 50.000 
_reflns.details                          ? 
_reflns.limit_h_max                      ? 
_reflns.limit_h_min                      ? 
_reflns.limit_k_max                      ? 
_reflns.limit_k_min                      ? 
_reflns.limit_l_max                      ? 
_reflns.limit_l_min                      ? 
_reflns.number_all                       ? 
_reflns.number_obs                       4634 
_reflns.observed_criterion               ? 
_reflns.observed_criterion_F_max         ? 
_reflns.observed_criterion_F_min         ? 
_reflns.observed_criterion_I_max         ? 
_reflns.observed_criterion_I_min         ? 
_reflns.observed_criterion_sigma_F       ? 
_reflns.observed_criterion_sigma_I       ? 
_reflns.percent_possible_obs             99.800 
_reflns.R_free_details                   ? 
_reflns.Rmerge_F_all                     ? 
_reflns.Rmerge_F_obs                     ? 
_reflns.Friedel_coverage                 ? 
_reflns.number_gt                        ? 
_reflns.threshold_expression             ? 
_reflns.pdbx_redundancy                  10.000 
_reflns.pdbx_Rmerge_I_obs                0.089 
_reflns.pdbx_Rmerge_I_all                ? 
_reflns.pdbx_Rsym_value                  ? 
_reflns.pdbx_netI_over_av_sigmaI         ? 
_reflns.pdbx_netI_over_sigmaI            11.400 
_reflns.pdbx_res_netI_over_av_sigmaI_2   ? 
_reflns.pdbx_res_netI_over_sigmaI_2      ? 
_reflns.pdbx_chi_squared                 2.747 
_reflns.pdbx_scaling_rejects             ? 
_reflns.pdbx_d_res_high_opt              ? 
_reflns.pdbx_d_res_low_opt               ? 
_reflns.pdbx_d_res_opt_method            ? 
_reflns.phase_calculation_details        ? 
_reflns.pdbx_Rrim_I_all                  0.094 
_reflns.pdbx_Rpim_I_all                  0.030 
_reflns.pdbx_d_opt                       ? 
_reflns.pdbx_number_measured_all         ? 
_reflns.pdbx_diffrn_id                   1 
_reflns.pdbx_ordinal                     1 
_reflns.pdbx_CC_half                     ? 
_reflns.pdbx_CC_star                     ? 
_reflns.pdbx_R_split                     ? 
# 
loop_
_reflns_shell.d_res_high 
_reflns_shell.d_res_low 
_reflns_shell.meanI_over_sigI_all 
_reflns_shell.meanI_over_sigI_obs 
_reflns_shell.number_measured_all 
_reflns_shell.number_measured_obs 
_reflns_shell.number_possible 
_reflns_shell.number_unique_all 
_reflns_shell.number_unique_obs 
_reflns_shell.percent_possible_all 
_reflns_shell.percent_possible_obs 
_reflns_shell.Rmerge_F_all 
_reflns_shell.Rmerge_F_obs 
_reflns_shell.Rmerge_I_all 
_reflns_shell.Rmerge_I_obs 
_reflns_shell.meanI_over_sigI_gt 
_reflns_shell.meanI_over_uI_all 
_reflns_shell.meanI_over_uI_gt 
_reflns_shell.number_measured_gt 
_reflns_shell.number_unique_gt 
_reflns_shell.percent_possible_gt 
_reflns_shell.Rmerge_F_gt 
_reflns_shell.Rmerge_I_gt 
_reflns_shell.pdbx_redundancy 
_reflns_shell.pdbx_Rsym_value 
_reflns_shell.pdbx_chi_squared 
_reflns_shell.pdbx_netI_over_sigmaI_all 
_reflns_shell.pdbx_netI_over_sigmaI_obs 
_reflns_shell.pdbx_Rrim_I_all 
_reflns_shell.pdbx_Rpim_I_all 
_reflns_shell.pdbx_rejects 
_reflns_shell.pdbx_ordinal 
_reflns_shell.pdbx_diffrn_id 
_reflns_shell.pdbx_CC_half 
_reflns_shell.pdbx_CC_star 
_reflns_shell.pdbx_R_split 
2.950 3.000  ? ? ? ? ? ? 225 100.000 ? ? ? ? 0.816 ? ? ? ? ? ? ? ? 9.100  ? 0.487 ? ? 0.865 0.285 ? 1  1 0.886 ? ? 
3.000 3.060  ? ? ? ? ? ? 222 100.000 ? ? ? ? 0.560 ? ? ? ? ? ? ? ? 9.800  ? 0.491 ? ? 0.591 0.188 ? 2  1 0.949 ? ? 
3.060 3.110  ? ? ? ? ? ? 251 100.000 ? ? ? ? 0.324 ? ? ? ? ? ? ? ? 9.700  ? 0.610 ? ? 0.342 0.108 ? 3  1 0.982 ? ? 
3.110 3.180  ? ? ? ? ? ? 227 100.000 ? ? ? ? 0.207 ? ? ? ? ? ? ? ? 10.400 ? 0.889 ? ? 0.218 0.067 ? 4  1 0.994 ? ? 
3.180 3.250  ? ? ? ? ? ? 225 100.000 ? ? ? ? 0.120 ? ? ? ? ? ? ? ? 10.100 ? 1.905 ? ? 0.128 0.042 ? 5  1 0.991 ? ? 
3.250 3.320  ? ? ? ? ? ? 233 98.700  ? ? ? ? 0.130 ? ? ? ? ? ? ? ? 9.900  ? 1.221 ? ? 0.139 0.048 ? 6  1 0.995 ? ? 
3.320 3.410  ? ? ? ? ? ? 231 98.300  ? ? ? ? 0.124 ? ? ? ? ? ? ? ? 10.300 ? 1.509 ? ? 0.131 0.042 ? 7  1 0.997 ? ? 
3.410 3.500  ? ? ? ? ? ? 220 100.000 ? ? ? ? 0.166 ? ? ? ? ? ? ? ? 9.900  ? 2.384 ? ? 0.176 0.056 ? 8  1 0.994 ? ? 
3.500 3.600  ? ? ? ? ? ? 241 100.000 ? ? ? ? 0.120 ? ? ? ? ? ? ? ? 10.000 ? 1.941 ? ? 0.127 0.040 ? 9  1 0.995 ? ? 
3.600 3.720  ? ? ? ? ? ? 237 100.000 ? ? ? ? 0.147 ? ? ? ? ? ? ? ? 9.500  ? 2.825 ? ? 0.155 0.050 ? 10 1 0.993 ? ? 
3.720 3.850  ? ? ? ? ? ? 235 100.000 ? ? ? ? 0.123 ? ? ? ? ? ? ? ? 9.800  ? 2.301 ? ? 0.129 0.041 ? 11 1 0.991 ? ? 
3.850 4.000  ? ? ? ? ? ? 234 100.000 ? ? ? ? 0.124 ? ? ? ? ? ? ? ? 10.400 ? 3.542 ? ? 0.130 0.040 ? 12 1 0.993 ? ? 
4.000 4.190  ? ? ? ? ? ? 218 100.000 ? ? ? ? 0.111 ? ? ? ? ? ? ? ? 10.300 ? 3.782 ? ? 0.117 0.036 ? 13 1 0.996 ? ? 
4.190 4.410  ? ? ? ? ? ? 234 100.000 ? ? ? ? 0.108 ? ? ? ? ? ? ? ? 10.100 ? 3.358 ? ? 0.114 0.036 ? 14 1 0.988 ? ? 
4.410 4.680  ? ? ? ? ? ? 245 100.000 ? ? ? ? 0.104 ? ? ? ? ? ? ? ? 10.000 ? 3.340 ? ? 0.110 0.035 ? 15 1 0.990 ? ? 
4.680 5.040  ? ? ? ? ? ? 226 100.000 ? ? ? ? 0.095 ? ? ? ? ? ? ? ? 9.500  ? 3.775 ? ? 0.101 0.033 ? 16 1 0.991 ? ? 
5.040 5.550  ? ? ? ? ? ? 235 100.000 ? ? ? ? 0.093 ? ? ? ? ? ? ? ? 10.300 ? 4.385 ? ? 0.098 0.031 ? 17 1 0.995 ? ? 
5.550 6.350  ? ? ? ? ? ? 232 99.600  ? ? ? ? 0.088 ? ? ? ? ? ? ? ? 10.300 ? 4.504 ? ? 0.092 0.029 ? 18 1 0.996 ? ? 
6.350 8.000  ? ? ? ? ? ? 231 100.000 ? ? ? ? 0.079 ? ? ? ? ? ? ? ? 9.800  ? 3.822 ? ? 0.083 0.027 ? 19 1 0.996 ? ? 
8.000 50.000 ? ? ? ? ? ? 232 99.600  ? ? ? ? 0.067 ? ? ? ? ? ? ? ? 10.000 ? 7.511 ? ? 0.071 0.023 ? 20 1 0.994 ? ? 
# 
_refine.aniso_B[1][1]                            ? 
_refine.aniso_B[1][2]                            ? 
_refine.aniso_B[1][3]                            ? 
_refine.aniso_B[2][2]                            ? 
_refine.aniso_B[2][3]                            ? 
_refine.aniso_B[3][3]                            ? 
_refine.B_iso_max                                160.120 
_refine.B_iso_mean                               96.0810 
_refine.B_iso_min                                48.800 
_refine.correlation_coeff_Fo_to_Fc               ? 
_refine.correlation_coeff_Fo_to_Fc_free          ? 
_refine.details                                  ? 
_refine.diff_density_max                         ? 
_refine.diff_density_max_esd                     ? 
_refine.diff_density_min                         ? 
_refine.diff_density_min_esd                     ? 
_refine.diff_density_rms                         ? 
_refine.diff_density_rms_esd                     ? 
_refine.entry_id                                 6UEF 
_refine.pdbx_refine_id                           'X-RAY DIFFRACTION' 
_refine.ls_abs_structure_details                 ? 
_refine.ls_abs_structure_Flack                   ? 
_refine.ls_abs_structure_Flack_esd               ? 
_refine.ls_abs_structure_Rogers                  ? 
_refine.ls_abs_structure_Rogers_esd              ? 
_refine.ls_d_res_high                            2.95 
_refine.ls_d_res_low                             23.5250 
_refine.ls_extinction_coef                       ? 
_refine.ls_extinction_coef_esd                   ? 
_refine.ls_extinction_expression                 ? 
_refine.ls_extinction_method                     ? 
_refine.ls_goodness_of_fit_all                   ? 
_refine.ls_goodness_of_fit_all_esd               ? 
_refine.ls_goodness_of_fit_obs                   ? 
_refine.ls_goodness_of_fit_obs_esd               ? 
_refine.ls_hydrogen_treatment                    ? 
_refine.ls_matrix_type                           ? 
_refine.ls_number_constraints                    ? 
_refine.ls_number_parameters                     ? 
_refine.ls_number_reflns_all                     ? 
_refine.ls_number_reflns_obs                     4562 
_refine.ls_number_reflns_R_free                  221 
_refine.ls_number_reflns_R_work                  ? 
_refine.ls_number_restraints                     ? 
_refine.ls_percent_reflns_obs                    98.3600 
_refine.ls_percent_reflns_R_free                 4.8400 
_refine.ls_R_factor_all                          ? 
_refine.ls_R_factor_obs                          0.2362 
_refine.ls_R_factor_R_free                       0.2559 
_refine.ls_R_factor_R_free_error                 ? 
_refine.ls_R_factor_R_free_error_details         ? 
_refine.ls_R_factor_R_work                       0.2352 
_refine.ls_R_Fsqd_factor_obs                     ? 
_refine.ls_R_I_factor_obs                        ? 
_refine.ls_redundancy_reflns_all                 ? 
_refine.ls_redundancy_reflns_obs                 ? 
_refine.ls_restrained_S_all                      ? 
_refine.ls_restrained_S_obs                      ? 
_refine.ls_shift_over_esd_max                    ? 
_refine.ls_shift_over_esd_mean                   ? 
_refine.ls_structure_factor_coef                 ? 
_refine.ls_weighting_details                     ? 
_refine.ls_weighting_scheme                      ? 
_refine.ls_wR_factor_all                         ? 
_refine.ls_wR_factor_obs                         ? 
_refine.ls_wR_factor_R_free                      ? 
_refine.ls_wR_factor_R_work                      ? 
_refine.occupancy_max                            ? 
_refine.occupancy_min                            ? 
_refine.solvent_model_details                    ? 
_refine.solvent_model_param_bsol                 ? 
_refine.solvent_model_param_ksol                 ? 
_refine.pdbx_R_complete                          ? 
_refine.ls_R_factor_gt                           ? 
_refine.ls_goodness_of_fit_gt                    ? 
_refine.ls_goodness_of_fit_ref                   ? 
_refine.ls_shift_over_su_max                     ? 
_refine.ls_shift_over_su_max_lt                  ? 
_refine.ls_shift_over_su_mean                    ? 
_refine.ls_shift_over_su_mean_lt                 ? 
_refine.pdbx_ls_sigma_I                          ? 
_refine.pdbx_ls_sigma_F                          2.020 
_refine.pdbx_ls_sigma_Fsqd                       ? 
_refine.pdbx_data_cutoff_high_absF               ? 
_refine.pdbx_data_cutoff_high_rms_absF           ? 
_refine.pdbx_data_cutoff_low_absF                ? 
_refine.pdbx_isotropic_thermal_model             ? 
_refine.pdbx_ls_cross_valid_method               THROUGHOUT 
_refine.pdbx_method_to_determine_struct          'MOLECULAR REPLACEMENT' 
_refine.pdbx_starting_model                      6U40 
_refine.pdbx_stereochemistry_target_values       ? 
_refine.pdbx_R_Free_selection_details            ? 
_refine.pdbx_stereochem_target_val_spec_case     ? 
_refine.pdbx_overall_ESU_R                       ? 
_refine.pdbx_overall_ESU_R_Free                  ? 
_refine.pdbx_solvent_vdw_probe_radii             1.1100 
_refine.pdbx_solvent_ion_probe_radii             ? 
_refine.pdbx_solvent_shrinkage_radii             0.9000 
_refine.pdbx_real_space_R                        ? 
_refine.pdbx_density_correlation                 ? 
_refine.pdbx_pd_number_of_powder_patterns        ? 
_refine.pdbx_pd_number_of_points                 ? 
_refine.pdbx_pd_meas_number_of_points            ? 
_refine.pdbx_pd_proc_ls_prof_R_factor            ? 
_refine.pdbx_pd_proc_ls_prof_wR_factor           ? 
_refine.pdbx_pd_Marquardt_correlation_coeff      ? 
_refine.pdbx_pd_Fsqrd_R_factor                   ? 
_refine.pdbx_pd_ls_matrix_band_width             ? 
_refine.pdbx_overall_phase_error                 26.2400 
_refine.pdbx_overall_SU_R_free_Cruickshank_DPI   ? 
_refine.pdbx_overall_SU_R_free_Blow_DPI          ? 
_refine.pdbx_overall_SU_R_Blow_DPI               ? 
_refine.pdbx_TLS_residual_ADP_flag               ? 
_refine.pdbx_diffrn_id                           1 
_refine.overall_SU_B                             ? 
_refine.overall_SU_ML                            0.1500 
_refine.overall_SU_R_Cruickshank_DPI             ? 
_refine.overall_SU_R_free                        ? 
_refine.overall_FOM_free_R_set                   ? 
_refine.overall_FOM_work_R_set                   ? 
_refine.pdbx_average_fsc_overall                 ? 
_refine.pdbx_average_fsc_work                    ? 
_refine.pdbx_average_fsc_free                    ? 
# 
_refine_hist.pdbx_refine_id                   'X-RAY DIFFRACTION' 
_refine_hist.cycle_id                         final 
_refine_hist.details                          ? 
_refine_hist.d_res_high                       2.95 
_refine_hist.d_res_low                        23.5250 
_refine_hist.number_atoms_solvent             0 
_refine_hist.number_atoms_total               855 
_refine_hist.number_reflns_all                ? 
_refine_hist.number_reflns_obs                ? 
_refine_hist.number_reflns_R_free             ? 
_refine_hist.number_reflns_R_work             ? 
_refine_hist.R_factor_all                     ? 
_refine_hist.R_factor_obs                     ? 
_refine_hist.R_factor_R_free                  ? 
_refine_hist.R_factor_R_work                  ? 
_refine_hist.pdbx_number_residues_total       42 
_refine_hist.pdbx_B_iso_mean_ligand           ? 
_refine_hist.pdbx_B_iso_mean_solvent          ? 
_refine_hist.pdbx_number_atoms_protein        0 
_refine_hist.pdbx_number_atoms_nucleic_acid   855 
_refine_hist.pdbx_number_atoms_ligand         0 
_refine_hist.pdbx_number_atoms_lipid          ? 
_refine_hist.pdbx_number_atoms_carb           ? 
_refine_hist.pdbx_pseudo_atom_details         ? 
# 
loop_
_refine_ls_restr.pdbx_refine_id 
_refine_ls_restr.criterion 
_refine_ls_restr.dev_ideal 
_refine_ls_restr.dev_ideal_target 
_refine_ls_restr.number 
_refine_ls_restr.rejects 
_refine_ls_restr.type 
_refine_ls_restr.weight 
_refine_ls_restr.pdbx_restraint_function 
'X-RAY DIFFRACTION' ? 0.005  ? 956  ? f_bond_d           ? ? 
'X-RAY DIFFRACTION' ? 0.791  ? 1467 ? f_angle_d          ? ? 
'X-RAY DIFFRACTION' ? 0.043  ? 166  ? f_chiral_restr     ? ? 
'X-RAY DIFFRACTION' ? 0.004  ? 42   ? f_plane_restr      ? ? 
'X-RAY DIFFRACTION' ? 34.483 ? 406  ? f_dihedral_angle_d ? ? 
# 
loop_
_refine_ls_shell.pdbx_refine_id 
_refine_ls_shell.d_res_high 
_refine_ls_shell.d_res_low 
_refine_ls_shell.number_reflns_all 
_refine_ls_shell.number_reflns_obs 
_refine_ls_shell.number_reflns_R_free 
_refine_ls_shell.number_reflns_R_work 
_refine_ls_shell.percent_reflns_obs 
_refine_ls_shell.percent_reflns_R_free 
_refine_ls_shell.R_factor_all 
_refine_ls_shell.R_factor_obs 
_refine_ls_shell.R_factor_R_free 
_refine_ls_shell.R_factor_R_free_error 
_refine_ls_shell.R_factor_R_work 
_refine_ls_shell.redundancy_reflns_all 
_refine_ls_shell.redundancy_reflns_obs 
_refine_ls_shell.wR_factor_all 
_refine_ls_shell.wR_factor_obs 
_refine_ls_shell.wR_factor_R_free 
_refine_ls_shell.wR_factor_R_work 
_refine_ls_shell.pdbx_R_complete 
_refine_ls_shell.pdbx_total_number_of_bins_used 
_refine_ls_shell.pdbx_phase_error 
_refine_ls_shell.pdbx_fsc_work 
_refine_ls_shell.pdbx_fsc_free 
'X-RAY DIFFRACTION' 2.95   3.7118 . . 112 2123 97.0000  . . . 0.3248 0.0000 0.2833 . . . . . . . . . . . 
'X-RAY DIFFRACTION' 3.7118 23.525 . . 109 2218 100.0000 . . . 0.2368 0.0000 0.2227 . . . . . . . . . . . 
# 
_struct.entry_id                     6UEF 
_struct.title                        
;Crystal Structure of a Self-Assembling DNA Scaffold Containing Sequence Modifications to Attempt to Disrupt Crystal Contacts in a Rhombohedral Lattice.
;
_struct.pdbx_model_details           ? 
_struct.pdbx_formula_weight          ? 
_struct.pdbx_formula_weight_method   ? 
_struct.pdbx_model_type_details      ? 
_struct.pdbx_CASP_flag               N 
# 
_struct_keywords.entry_id        6UEF 
_struct_keywords.text            'Self-Assembly, DNA Nanotechnology, DNA Scaffold, DNA' 
_struct_keywords.pdbx_keywords   DNA 
# 
loop_
_struct_asym.id 
_struct_asym.pdbx_blank_PDB_chainid_flag 
_struct_asym.pdbx_modified 
_struct_asym.entity_id 
_struct_asym.details 
A N N 1 ? 
B N N 2 ? 
C N N 3 ? 
D N N 4 ? 
# 
loop_
_struct_conn.id 
_struct_conn.conn_type_id 
_struct_conn.pdbx_leaving_atom_flag 
_struct_conn.pdbx_PDB_id 
_struct_conn.ptnr1_label_asym_id 
_struct_conn.ptnr1_label_comp_id 
_struct_conn.ptnr1_label_seq_id 
_struct_conn.ptnr1_label_atom_id 
_struct_conn.pdbx_ptnr1_label_alt_id 
_struct_conn.pdbx_ptnr1_PDB_ins_code 
_struct_conn.pdbx_ptnr1_standard_comp_id 
_struct_conn.ptnr1_symmetry 
_struct_conn.ptnr2_label_asym_id 
_struct_conn.ptnr2_label_comp_id 
_struct_conn.ptnr2_label_seq_id 
_struct_conn.ptnr2_label_atom_id 
_struct_conn.pdbx_ptnr2_label_alt_id 
_struct_conn.pdbx_ptnr2_PDB_ins_code 
_struct_conn.ptnr1_auth_asym_id 
_struct_conn.ptnr1_auth_comp_id 
_struct_conn.ptnr1_auth_seq_id 
_struct_conn.ptnr2_auth_asym_id 
_struct_conn.ptnr2_auth_comp_id 
_struct_conn.ptnr2_auth_seq_id 
_struct_conn.ptnr2_symmetry 
_struct_conn.pdbx_ptnr3_label_atom_id 
_struct_conn.pdbx_ptnr3_label_seq_id 
_struct_conn.pdbx_ptnr3_label_comp_id 
_struct_conn.pdbx_ptnr3_label_asym_id 
_struct_conn.pdbx_ptnr3_label_alt_id 
_struct_conn.pdbx_ptnr3_PDB_ins_code 
_struct_conn.details 
_struct_conn.pdbx_dist_value 
_struct_conn.pdbx_value_order 
_struct_conn.pdbx_role 
hydrog1  hydrog ? ? A DA 3  N1 ? ? ? 1_555 D DT 5 N3 ? ? B DA 7  D DT 76 1_555 ? ? ? ? ? ? WATSON-CRICK ? ? ? 
hydrog2  hydrog ? ? A DA 3  N6 ? ? ? 1_555 D DT 5 O4 ? ? B DA 7  D DT 76 1_555 ? ? ? ? ? ? WATSON-CRICK ? ? ? 
hydrog3  hydrog ? ? A DT 4  N3 ? ? ? 1_555 D DA 4 N1 ? ? B DT 8  D DA 75 1_555 ? ? ? ? ? ? WATSON-CRICK ? ? ? 
hydrog4  hydrog ? ? A DT 4  O4 ? ? ? 1_555 D DA 4 N6 ? ? B DT 8  D DA 75 1_555 ? ? ? ? ? ? WATSON-CRICK ? ? ? 
hydrog5  hydrog ? ? A DG 5  N1 ? ? ? 1_555 D DC 3 N3 ? ? B DG 9  D DC 74 1_555 ? ? ? ? ? ? WATSON-CRICK ? ? ? 
hydrog6  hydrog ? ? A DG 5  N2 ? ? ? 1_555 D DC 3 O2 ? ? B DG 9  D DC 74 1_555 ? ? ? ? ? ? WATSON-CRICK ? ? ? 
hydrog7  hydrog ? ? A DG 5  O6 ? ? ? 1_555 D DC 3 N4 ? ? B DG 9  D DC 74 1_555 ? ? ? ? ? ? WATSON-CRICK ? ? ? 
hydrog8  hydrog ? ? A DA 6  N1 ? ? ? 1_555 D DT 2 N3 ? ? B DA 10 D DT 73 1_555 ? ? ? ? ? ? WATSON-CRICK ? ? ? 
hydrog9  hydrog ? ? A DA 6  N6 ? ? ? 1_555 D DT 2 O4 ? ? B DA 10 D DT 73 1_555 ? ? ? ? ? ? WATSON-CRICK ? ? ? 
hydrog10 hydrog ? ? A DC 7  N3 ? ? ? 1_555 D DG 1 N1 ? ? B DC 11 D DG 72 1_555 ? ? ? ? ? ? WATSON-CRICK ? ? ? 
hydrog11 hydrog ? ? A DC 7  N4 ? ? ? 1_555 D DG 1 O6 ? ? B DC 11 D DG 72 1_555 ? ? ? ? ? ? WATSON-CRICK ? ? ? 
hydrog12 hydrog ? ? A DC 7  O2 ? ? ? 1_555 D DG 1 N2 ? ? B DC 11 D DG 72 1_555 ? ? ? ? ? ? WATSON-CRICK ? ? ? 
hydrog13 hydrog ? ? A DT 8  N3 ? ? ? 1_555 B DA 7 N1 ? ? B DT 12 A DA 71 1_555 ? ? ? ? ? ? WATSON-CRICK ? ? ? 
hydrog14 hydrog ? ? A DT 8  O4 ? ? ? 1_555 B DA 7 N6 ? ? B DT 12 A DA 71 1_555 ? ? ? ? ? ? WATSON-CRICK ? ? ? 
hydrog15 hydrog ? ? A DC 9  N3 ? ? ? 1_555 B DG 6 N1 ? ? B DC 13 A DG 70 1_555 ? ? ? ? ? ? WATSON-CRICK ? ? ? 
hydrog16 hydrog ? ? A DC 9  N4 ? ? ? 1_555 B DG 6 O6 ? ? B DC 13 A DG 70 1_555 ? ? ? ? ? ? WATSON-CRICK ? ? ? 
hydrog17 hydrog ? ? A DC 9  O2 ? ? ? 1_555 B DG 6 N2 ? ? B DC 13 A DG 70 1_555 ? ? ? ? ? ? WATSON-CRICK ? ? ? 
hydrog18 hydrog ? ? A DA 10 N1 ? ? ? 1_555 B DT 5 N3 ? ? B DA 14 A DT 69 1_555 ? ? ? ? ? ? WATSON-CRICK ? ? ? 
hydrog19 hydrog ? ? A DA 10 N6 ? ? ? 1_555 B DT 5 O4 ? ? B DA 14 A DT 69 1_555 ? ? ? ? ? ? WATSON-CRICK ? ? ? 
hydrog20 hydrog ? ? A DT 11 N3 ? ? ? 1_555 B DA 4 N1 ? ? B DT 15 A DA 68 1_555 ? ? ? ? ? ? WATSON-CRICK ? ? ? 
hydrog21 hydrog ? ? A DT 11 O4 ? ? ? 1_555 B DA 4 N6 ? ? B DT 15 A DA 68 1_555 ? ? ? ? ? ? WATSON-CRICK ? ? ? 
hydrog22 hydrog ? ? A DG 12 N1 ? ? ? 1_555 B DC 3 N3 ? ? B DG 16 A DC 67 1_555 ? ? ? ? ? ? WATSON-CRICK ? ? ? 
hydrog23 hydrog ? ? A DG 12 N2 ? ? ? 1_555 B DC 3 O2 ? ? B DG 16 A DC 67 1_555 ? ? ? ? ? ? WATSON-CRICK ? ? ? 
hydrog24 hydrog ? ? A DG 12 O6 ? ? ? 1_555 B DC 3 N4 ? ? B DG 16 A DC 67 1_555 ? ? ? ? ? ? WATSON-CRICK ? ? ? 
hydrog25 hydrog ? ? A DC 13 N3 ? ? ? 1_555 B DG 2 N1 ? ? B DC 17 A DG 66 1_555 ? ? ? ? ? ? WATSON-CRICK ? ? ? 
hydrog26 hydrog ? ? A DC 13 N4 ? ? ? 1_555 B DG 2 O6 ? ? B DC 17 A DG 66 1_555 ? ? ? ? ? ? WATSON-CRICK ? ? ? 
hydrog27 hydrog ? ? A DC 13 O2 ? ? ? 1_555 B DG 2 N2 ? ? B DC 17 A DG 66 1_555 ? ? ? ? ? ? WATSON-CRICK ? ? ? 
hydrog28 hydrog ? ? A DT 14 N3 ? ? ? 1_555 B DA 1 N1 ? ? B DT 18 A DA 65 1_555 ? ? ? ? ? ? WATSON-CRICK ? ? ? 
hydrog29 hydrog ? ? A DT 14 O4 ? ? ? 1_555 B DA 1 N6 ? ? B DT 18 A DA 65 1_555 ? ? ? ? ? ? WATSON-CRICK ? ? ? 
hydrog30 hydrog ? ? A DC 15 N3 ? ? ? 1_555 C DG 9 N1 ? ? B DC 19 C DG 64 1_555 ? ? ? ? ? ? WATSON-CRICK ? ? ? 
hydrog31 hydrog ? ? A DC 15 N4 ? ? ? 1_555 C DG 9 O6 ? ? B DC 19 C DG 64 1_555 ? ? ? ? ? ? WATSON-CRICK ? ? ? 
hydrog32 hydrog ? ? A DC 15 O2 ? ? ? 1_555 C DG 9 N2 ? ? B DC 19 C DG 64 1_555 ? ? ? ? ? ? WATSON-CRICK ? ? ? 
hydrog33 hydrog ? ? A DA 16 N1 ? ? ? 1_555 C DT 8 N3 ? ? B DA 20 C DT 63 1_555 ? ? ? ? ? ? WATSON-CRICK ? ? ? 
hydrog34 hydrog ? ? A DA 16 N6 ? ? ? 1_555 C DT 8 O4 ? ? B DA 20 C DT 63 1_555 ? ? ? ? ? ? WATSON-CRICK ? ? ? 
hydrog35 hydrog ? ? A DT 17 N3 ? ? ? 1_555 C DA 7 N1 ? ? B DT 21 C DA 62 1_555 ? ? ? ? ? ? WATSON-CRICK ? ? ? 
hydrog36 hydrog ? ? A DT 17 O4 ? ? ? 1_555 C DA 7 N6 ? ? B DT 21 C DA 62 1_555 ? ? ? ? ? ? WATSON-CRICK ? ? ? 
hydrog37 hydrog ? ? A DC 18 N3 ? ? ? 1_555 C DG 6 N1 ? ? B DC 22 C DG 61 1_555 ? ? ? ? ? ? WATSON-CRICK ? ? ? 
hydrog38 hydrog ? ? A DC 18 N4 ? ? ? 1_555 C DG 6 O6 ? ? B DC 22 C DG 61 1_555 ? ? ? ? ? ? WATSON-CRICK ? ? ? 
hydrog39 hydrog ? ? A DC 18 O2 ? ? ? 1_555 C DG 6 N2 ? ? B DC 22 C DG 61 1_555 ? ? ? ? ? ? WATSON-CRICK ? ? ? 
hydrog40 hydrog ? ? A DG 19 N1 ? ? ? 1_555 C DC 5 N3 ? ? B DG 23 C DC 60 1_555 ? ? ? ? ? ? WATSON-CRICK ? ? ? 
hydrog41 hydrog ? ? A DG 19 N2 ? ? ? 1_555 C DC 5 O2 ? ? B DG 23 C DC 60 1_555 ? ? ? ? ? ? WATSON-CRICK ? ? ? 
hydrog42 hydrog ? ? A DG 19 O6 ? ? ? 1_555 C DC 5 N4 ? ? B DG 23 C DC 60 1_555 ? ? ? ? ? ? WATSON-CRICK ? ? ? 
hydrog43 hydrog ? ? A DG 20 N1 ? ? ? 1_555 C DC 4 N3 ? ? B DG 24 C DC 59 1_555 ? ? ? ? ? ? WATSON-CRICK ? ? ? 
hydrog44 hydrog ? ? A DG 20 N2 ? ? ? 1_555 C DC 4 O2 ? ? B DG 24 C DC 59 1_555 ? ? ? ? ? ? WATSON-CRICK ? ? ? 
hydrog45 hydrog ? ? A DG 20 O6 ? ? ? 1_555 C DC 4 N4 ? ? B DG 24 C DC 59 1_555 ? ? ? ? ? ? WATSON-CRICK ? ? ? 
hydrog46 hydrog ? ? A DA 21 N1 ? ? ? 1_555 C DT 3 N3 ? ? B DA 25 C DT 58 1_555 ? ? ? ? ? ? WATSON-CRICK ? ? ? 
hydrog47 hydrog ? ? A DA 21 N6 ? ? ? 1_555 C DT 3 O4 ? ? B DA 25 C DT 58 1_555 ? ? ? ? ? ? WATSON-CRICK ? ? ? 
# 
_struct_conn_type.id          hydrog 
_struct_conn_type.criteria    ? 
_struct_conn_type.reference   ? 
# 
_atom_sites.entry_id                    6UEF 
_atom_sites.Cartn_transf_matrix[1][1]   ? 
_atom_sites.Cartn_transf_matrix[1][2]   ? 
_atom_sites.Cartn_transf_matrix[1][3]   ? 
_atom_sites.Cartn_transf_matrix[2][1]   ? 
_atom_sites.Cartn_transf_matrix[2][2]   ? 
_atom_sites.Cartn_transf_matrix[2][3]   ? 
_atom_sites.Cartn_transf_matrix[3][1]   ? 
_atom_sites.Cartn_transf_matrix[3][2]   ? 
_atom_sites.Cartn_transf_matrix[3][3]   ? 
_atom_sites.Cartn_transf_vector[1]      ? 
_atom_sites.Cartn_transf_vector[2]      ? 
_atom_sites.Cartn_transf_vector[3]      ? 
_atom_sites.fract_transf_matrix[1][1]   0.00818946 
_atom_sites.fract_transf_matrix[1][2]   0.00511940 
_atom_sites.fract_transf_matrix[1][3]   -0.00244132 
_atom_sites.fract_transf_matrix[2][1]   -0.00059423 
_atom_sites.fract_transf_matrix[2][2]   0.00977690 
_atom_sites.fract_transf_matrix[2][3]   -0.00181677 
_atom_sites.fract_transf_matrix[3][1]   0.00385341 
_atom_sites.fract_transf_matrix[3][2]   0.00431927 
_atom_sites.fract_transf_matrix[3][3]   0.02198373 
_atom_sites.fract_transf_vector[1]      1.257835 
_atom_sites.fract_transf_vector[2]      1.041551 
_atom_sites.fract_transf_vector[3]      -0.365906 
_atom_sites.solution_primary            ? 
_atom_sites.solution_secondary          ? 
_atom_sites.solution_hydrogens          ? 
_atom_sites.special_details             ? 
# 
loop_
_atom_type.symbol 
C  
H  
MG 
N  
O  
P  
# 
loop_
_atom_site.group_PDB 
_atom_site.id 
_atom_site.type_symbol 
_atom_site.label_atom_id 
_atom_site.label_alt_id 
_atom_site.label_comp_id 
_atom_site.label_asym_id 
_atom_site.label_entity_id 
_atom_site.label_seq_id 
_atom_site.pdbx_PDB_ins_code 
_atom_site.Cartn_x 
_atom_site.Cartn_y 
_atom_site.Cartn_z 
_atom_site.occupancy 
_atom_site.B_iso_or_equiv 
_atom_site.pdbx_formal_charge 
_atom_site.auth_seq_id 
_atom_site.auth_comp_id 
_atom_site.auth_asym_id 
_atom_site.auth_atom_id 
_atom_site.pdbx_PDB_model_num 
ATOM 1    O "O5'"  . DC A 1 1  ? 11.889  -33.777 11.353  1.00 117.01 ? 5  DC B "O5'"  1 
ATOM 2    C "C5'"  . DC A 1 1  ? 10.882  -33.463 10.395  1.00 114.39 ? 5  DC B "C5'"  1 
ATOM 3    C "C4'"  . DC A 1 1  ? 9.715   -34.432 10.492  1.00 109.59 ? 5  DC B "C4'"  1 
ATOM 4    O "O4'"  . DC A 1 1  ? 9.287   -34.516 11.865  1.00 103.02 ? 5  DC B "O4'"  1 
ATOM 5    C "C3'"  . DC A 1 1  ? 8.487   -34.027 9.690   1.00 102.71 ? 5  DC B "C3'"  1 
ATOM 6    O "O3'"  . DC A 1 1  ? 8.474   -34.693 8.435   1.00 95.55  ? 5  DC B "O3'"  1 
ATOM 7    C "C2'"  . DC A 1 1  ? 7.297   -34.431 10.563  1.00 94.73  ? 5  DC B "C2'"  1 
ATOM 8    C "C1'"  . DC A 1 1  ? 7.892   -34.697 11.947  1.00 86.85  ? 5  DC B "C1'"  1 
ATOM 9    N N1     . DC A 1 1  ? 7.379   -33.788 13.006  1.00 83.93  ? 5  DC B N1     1 
ATOM 10   C C2     . DC A 1 1  ? 6.005   -33.679 13.230  1.00 84.37  ? 5  DC B C2     1 
ATOM 11   O O2     . DC A 1 1  ? 5.224   -34.343 12.536  1.00 87.42  ? 5  DC B O2     1 
ATOM 12   N N3     . DC A 1 1  ? 5.564   -32.848 14.205  1.00 74.92  ? 5  DC B N3     1 
ATOM 13   C C4     . DC A 1 1  ? 6.437   -32.150 14.934  1.00 83.71  ? 5  DC B C4     1 
ATOM 14   N N4     . DC A 1 1  ? 5.956   -31.344 15.883  1.00 77.60  ? 5  DC B N4     1 
ATOM 15   C C5     . DC A 1 1  ? 7.840   -32.250 14.721  1.00 91.93  ? 5  DC B C5     1 
ATOM 16   C C6     . DC A 1 1  ? 8.264   -33.073 13.758  1.00 93.20  ? 5  DC B C6     1 
ATOM 17   H "H5'"  . DC A 1 1  ? 11.263  -33.512 9.505   1.00 137.37 ? 5  DC B "H5'"  1 
ATOM 18   H "H5''" . DC A 1 1  ? 10.561  -32.562 10.555  1.00 137.37 ? 5  DC B "H5''" 1 
ATOM 19   H "H4'"  . DC A 1 1  ? 10.009  -35.310 10.198  1.00 131.60 ? 5  DC B "H4'"  1 
ATOM 20   H "H3'"  . DC A 1 1  ? 8.485   -33.066 9.553   1.00 123.35 ? 5  DC B "H3'"  1 
ATOM 21   H "H2'"  . DC A 1 1  ? 6.651   -33.709 10.607  1.00 113.77 ? 5  DC B "H2'"  1 
ATOM 22   H "H2''" . DC A 1 1  ? 6.882   -35.235 10.215  1.00 113.77 ? 5  DC B "H2''" 1 
ATOM 23   H "H1'"  . DC A 1 1  ? 7.705   -35.614 12.200  1.00 104.32 ? 5  DC B "H1'"  1 
ATOM 24   H H41    . DC A 1 1  ? 6.495   -30.875 16.364  1.00 93.22  ? 5  DC B H41    1 
ATOM 25   H H42    . DC A 1 1  ? 5.108   -31.292 16.014  1.00 93.22  ? 5  DC B H42    1 
ATOM 26   H H5     . DC A 1 1  ? 8.442   -31.760 15.233  1.00 110.41 ? 5  DC B H5     1 
ATOM 27   H H6     . DC A 1 1  ? 9.176   -33.158 13.597  1.00 111.94 ? 5  DC B H6     1 
ATOM 28   H "HO5'" . DC A 1 1  ? 12.093  -34.579 11.501  1.00 140.50 ? 5  DC B "HO5'" 1 
ATOM 29   P P      . DA A 1 2  ? 8.191   -33.871 7.086   1.00 119.55 ? 6  DA B P      1 
ATOM 30   O OP1    . DA A 1 2  ? 8.401   -34.798 5.954   1.00 132.46 ? 6  DA B OP1    1 
ATOM 31   O OP2    . DA A 1 2  ? 8.962   -32.609 7.159   1.00 114.08 ? 6  DA B OP2    1 
ATOM 32   O "O5'"  . DA A 1 2  ? 6.635   -33.511 7.174   1.00 101.10 ? 6  DA B "O5'"  1 
ATOM 33   C "C5'"  . DA A 1 2  ? 5.659   -34.504 6.883   1.00 90.13  ? 6  DA B "C5'"  1 
ATOM 34   C "C4'"  . DA A 1 2  ? 4.256   -33.940 7.008   1.00 100.42 ? 6  DA B "C4'"  1 
ATOM 35   O "O4'"  . DA A 1 2  ? 4.018   -33.587 8.392   1.00 97.99  ? 6  DA B "O4'"  1 
ATOM 36   C "C3'"  . DA A 1 2  ? 3.993   -32.681 6.171   1.00 93.44  ? 6  DA B "C3'"  1 
ATOM 37   O "O3'"  . DA A 1 2  ? 2.982   -32.919 5.172   1.00 74.76  ? 6  DA B "O3'"  1 
ATOM 38   C "C2'"  . DA A 1 2  ? 3.572   -31.601 7.167   1.00 90.38  ? 6  DA B "C2'"  1 
ATOM 39   C "C1'"  . DA A 1 2  ? 3.413   -32.318 8.502   1.00 95.29  ? 6  DA B "C1'"  1 
ATOM 40   N N9     . DA A 1 2  ? 4.043   -31.609 9.616   1.00 86.35  ? 6  DA B N9     1 
ATOM 41   C C8     . DA A 1 2  ? 5.376   -31.355 9.780   1.00 80.70  ? 6  DA B C8     1 
ATOM 42   N N7     . DA A 1 2  ? 5.658   -30.700 10.882  1.00 79.35  ? 6  DA B N7     1 
ATOM 43   C C5     . DA A 1 2  ? 4.425   -30.512 11.483  1.00 64.27  ? 6  DA B C5     1 
ATOM 44   C C6     . DA A 1 2  ? 4.040   -29.882 12.682  1.00 68.06  ? 6  DA B C6     1 
ATOM 45   N N6     . DA A 1 2  ? 4.906   -29.304 13.522  1.00 73.88  ? 6  DA B N6     1 
ATOM 46   N N1     . DA A 1 2  ? 2.725   -29.869 12.987  1.00 64.18  ? 6  DA B N1     1 
ATOM 47   C C2     . DA A 1 2  ? 1.863   -30.445 12.143  1.00 64.00  ? 6  DA B C2     1 
ATOM 48   N N3     . DA A 1 2  ? 2.106   -31.069 10.992  1.00 66.07  ? 6  DA B N3     1 
ATOM 49   C C4     . DA A 1 2  ? 3.418   -31.066 10.716  1.00 65.50  ? 6  DA B C4     1 
ATOM 50   H "H5'"  . DA A 1 2  ? 5.763   -35.242 7.504   1.00 108.25 ? 6  DA B "H5'"  1 
ATOM 51   H "H5''" . DA A 1 2  ? 5.794   -34.828 5.979   1.00 108.25 ? 6  DA B "H5''" 1 
ATOM 52   H "H4'"  . DA A 1 2  ? 3.620   -34.625 6.747   1.00 120.59 ? 6  DA B "H4'"  1 
ATOM 53   H "H3'"  . DA A 1 2  ? 4.817   -32.411 5.734   1.00 112.22 ? 6  DA B "H3'"  1 
ATOM 54   H "H2'"  . DA A 1 2  ? 4.259   -30.919 7.232   1.00 108.55 ? 6  DA B "H2'"  1 
ATOM 55   H "H2''" . DA A 1 2  ? 2.730   -31.204 6.896   1.00 108.55 ? 6  DA B "H2''" 1 
ATOM 56   H "H1'"  . DA A 1 2  ? 2.468   -32.431 8.691   1.00 114.45 ? 6  DA B "H1'"  1 
ATOM 57   H H8     . DA A 1 2  ? 6.023   -31.620 9.167   1.00 96.94  ? 6  DA B H8     1 
ATOM 58   H H61    . DA A 1 2  ? 4.622   -28.935 14.244  1.00 88.75  ? 6  DA B H61    1 
ATOM 59   H H62    . DA A 1 2  ? 5.746   -29.303 13.339  1.00 88.75  ? 6  DA B H62    1 
ATOM 60   H H2     . DA A 1 2  ? 0.970   -30.416 12.402  1.00 76.90  ? 6  DA B H2     1 
ATOM 61   P P      . DA A 1 3  ? 1.475   -33.316 5.581   1.00 117.42 ? 7  DA B P      1 
ATOM 62   O OP1    . DA A 1 3  ? 1.468   -33.922 6.930   1.00 122.75 ? 7  DA B OP1    1 
ATOM 63   O OP2    . DA A 1 3  ? 0.897   -34.051 4.435   1.00 105.95 ? 7  DA B OP2    1 
ATOM 64   O "O5'"  . DA A 1 3  ? 0.695   -31.925 5.671   1.00 83.11  ? 7  DA B "O5'"  1 
ATOM 65   C "C5'"  . DA A 1 3  ? -0.728  -31.922 5.583   1.00 95.52  ? 7  DA B "C5'"  1 
ATOM 66   C "C4'"  . DA A 1 3  ? -1.342  -30.891 6.512   1.00 90.85  ? 7  DA B "C4'"  1 
ATOM 67   O "O4'"  . DA A 1 3  ? -0.489  -30.698 7.656   1.00 88.52  ? 7  DA B "O4'"  1 
ATOM 68   C "C3'"  . DA A 1 3  ? -1.505  -29.501 5.913   1.00 98.36  ? 7  DA B "C3'"  1 
ATOM 69   O "O3'"  . DA A 1 3  ? -2.767  -29.373 5.201   1.00 101.17 ? 7  DA B "O3'"  1 
ATOM 70   C "C2'"  . DA A 1 3  ? -1.387  -28.563 7.122   1.00 95.04  ? 7  DA B "C2'"  1 
ATOM 71   C "C1'"  . DA A 1 3  ? -0.721  -29.415 8.204   1.00 89.01  ? 7  DA B "C1'"  1 
ATOM 72   N N9     . DA A 1 3  ? 0.554   -28.886 8.683   1.00 76.27  ? 7  DA B N9     1 
ATOM 73   C C8     . DA A 1 3  ? 1.767   -28.968 8.061   1.00 75.35  ? 7  DA B C8     1 
ATOM 74   N N7     . DA A 1 3  ? 2.749   -28.422 8.740   1.00 71.77  ? 7  DA B N7     1 
ATOM 75   C C5     . DA A 1 3  ? 2.136   -27.953 9.889   1.00 68.15  ? 7  DA B C5     1 
ATOM 76   C C6     . DA A 1 3  ? 2.630   -27.272 11.018  1.00 67.73  ? 7  DA B C6     1 
ATOM 77   N N6     . DA A 1 3  ? 3.913   -26.936 11.172  1.00 67.90  ? 7  DA B N6     1 
ATOM 78   N N1     . DA A 1 3  ? 1.751   -26.950 11.988  1.00 76.07  ? 7  DA B N1     1 
ATOM 79   C C2     . DA A 1 3  ? 0.465   -27.289 11.832  1.00 76.47  ? 7  DA B C2     1 
ATOM 80   N N3     . DA A 1 3  ? -0.115  -27.927 10.818  1.00 76.44  ? 7  DA B N3     1 
ATOM 81   C C4     . DA A 1 3  ? 0.784   -28.234 9.871   1.00 72.64  ? 7  DA B C4     1 
ATOM 82   H "H5'"  . DA A 1 3  ? -1.061  -32.801 5.821   1.00 114.72 ? 7  DA B "H5'"  1 
ATOM 83   H "H5''" . DA A 1 3  ? -0.987  -31.721 4.670   1.00 114.72 ? 7  DA B "H5''" 1 
ATOM 84   H "H4'"  . DA A 1 3  ? -2.207  -31.210 6.812   1.00 109.12 ? 7  DA B "H4'"  1 
ATOM 85   H "H3'"  . DA A 1 3  ? -0.773  -29.329 5.300   1.00 118.12 ? 7  DA B "H3'"  1 
ATOM 86   H "H2'"  . DA A 1 3  ? -0.831  -27.799 6.903   1.00 114.14 ? 7  DA B "H2'"  1 
ATOM 87   H "H2''" . DA A 1 3  ? -2.265  -28.272 7.412   1.00 114.14 ? 7  DA B "H2''" 1 
ATOM 88   H "H1'"  . DA A 1 3  ? -1.329  -29.498 8.956   1.00 106.91 ? 7  DA B "H1'"  1 
ATOM 89   H H8     . DA A 1 3  ? 1.887   -29.374 7.232   1.00 90.52  ? 7  DA B H8     1 
ATOM 90   H H61    . DA A 1 3  ? 4.169   -26.527 11.884  1.00 81.57  ? 7  DA B H61    1 
ATOM 91   H H62    . DA A 1 3  ? 4.485   -27.128 10.558  1.00 81.57  ? 7  DA B H62    1 
ATOM 92   H H2     . DA A 1 3  ? -0.101  -27.045 12.528  1.00 91.86  ? 7  DA B H2     1 
ATOM 93   P P      . DT A 1 4  ? -4.195  -29.417 5.951   1.00 122.59 ? 8  DT B P      1 
ATOM 94   O OP1    . DT A 1 4  ? -4.214  -30.471 6.986   1.00 109.25 ? 8  DT B OP1    1 
ATOM 95   O OP2    . DT A 1 4  ? -5.217  -29.447 4.884   1.00 127.75 ? 8  DT B OP2    1 
ATOM 96   O "O5'"  . DT A 1 4  ? -4.297  -28.010 6.703   1.00 117.47 ? 8  DT B "O5'"  1 
ATOM 97   C "C5'"  . DT A 1 4  ? -5.010  -27.923 7.930   1.00 116.89 ? 8  DT B "C5'"  1 
ATOM 98   C "C4'"  . DT A 1 4  ? -4.781  -26.586 8.612   1.00 114.92 ? 8  DT B "C4'"  1 
ATOM 99   O "O4'"  . DT A 1 4  ? -3.404  -26.467 9.017   1.00 91.68  ? 8  DT B "O4'"  1 
ATOM 100  C "C3'"  . DT A 1 4  ? -5.055  -25.361 7.742   1.00 109.91 ? 8  DT B "C3'"  1 
ATOM 101  O "O3'"  . DT A 1 4  ? -6.322  -24.808 8.078   1.00 110.95 ? 8  DT B "O3'"  1 
ATOM 102  C "C2'"  . DT A 1 4  ? -3.885  -24.400 8.040   1.00 101.29 ? 8  DT B "C2'"  1 
ATOM 103  C "C1'"  . DT A 1 4  ? -3.108  -25.101 9.152   1.00 96.47  ? 8  DT B "C1'"  1 
ATOM 104  N N1     . DT A 1 4  ? -1.614  -24.935 9.098   1.00 76.26  ? 8  DT B N1     1 
ATOM 105  C C2     . DT A 1 4  ? -0.954  -24.406 10.186  1.00 87.93  ? 8  DT B C2     1 
ATOM 106  O O2     . DT A 1 4  ? -1.523  -24.033 11.197  1.00 105.67 ? 8  DT B O2     1 
ATOM 107  N N3     . DT A 1 4  ? 0.407   -24.320 10.048  1.00 82.05  ? 8  DT B N3     1 
ATOM 108  C C4     . DT A 1 4  ? 1.160   -24.708 8.957   1.00 85.94  ? 8  DT B C4     1 
ATOM 109  O O4     . DT A 1 4  ? 2.383   -24.590 8.927   1.00 73.42  ? 8  DT B O4     1 
ATOM 110  C C5     . DT A 1 4  ? 0.411   -25.263 7.856   1.00 74.76  ? 8  DT B C5     1 
ATOM 111  C C7     . DT A 1 4  ? 1.124   -25.718 6.618   1.00 69.87  ? 8  DT B C7     1 
ATOM 112  C C6     . DT A 1 4  ? -0.924  -25.353 7.977   1.00 79.70  ? 8  DT B C6     1 
ATOM 113  H "H5'"  . DT A 1 4  ? -4.716  -28.635 8.519   1.00 140.36 ? 8  DT B "H5'"  1 
ATOM 114  H "H5''" . DT A 1 4  ? -5.958  -28.031 7.753   1.00 140.36 ? 8  DT B "H5''" 1 
ATOM 115  H "H4'"  . DT A 1 4  ? -5.343  -26.540 9.402   1.00 137.99 ? 8  DT B "H4'"  1 
ATOM 116  H "H3'"  . DT A 1 4  ? -5.043  -25.614 6.807   1.00 131.98 ? 8  DT B "H3'"  1 
ATOM 117  H "H2'"  . DT A 1 4  ? -3.327  -24.288 7.255   1.00 121.64 ? 8  DT B "H2'"  1 
ATOM 118  H "H2''" . DT A 1 4  ? -4.219  -23.542 8.347   1.00 121.64 ? 8  DT B "H2''" 1 
ATOM 119  H "H1'"  . DT A 1 4  ? -3.431  -24.790 10.012  1.00 115.86 ? 8  DT B "H1'"  1 
ATOM 120  H H3     . DT A 1 4  ? 0.838   -23.987 10.713  1.00 98.56  ? 8  DT B H3     1 
ATOM 121  H H71    . DT A 1 4  ? 2.078   -25.579 6.724   1.00 83.94  ? 8  DT B H71    1 
ATOM 122  H H72    . DT A 1 4  ? 0.949   -26.661 6.472   1.00 83.94  ? 8  DT B H72    1 
ATOM 123  H H73    . DT A 1 4  ? 0.807   -25.209 5.856   1.00 83.94  ? 8  DT B H73    1 
ATOM 124  H H6     . DT A 1 4  ? -1.408  -25.711 7.269   1.00 95.73  ? 8  DT B H6     1 
ATOM 125  P P      . DG A 1 5  ? -6.870  -23.503 7.324   1.00 130.61 ? 9  DG B P      1 
ATOM 126  O OP1    . DG A 1 5  ? -8.348  -23.583 7.301   1.00 123.37 ? 9  DG B OP1    1 
ATOM 127  O OP2    . DG A 1 5  ? -6.123  -23.375 6.054   1.00 119.12 ? 9  DG B OP2    1 
ATOM 128  O "O5'"  . DG A 1 5  ? -6.428  -22.306 8.289   1.00 121.68 ? 9  DG B "O5'"  1 
ATOM 129  C "C5'"  . DG A 1 5  ? -6.562  -22.443 9.703   1.00 112.35 ? 9  DG B "C5'"  1 
ATOM 130  C "C4'"  . DG A 1 5  ? -5.779  -21.364 10.424  1.00 113.59 ? 9  DG B "C4'"  1 
ATOM 131  O "O4'"  . DG A 1 5  ? -4.349  -21.589 10.223  1.00 110.41 ? 9  DG B "O4'"  1 
ATOM 132  C "C3'"  . DG A 1 5  ? -6.042  -19.944 9.923   1.00 110.40 ? 9  DG B "C3'"  1 
ATOM 133  O "O3'"  . DG A 1 5  ? -5.938  -18.995 10.993  1.00 109.99 ? 9  DG B "O3'"  1 
ATOM 134  C "C2'"  . DG A 1 5  ? -4.946  -19.774 8.891   1.00 94.55  ? 9  DG B "C2'"  1 
ATOM 135  C "C1'"  . DG A 1 5  ? -3.786  -20.450 9.596   1.00 96.94  ? 9  DG B "C1'"  1 
ATOM 136  N N9     . DG A 1 5  ? -2.700  -20.857 8.711   1.00 84.45  ? 9  DG B N9     1 
ATOM 137  C C8     . DG A 1 5  ? -2.809  -21.392 7.449   1.00 87.44  ? 9  DG B C8     1 
ATOM 138  N N7     . DG A 1 5  ? -1.656  -21.645 6.891   1.00 76.14  ? 9  DG B N7     1 
ATOM 139  C C5     . DG A 1 5  ? -0.725  -21.244 7.840   1.00 71.45  ? 9  DG B C5     1 
ATOM 140  C C6     . DG A 1 5  ? 0.687   -21.275 7.801   1.00 74.07  ? 9  DG B C6     1 
ATOM 141  O O6     . DG A 1 5  ? 1.421   -21.677 6.889   1.00 74.90  ? 9  DG B O6     1 
ATOM 142  N N1     . DG A 1 5  ? 1.247   -20.773 8.973   1.00 72.82  ? 9  DG B N1     1 
ATOM 143  C C2     . DG A 1 5  ? 0.530   -20.302 10.046  1.00 80.61  ? 9  DG B C2     1 
ATOM 144  N N2     . DG A 1 5  ? 1.244   -19.854 11.087  1.00 80.01  ? 9  DG B N2     1 
ATOM 145  N N3     . DG A 1 5  ? -0.795  -20.268 10.096  1.00 68.56  ? 9  DG B N3     1 
ATOM 146  C C4     . DG A 1 5  ? -1.353  -20.753 8.963   1.00 71.74  ? 9  DG B C4     1 
ATOM 147  H "H5'"  . DG A 1 5  ? -6.228  -23.314 9.972   1.00 134.91 ? 9  DG B "H5'"  1 
ATOM 148  H "H5''" . DG A 1 5  ? -7.499  -22.373 9.943   1.00 134.91 ? 9  DG B "H5''" 1 
ATOM 149  H "H4'"  . DG A 1 5  ? -5.977  -21.409 11.372  1.00 136.41 ? 9  DG B "H4'"  1 
ATOM 150  H "H3'"  . DG A 1 5  ? -6.914  -19.890 9.502   1.00 132.57 ? 9  DG B "H3'"  1 
ATOM 151  H "H2'"  . DG A 1 5  ? -5.168  -20.233 8.067   1.00 113.56 ? 9  DG B "H2'"  1 
ATOM 152  H "H2''" . DG A 1 5  ? -4.758  -18.836 8.733   1.00 113.56 ? 9  DG B "H2''" 1 
ATOM 153  H "H1'"  . DG A 1 5  ? -3.436  -19.854 10.276  1.00 116.42 ? 9  DG B "H1'"  1 
ATOM 154  H H8     . DG A 1 5  ? -3.625  -21.565 7.037   1.00 105.02 ? 9  DG B H8     1 
ATOM 155  H H1     . DG A 1 5  ? 2.105   -20.756 9.029   1.00 87.48  ? 9  DG B H1     1 
ATOM 156  H H21    . DG A 1 5  ? 0.844   -19.572 11.793  1.00 96.11  ? 9  DG B H21    1 
ATOM 157  H H22    . DG A 1 5  ? 2.104   -19.851 11.049  1.00 96.11  ? 9  DG B H22    1 
ATOM 158  P P      . DA A 1 6  ? -6.228  -17.433 10.736  1.00 124.65 ? 10 DA B P      1 
ATOM 159  O OP1    . DA A 1 6  ? -7.687  -17.294 10.523  1.00 126.96 ? 10 DA B OP1    1 
ATOM 160  O OP2    . DA A 1 6  ? -5.289  -16.918 9.719   1.00 113.68 ? 10 DA B OP2    1 
ATOM 161  O "O5'"  . DA A 1 6  ? -5.836  -16.727 12.118  1.00 119.19 ? 10 DA B "O5'"  1 
ATOM 162  C "C5'"  . DA A 1 6  ? -4.761  -17.233 12.915  1.00 111.78 ? 10 DA B "C5'"  1 
ATOM 163  C "C4'"  . DA A 1 6  ? -3.419  -16.623 12.520  1.00 105.48 ? 10 DA B "C4'"  1 
ATOM 164  O "O4'"  . DA A 1 6  ? -2.834  -17.371 11.433  1.00 109.98 ? 10 DA B "O4'"  1 
ATOM 165  C "C3'"  . DA A 1 6  ? -3.466  -15.169 12.024  1.00 112.80 ? 10 DA B "C3'"  1 
ATOM 166  O "O3'"  . DA A 1 6  ? -3.008  -14.274 13.031  1.00 121.48 ? 10 DA B "O3'"  1 
ATOM 167  C "C2'"  . DA A 1 6  ? -2.550  -15.157 10.787  1.00 103.97 ? 10 DA B "C2'"  1 
ATOM 168  C "C1'"  . DA A 1 6  ? -1.903  -16.532 10.803  1.00 96.19  ? 10 DA B "C1'"  1 
ATOM 169  N N9     . DA A 1 6  ? -1.594  -17.049 9.476   1.00 84.35  ? 10 DA B N9     1 
ATOM 170  C C8     . DA A 1 6  ? -2.482  -17.423 8.508   1.00 86.72  ? 10 DA B C8     1 
ATOM 171  N N7     . DA A 1 6  ? -1.914  -17.844 7.404   1.00 80.05  ? 10 DA B N7     1 
ATOM 172  C C5     . DA A 1 6  ? -0.561  -17.736 7.665   1.00 66.09  ? 10 DA B C5     1 
ATOM 173  C C6     . DA A 1 6  ? 0.577   -18.027 6.893   1.00 74.29  ? 10 DA B C6     1 
ATOM 174  N N6     . DA A 1 6  ? 0.515   -18.507 5.647   1.00 79.84  ? 10 DA B N6     1 
ATOM 175  N N1     . DA A 1 6  ? 1.786   -17.805 7.451   1.00 75.73  ? 10 DA B N1     1 
ATOM 176  C C2     . DA A 1 6  ? 1.841   -17.322 8.699   1.00 79.89  ? 10 DA B C2     1 
ATOM 177  N N3     . DA A 1 6  ? 0.840   -17.011 9.521   1.00 78.06  ? 10 DA B N3     1 
ATOM 178  C C4     . DA A 1 6  ? -0.345  -17.244 8.936   1.00 75.96  ? 10 DA B C4     1 
ATOM 179  H "H5'"  . DA A 1 6  ? -4.713  -18.196 12.805  1.00 134.23 ? 10 DA B "H5'"  1 
ATOM 180  H "H5''" . DA A 1 6  ? -4.936  -17.032 13.847  1.00 134.23 ? 10 DA B "H5''" 1 
ATOM 181  H "H4'"  . DA A 1 6  ? -2.823  -16.669 13.284  1.00 126.67 ? 10 DA B "H4'"  1 
ATOM 182  H "H3'"  . DA A 1 6  ? -4.372  -14.940 11.764  1.00 135.45 ? 10 DA B "H3'"  1 
ATOM 183  H "H2'"  . DA A 1 6  ? -3.073  -15.035 9.978   1.00 124.86 ? 10 DA B "H2'"  1 
ATOM 184  H "H2''" . DA A 1 6  ? -1.878  -14.463 10.868  1.00 124.86 ? 10 DA B "H2''" 1 
ATOM 185  H "H1'"  . DA A 1 6  ? -1.092  -16.498 11.332  1.00 115.52 ? 10 DA B "H1'"  1 
ATOM 186  H H8     . DA A 1 6  ? -3.403  -17.385 8.624   1.00 104.16 ? 10 DA B H8     1 
ATOM 187  H H61    . DA A 1 6  ? 1.239   -18.670 5.212   1.00 95.90  ? 10 DA B H61    1 
ATOM 188  H H62    . DA A 1 6  ? -0.249  -18.652 5.281   1.00 95.90  ? 10 DA B H62    1 
ATOM 189  H H2     . DA A 1 6  ? 2.696   -17.186 9.038   1.00 95.96  ? 10 DA B H2     1 
ATOM 190  P P      . DC A 1 7  ? -3.011  -12.688 12.760  1.00 113.25 ? 11 DC B P      1 
ATOM 191  O OP1    . DC A 1 7  ? -2.804  -12.022 14.066  1.00 98.43  ? 11 DC B OP1    1 
ATOM 192  O OP2    . DC A 1 7  ? -4.210  -12.372 11.952  1.00 108.43 ? 11 DC B OP2    1 
ATOM 193  O "O5'"  . DC A 1 7  ? -1.709  -12.441 11.860  1.00 101.34 ? 11 DC B "O5'"  1 
ATOM 194  C "C5'"  . DC A 1 7  ? -0.450  -12.281 12.489  1.00 98.53  ? 11 DC B "C5'"  1 
ATOM 195  C "C4'"  . DC A 1 7  ? 0.704   -12.384 11.500  1.00 97.15  ? 11 DC B "C4'"  1 
ATOM 196  O "O4'"  . DC A 1 7  ? 0.588   -13.578 10.691  1.00 92.70  ? 11 DC B "O4'"  1 
ATOM 197  C "C3'"  . DC A 1 7  ? 0.794   -11.295 10.451  1.00 108.33 ? 11 DC B "C3'"  1 
ATOM 198  O "O3'"  . DC A 1 7  ? 1.225   -10.020 10.998  1.00 101.01 ? 11 DC B "O3'"  1 
ATOM 199  C "C2'"  . DC A 1 7  ? 1.788   -11.925 9.476   1.00 102.53 ? 11 DC B "C2'"  1 
ATOM 200  C "C1'"  . DC A 1 7  ? 1.452   -13.419 9.567   1.00 94.56  ? 11 DC B "C1'"  1 
ATOM 201  N N1     . DC A 1 7  ? 0.798   -13.942 8.334   1.00 76.03  ? 11 DC B N1     1 
ATOM 202  C C2     . DC A 1 7  ? 1.597   -14.329 7.251   1.00 75.97  ? 11 DC B C2     1 
ATOM 203  O O2     . DC A 1 7  ? 2.827   -14.247 7.350   1.00 79.45  ? 11 DC B O2     1 
ATOM 204  N N3     . DC A 1 7  ? 1.002   -14.793 6.128   1.00 72.04  ? 11 DC B N3     1 
ATOM 205  C C4     . DC A 1 7  ? -0.326  -14.869 6.060   1.00 80.93  ? 11 DC B C4     1 
ATOM 206  N N4     . DC A 1 7  ? -0.866  -15.334 4.929   1.00 83.78  ? 11 DC B N4     1 
ATOM 207  C C5     . DC A 1 7  ? -1.161  -14.472 7.149   1.00 77.57  ? 11 DC B C5     1 
ATOM 208  C C6     . DC A 1 7  ? -0.560  -14.014 8.254   1.00 75.77  ? 11 DC B C6     1 
ATOM 209  H "H5'"  . DC A 1 7  ? -0.346  -12.968 13.166  1.00 118.34 ? 11 DC B "H5'"  1 
ATOM 210  H "H5''" . DC A 1 7  ? -0.420  -11.411 12.918  1.00 118.34 ? 11 DC B "H5''" 1 
ATOM 211  H "H4'"  . DC A 1 7  ? 1.539   -12.417 11.992  1.00 116.67 ? 11 DC B "H4'"  1 
ATOM 212  H "H3'"  . DC A 1 7  ? -0.066  -11.190 10.016  1.00 130.10 ? 11 DC B "H3'"  1 
ATOM 213  H "H2'"  . DC A 1 7  ? 1.642   -11.595 8.576   1.00 123.13 ? 11 DC B "H2'"  1 
ATOM 214  H "H2''" . DC A 1 7  ? 2.700   -11.760 9.761   1.00 123.13 ? 11 DC B "H2''" 1 
ATOM 215  H "H1'"  . DC A 1 7  ? 2.270   -13.917 9.725   1.00 113.57 ? 11 DC B "H1'"  1 
ATOM 216  H H41    . DC A 1 7  ? -1.720  -15.394 4.852   1.00 100.63 ? 11 DC B H41    1 
ATOM 217  H H42    . DC A 1 7  ? -0.359  -15.572 4.276   1.00 100.63 ? 11 DC B H42    1 
ATOM 218  H H5     . DC A 1 7  ? -2.087  -14.528 7.093   1.00 93.17  ? 11 DC B H5     1 
ATOM 219  H H6     . DC A 1 7  ? -1.077  -13.748 8.982   1.00 91.01  ? 11 DC B H6     1 
ATOM 220  P P      . DT A 1 8  ? 2.730   -9.760  11.512  1.00 115.13 ? 12 DT B P      1 
ATOM 221  O OP1    . DT A 1 8  ? 3.109   -10.839 12.448  1.00 123.46 ? 12 DT B OP1    1 
ATOM 222  O OP2    . DT A 1 8  ? 2.779   -8.353  11.965  1.00 126.83 ? 12 DT B OP2    1 
ATOM 223  O "O5'"  . DT A 1 8  ? 3.648   -9.888  10.206  1.00 79.53  ? 12 DT B "O5'"  1 
ATOM 224  C "C5'"  . DT A 1 8  ? 4.957   -10.432 10.333  1.00 90.24  ? 12 DT B "C5'"  1 
ATOM 225  C "C4'"  . DT A 1 8  ? 5.671   -10.515 8.996   1.00 92.05  ? 12 DT B "C4'"  1 
ATOM 226  O "O4'"  . DT A 1 8  ? 4.843   -11.200 8.029   1.00 87.34  ? 12 DT B "O4'"  1 
ATOM 227  C "C3'"  . DT A 1 8  ? 6.015   -9.164  8.358   1.00 106.01 ? 12 DT B "C3'"  1 
ATOM 228  O "O3'"  . DT A 1 8  ? 7.423   -8.955  8.380   1.00 104.73 ? 12 DT B "O3'"  1 
ATOM 229  C "C2'"  . DT A 1 8  ? 5.460   -9.262  6.926   1.00 108.32 ? 12 DT B "C2'"  1 
ATOM 230  C "C1'"  . DT A 1 8  ? 5.221   -10.751 6.754   1.00 95.64  ? 12 DT B "C1'"  1 
ATOM 231  N N1     . DT A 1 8  ? 4.151   -11.111 5.766   1.00 84.23  ? 12 DT B N1     1 
ATOM 232  C C2     . DT A 1 8  ? 4.515   -11.560 4.516   1.00 89.72  ? 12 DT B C2     1 
ATOM 233  O O2     . DT A 1 8  ? 5.673   -11.672 4.155   1.00 99.73  ? 12 DT B O2     1 
ATOM 234  N N3     . DT A 1 8  ? 3.467   -11.879 3.695   1.00 79.42  ? 12 DT B N3     1 
ATOM 235  C C4     . DT A 1 8  ? 2.120   -11.796 3.991   1.00 80.03  ? 12 DT B C4     1 
ATOM 236  O O4     . DT A 1 8  ? 1.250   -12.105 3.183   1.00 88.08  ? 12 DT B O4     1 
ATOM 237  C C5     . DT A 1 8  ? 1.807   -11.322 5.317   1.00 71.61  ? 12 DT B C5     1 
ATOM 238  C C7     . DT A 1 8  ? 0.378   -11.191 5.750   1.00 78.51  ? 12 DT B C7     1 
ATOM 239  C C6     . DT A 1 8  ? 2.826   -11.008 6.133   1.00 75.51  ? 12 DT B C6     1 
ATOM 240  H "H5'"  . DT A 1 8  ? 4.893   -11.322 10.713  1.00 108.38 ? 12 DT B "H5'"  1 
ATOM 241  H "H5''" . DT A 1 8  ? 5.475   -9.871  10.933  1.00 108.38 ? 12 DT B "H5''" 1 
ATOM 242  H "H4'"  . DT A 1 8  ? 6.491   -11.019 9.114   1.00 110.56 ? 12 DT B "H4'"  1 
ATOM 243  H "H3'"  . DT A 1 8  ? 5.567   -8.450  8.837   1.00 127.31 ? 12 DT B "H3'"  1 
ATOM 244  H "H2'"  . DT A 1 8  ? 4.628   -8.769  6.847   1.00 130.07 ? 12 DT B "H2'"  1 
ATOM 245  H "H2''" . DT A 1 8  ? 6.113   -8.943  6.283   1.00 130.07 ? 12 DT B "H2''" 1 
ATOM 246  H "H1'"  . DT A 1 8  ? 6.051   -11.180 6.498   1.00 114.87 ? 12 DT B "H1'"  1 
ATOM 247  H H3     . DT A 1 8  ? 3.670   -12.160 2.908   1.00 95.40  ? 12 DT B H3     1 
ATOM 248  H H71    . DT A 1 8  ? -0.206  -11.421 5.009   1.00 94.31  ? 12 DT B H71    1 
ATOM 249  H H72    . DT A 1 8  ? 0.208   -11.791 6.493   1.00 94.31  ? 12 DT B H72    1 
ATOM 250  H H73    . DT A 1 8  ? 0.206   -10.277 6.025   1.00 94.31  ? 12 DT B H73    1 
ATOM 251  H H6     . DT A 1 8  ? 2.627   -10.703 6.989   1.00 90.71  ? 12 DT B H6     1 
ATOM 252  P P      . DC A 1 9  ? 8.036   -7.532  7.957   1.00 128.13 ? 13 DC B P      1 
ATOM 253  O OP1    . DC A 1 9  ? 8.722   -6.980  9.147   1.00 130.30 ? 13 DC B OP1    1 
ATOM 254  O OP2    . DC A 1 9  ? 6.959   -6.756  7.302   1.00 115.35 ? 13 DC B OP2    1 
ATOM 255  O "O5'"  . DC A 1 9  ? 9.139   -7.893  6.852   1.00 115.30 ? 13 DC B "O5'"  1 
ATOM 256  C "C5'"  . DC A 1 9  ? 8.998   -9.062  6.045   1.00 113.32 ? 13 DC B "C5'"  1 
ATOM 257  C "C4'"  . DC A 1 9  ? 8.930   -8.721  4.559   1.00 107.38 ? 13 DC B "C4'"  1 
ATOM 258  O "O4'"  . DC A 1 9  ? 7.659   -9.170  4.024   1.00 109.96 ? 13 DC B "O4'"  1 
ATOM 259  C "C3'"  . DC A 1 9  ? 9.038   -7.228  4.202   1.00 107.88 ? 13 DC B "C3'"  1 
ATOM 260  O "O3'"  . DC A 1 9  ? 10.126  -7.027  3.303   1.00 106.66 ? 13 DC B "O3'"  1 
ATOM 261  C "C2'"  . DC A 1 9  ? 7.680   -6.891  3.572   1.00 95.93  ? 13 DC B "C2'"  1 
ATOM 262  C "C1'"  . DC A 1 9  ? 7.202   -8.240  3.073   1.00 102.46 ? 13 DC B "C1'"  1 
ATOM 263  N N1     . DC A 1 9  ? 5.717   -8.381  2.950   1.00 89.52  ? 13 DC B N1     1 
ATOM 264  C C2     . DC A 1 9  ? 5.166   -8.905  1.774   1.00 89.13  ? 13 DC B C2     1 
ATOM 265  O O2     . DC A 1 9  ? 5.918   -9.222  0.843   1.00 102.57 ? 13 DC B O2     1 
ATOM 266  N N3     . DC A 1 9  ? 3.820   -9.046  1.686   1.00 75.81  ? 13 DC B N3     1 
ATOM 267  C C4     . DC A 1 9  ? 3.045   -8.694  2.711   1.00 83.45  ? 13 DC B C4     1 
ATOM 268  N N4     . DC A 1 9  ? 1.724   -8.851  2.576   1.00 85.24  ? 13 DC B N4     1 
ATOM 269  C C5     . DC A 1 9  ? 3.586   -8.167  3.918   1.00 83.77  ? 13 DC B C5     1 
ATOM 270  C C6     . DC A 1 9  ? 4.913   -8.033  3.995   1.00 89.80  ? 13 DC B C6     1 
ATOM 271  H "H5'"  . DC A 1 9  ? 8.185   -9.525  6.300   1.00 136.08 ? 13 DC B "H5'"  1 
ATOM 272  H "H5''" . DC A 1 9  ? 9.757   -9.645  6.200   1.00 136.08 ? 13 DC B "H5''" 1 
ATOM 273  H "H4'"  . DC A 1 9  ? 9.641   -9.198  4.103   1.00 128.94 ? 13 DC B "H4'"  1 
ATOM 274  H "H3'"  . DC A 1 9  ? 9.170   -6.704  5.006   1.00 129.56 ? 13 DC B "H3'"  1 
ATOM 275  H "H2'"  . DC A 1 9  ? 7.071   -6.535  4.239   1.00 115.21 ? 13 DC B "H2'"  1 
ATOM 276  H "H2''" . DC A 1 9  ? 7.787   -6.269  2.835   1.00 115.21 ? 13 DC B "H2''" 1 
ATOM 277  H "H1'"  . DC A 1 9  ? 7.615   -8.429  2.215   1.00 123.05 ? 13 DC B "H1'"  1 
ATOM 278  H H41    . DC A 1 9  ? 1.199   -8.646  3.226   1.00 102.38 ? 13 DC B H41    1 
ATOM 279  H H42    . DC A 1 9  ? 1.401   -9.157  1.841   1.00 102.38 ? 13 DC B H42    1 
ATOM 280  H H5     . DC A 1 9  ? 3.035   -7.926  4.628   1.00 100.62 ? 13 DC B H5     1 
ATOM 281  H H6     . DC A 1 9  ? 5.295   -7.692  4.772   1.00 107.85 ? 13 DC B H6     1 
ATOM 282  P P      . DA A 1 10 ? 10.391  -5.589  2.637   1.00 113.71 ? 14 DA B P      1 
ATOM 283  O OP1    . DA A 1 10 ? 11.851  -5.349  2.671   1.00 124.27 ? 14 DA B OP1    1 
ATOM 284  O OP2    . DA A 1 10 ? 9.466   -4.614  3.256   1.00 106.05 ? 14 DA B OP2    1 
ATOM 285  O "O5'"  . DA A 1 10 ? 9.948   -5.798  1.117   1.00 100.15 ? 14 DA B "O5'"  1 
ATOM 286  C "C5'"  . DA A 1 10 ? 10.436  -6.916  0.387   1.00 102.28 ? 14 DA B "C5'"  1 
ATOM 287  C "C4'"  . DA A 1 10 ? 9.906   -6.906  -1.034  1.00 110.09 ? 14 DA B "C4'"  1 
ATOM 288  O "O4'"  . DA A 1 10 ? 8.488   -7.246  -1.028  1.00 108.81 ? 14 DA B "O4'"  1 
ATOM 289  C "C3'"  . DA A 1 10 ? 10.006  -5.562  -1.742  1.00 107.95 ? 14 DA B "C3'"  1 
ATOM 290  O "O3'"  . DA A 1 10 ? 10.286  -5.746  -3.128  1.00 115.97 ? 14 DA B "O3'"  1 
ATOM 291  C "C2'"  . DA A 1 10 ? 8.633   -4.949  -1.489  1.00 99.55  ? 14 DA B "C2'"  1 
ATOM 292  C "C1'"  . DA A 1 10 ? 7.725   -6.169  -1.544  1.00 91.91  ? 14 DA B "C1'"  1 
ATOM 293  N N9     . DA A 1 10 ? 6.498   -6.053  -0.756  1.00 82.14  ? 14 DA B N9     1 
ATOM 294  C C8     . DA A 1 10 ? 6.373   -5.582  0.521   1.00 84.59  ? 14 DA B C8     1 
ATOM 295  N N7     . DA A 1 10 ? 5.143   -5.615  0.981   1.00 80.95  ? 14 DA B N7     1 
ATOM 296  C C5     . DA A 1 10 ? 4.412   -6.153  -0.065  1.00 75.11  ? 14 DA B C5     1 
ATOM 297  C C6     . DA A 1 10 ? 3.041   -6.453  -0.213  1.00 78.25  ? 14 DA B C6     1 
ATOM 298  N N6     . DA A 1 10 ? 2.132   -6.237  0.743   1.00 75.03  ? 14 DA B N6     1 
ATOM 299  N N1     . DA A 1 10 ? 2.639   -6.984  -1.385  1.00 75.78  ? 14 DA B N1     1 
ATOM 300  C C2     . DA A 1 10 ? 3.551   -7.199  -2.340  1.00 86.51  ? 14 DA B C2     1 
ATOM 301  N N3     . DA A 1 10 ? 4.863   -6.960  -2.318  1.00 88.57  ? 14 DA B N3     1 
ATOM 302  C C4     . DA A 1 10 ? 5.231   -6.433  -1.141  1.00 73.61  ? 14 DA B C4     1 
ATOM 303  H "H5'"  . DA A 1 10 ? 10.153  -7.733  0.827   1.00 122.83 ? 14 DA B "H5'"  1 
ATOM 304  H "H5''" . DA A 1 10 ? 11.405  -6.884  0.366   1.00 122.83 ? 14 DA B "H5''" 1 
ATOM 305  H "H4'"  . DA A 1 10 ? 10.386  -7.571  -1.553  1.00 132.21 ? 14 DA B "H4'"  1 
ATOM 306  H "H3'"  . DA A 1 10 ? 10.695  -5.018  -1.329  1.00 129.63 ? 14 DA B "H3'"  1 
ATOM 307  H "H2'"  . DA A 1 10 ? 8.597   -4.530  -0.615  1.00 119.56 ? 14 DA B "H2'"  1 
ATOM 308  H "H2''" . DA A 1 10 ? 8.403   -4.316  -2.189  1.00 119.56 ? 14 DA B "H2''" 1 
ATOM 309  H "H1'"  . DA A 1 10 ? 7.494   -6.354  -2.467  1.00 110.39 ? 14 DA B "H1'"  1 
ATOM 310  H H8     . DA A 1 10 ? 7.093   -5.262  1.017   1.00 101.60 ? 14 DA B H8     1 
ATOM 311  H H61    . DA A 1 10 ? 1.306   -6.423  0.601   1.00 90.13  ? 14 DA B H61    1 
ATOM 312  H H62    . DA A 1 10 ? 2.375   -5.912  1.502   1.00 90.13  ? 14 DA B H62    1 
ATOM 313  H H2     . DA A 1 10 ? 3.225   -7.566  -3.131  1.00 103.90 ? 14 DA B H2     1 
ATOM 314  P P      . DT A 1 11 ? 10.746  -4.509  -4.043  1.00 132.52 ? 15 DT B P      1 
ATOM 315  O OP1    . DT A 1 11 ? 12.026  -4.879  -4.687  1.00 125.40 ? 15 DT B OP1    1 
ATOM 316  O OP2    . DT A 1 11 ? 10.663  -3.279  -3.222  1.00 103.29 ? 15 DT B OP2    1 
ATOM 317  O "O5'"  . DT A 1 11 ? 9.608   -4.434  -5.164  1.00 112.12 ? 15 DT B "O5'"  1 
ATOM 318  C "C5'"  . DT A 1 11 ? 8.250   -4.599  -4.789  1.00 96.47  ? 15 DT B "C5'"  1 
ATOM 319  C "C4'"  . DT A 1 11 ? 7.362   -4.780  -6.000  1.00 101.61 ? 15 DT B "C4'"  1 
ATOM 320  O "O4'"  . DT A 1 11 ? 6.040   -5.189  -5.560  1.00 102.84 ? 15 DT B "O4'"  1 
ATOM 321  C "C3'"  . DT A 1 11 ? 7.153   -3.525  -6.829  1.00 102.63 ? 15 DT B "C3'"  1 
ATOM 322  O "O3'"  . DT A 1 11 ? 6.990   -3.845  -8.205  1.00 104.44 ? 15 DT B "O3'"  1 
ATOM 323  C "C2'"  . DT A 1 11 ? 5.899   -2.916  -6.219  1.00 108.65 ? 15 DT B "C2'"  1 
ATOM 324  C "C1'"  . DT A 1 11 ? 5.108   -4.139  -5.756  1.00 91.67  ? 15 DT B "C1'"  1 
ATOM 325  N N1     . DT A 1 11 ? 4.349   -3.926  -4.478  1.00 83.52  ? 15 DT B N1     1 
ATOM 326  C C2     . DT A 1 11 ? 3.016   -4.264  -4.425  1.00 91.35  ? 15 DT B C2     1 
ATOM 327  O O2     . DT A 1 11 ? 2.408   -4.738  -5.368  1.00 101.48 ? 15 DT B O2     1 
ATOM 328  N N3     . DT A 1 11 ? 2.412   -4.029  -3.218  1.00 77.06  ? 15 DT B N3     1 
ATOM 329  C C4     . DT A 1 11 ? 2.993   -3.500  -2.082  1.00 78.05  ? 15 DT B C4     1 
ATOM 330  O O4     . DT A 1 11 ? 2.363   -3.325  -1.042  1.00 74.74  ? 15 DT B O4     1 
ATOM 331  C C5     . DT A 1 11 ? 4.393   -3.165  -2.204  1.00 77.23  ? 15 DT B C5     1 
ATOM 332  C C7     . DT A 1 11 ? 5.134   -2.583  -1.037  1.00 74.12  ? 15 DT B C7     1 
ATOM 333  C C6     . DT A 1 11 ? 4.998   -3.394  -3.381  1.00 79.92  ? 15 DT B C6     1 
ATOM 334  H "H5'"  . DT A 1 11 ? 7.960   -3.815  -4.297  1.00 115.86 ? 15 DT B "H5'"  1 
ATOM 335  H "H5''" . DT A 1 11 ? 8.171   -5.379  -4.218  1.00 115.86 ? 15 DT B "H5''" 1 
ATOM 336  H "H4'"  . DT A 1 11 ? 7.737   -5.474  -6.565  1.00 122.02 ? 15 DT B "H4'"  1 
ATOM 337  H "H3'"  . DT A 1 11 ? 7.904   -2.922  -6.714  1.00 123.25 ? 15 DT B "H3'"  1 
ATOM 338  H "H2'"  . DT A 1 11 ? 6.124   -2.348  -5.465  1.00 130.48 ? 15 DT B "H2'"  1 
ATOM 339  H "H2''" . DT A 1 11 ? 5.400   -2.419  -6.887  1.00 130.48 ? 15 DT B "H2''" 1 
ATOM 340  H "H1'"  . DT A 1 11 ? 4.485   -4.396  -6.454  1.00 110.10 ? 15 DT B "H1'"  1 
ATOM 341  H H3     . DT A 1 11 ? 1.578   -4.234  -3.162  1.00 92.56  ? 15 DT B H3     1 
ATOM 342  H H71    . DT A 1 11 ? 5.869   -3.168  -0.796  1.00 89.04  ? 15 DT B H71    1 
ATOM 343  H H72    . DT A 1 11 ? 5.481   -1.709  -1.278  1.00 89.04  ? 15 DT B H72    1 
ATOM 344  H H73    . DT A 1 11 ? 4.531   -2.495  -0.282  1.00 89.04  ? 15 DT B H73    1 
ATOM 345  H H6     . DT A 1 11 ? 5.898   -3.177  -3.463  1.00 96.00  ? 15 DT B H6     1 
ATOM 346  P P      . DG A 1 12 ? 6.881   -2.672  -9.296  1.00 121.19 ? 16 DG B P      1 
ATOM 347  O OP1    . DG A 1 12 ? 7.272   -3.243  -10.604 1.00 113.94 ? 16 DG B OP1    1 
ATOM 348  O OP2    . DG A 1 12 ? 7.598   -1.492  -8.762  1.00 121.30 ? 16 DG B OP2    1 
ATOM 349  O "O5'"  . DG A 1 12 ? 5.321   -2.328  -9.330  1.00 96.91  ? 16 DG B "O5'"  1 
ATOM 350  C "C5'"  . DG A 1 12 ? 4.388   -3.334  -9.694  1.00 90.74  ? 16 DG B "C5'"  1 
ATOM 351  C "C4'"  . DG A 1 12 ? 2.973   -2.927  -9.329  1.00 99.75  ? 16 DG B "C4'"  1 
ATOM 352  O "O4'"  . DG A 1 12 ? 2.842   -2.860  -7.896  1.00 102.26 ? 16 DG B "O4'"  1 
ATOM 353  C "C3'"  . DG A 1 12 ? 2.541   -1.551  -9.838  1.00 109.65 ? 16 DG B "C3'"  1 
ATOM 354  O "O3'"  . DG A 1 12 ? 1.749   -1.683  -11.019 1.00 125.88 ? 16 DG B "O3'"  1 
ATOM 355  C "C2'"  . DG A 1 12 ? 1.759   -0.931  -8.661  1.00 89.04  ? 16 DG B "C2'"  1 
ATOM 356  C "C1'"  . DG A 1 12 ? 1.755   -2.025  -7.596  1.00 94.66  ? 16 DG B "C1'"  1 
ATOM 357  N N9     . DG A 1 12 ? 1.901   -1.531  -6.227  1.00 88.79  ? 16 DG B N9     1 
ATOM 358  C C8     . DG A 1 12 ? 3.042   -1.039  -5.641  1.00 86.64  ? 16 DG B C8     1 
ATOM 359  N N7     . DG A 1 12 ? 2.875   -0.679  -4.399  1.00 77.33  ? 16 DG B N7     1 
ATOM 360  C C5     . DG A 1 12 ? 1.538   -0.951  -4.142  1.00 70.52  ? 16 DG B C5     1 
ATOM 361  C C6     . DG A 1 12 ? 0.781   -0.768  -2.960  1.00 74.77  ? 16 DG B C6     1 
ATOM 362  O O6     . DG A 1 12 ? 1.156   -0.313  -1.870  1.00 73.68  ? 16 DG B O6     1 
ATOM 363  N N1     . DG A 1 12 ? -0.540  -1.176  -3.124  1.00 66.36  ? 16 DG B N1     1 
ATOM 364  C C2     . DG A 1 12 ? -1.063  -1.694  -4.285  1.00 76.36  ? 16 DG B C2     1 
ATOM 365  N N2     . DG A 1 12 ? -2.361  -2.031  -4.252  1.00 68.78  ? 16 DG B N2     1 
ATOM 366  N N3     . DG A 1 12 ? -0.365  -1.871  -5.400  1.00 71.70  ? 16 DG B N3     1 
ATOM 367  C C4     . DG A 1 12 ? 0.924   -1.479  -5.255  1.00 72.80  ? 16 DG B C4     1 
ATOM 368  H "H5'"  . DG A 1 12 ? 4.612   -4.156  -9.232  1.00 108.99 ? 16 DG B "H5'"  1 
ATOM 369  H "H5''" . DG A 1 12 ? 4.439   -3.483  -10.651 1.00 108.99 ? 16 DG B "H5''" 1 
ATOM 370  H "H4'"  . DG A 1 12 ? 2.357   -3.594  -9.670  1.00 119.80 ? 16 DG B "H4'"  1 
ATOM 371  H "H3'"  . DG A 1 12 ? 3.326   -1.012  -10.027 1.00 131.67 ? 16 DG B "H3'"  1 
ATOM 372  H "H2'"  . DG A 1 12 ? 2.212   -0.140  -8.332  1.00 106.94 ? 16 DG B "H2'"  1 
ATOM 373  H "H2''" . DG A 1 12 ? 0.853   -0.718  -8.932  1.00 106.94 ? 16 DG B "H2''" 1 
ATOM 374  H "H1'"  . DG A 1 12 ? 0.933   -2.535  -7.665  1.00 113.68 ? 16 DG B "H1'"  1 
ATOM 375  H H8     . DG A 1 12 ? 3.855   -0.968  -6.089  1.00 104.07 ? 16 DG B H8     1 
ATOM 376  H H1     . DG A 1 12 ? -1.068  -1.096  -2.451  1.00 79.72  ? 16 DG B H1     1 
ATOM 377  H H21    . DG A 1 12 ? -2.735  -2.369  -4.950  1.00 82.63  ? 16 DG B H21    1 
ATOM 378  H H22    . DG A 1 12 ? -2.819  -1.910  -3.535  1.00 82.63  ? 16 DG B H22    1 
ATOM 379  P P      . DC A 1 13 ? 0.964   -0.417  -11.619 1.00 127.10 ? 17 DC B P      1 
ATOM 380  O OP1    . DC A 1 13 ? 0.757   -0.652  -13.065 1.00 122.98 ? 17 DC B OP1    1 
ATOM 381  O OP2    . DC A 1 13 ? 1.666   0.804   -11.162 1.00 106.15 ? 17 DC B OP2    1 
ATOM 382  O "O5'"  . DC A 1 13 ? -0.455  -0.478  -10.887 1.00 96.67  ? 17 DC B "O5'"  1 
ATOM 383  C "C5'"  . DC A 1 13 ? -1.184  0.710   -10.654 1.00 92.65  ? 17 DC B "C5'"  1 
ATOM 384  C "C4'"  . DC A 1 13 ? -2.453  0.417   -9.880  1.00 104.94 ? 17 DC B "C4'"  1 
ATOM 385  O "O4'"  . DC A 1 13 ? -2.105  -0.201  -8.618  1.00 117.00 ? 17 DC B "O4'"  1 
ATOM 386  C "C3'"  . DC A 1 13 ? -3.283  1.646   -9.545  1.00 103.78 ? 17 DC B "C3'"  1 
ATOM 387  O "O3'"  . DC A 1 13 ? -4.325  1.808   -10.501 1.00 98.66  ? 17 DC B "O3'"  1 
ATOM 388  C "C2'"  . DC A 1 13 ? -3.823  1.371   -8.144  1.00 100.11 ? 17 DC B "C2'"  1 
ATOM 389  C "C1'"  . DC A 1 13 ? -2.846  0.360   -7.552  1.00 99.14  ? 17 DC B "C1'"  1 
ATOM 390  N N1     . DC A 1 13 ? -1.882  0.942   -6.569  1.00 88.52  ? 17 DC B N1     1 
ATOM 391  C C2     . DC A 1 13 ? -2.316  1.263   -5.275  1.00 82.40  ? 17 DC B C2     1 
ATOM 392  O O2     . DC A 1 13 ? -3.502  1.078   -4.973  1.00 78.61  ? 17 DC B O2     1 
ATOM 393  N N3     . DC A 1 13 ? -1.423  1.774   -4.392  1.00 68.08  ? 17 DC B N3     1 
ATOM 394  C C4     . DC A 1 13 ? -0.152  1.958   -4.756  1.00 77.81  ? 17 DC B C4     1 
ATOM 395  N N4     . DC A 1 13 ? 0.692   2.464   -3.851  1.00 68.83  ? 17 DC B N4     1 
ATOM 396  C C5     . DC A 1 13 ? 0.310   1.630   -6.065  1.00 77.17  ? 17 DC B C5     1 
ATOM 397  C C6     . DC A 1 13 ? -0.579  1.126   -6.928  1.00 83.25  ? 17 DC B C6     1 
ATOM 398  H "H5'"  . DC A 1 13 ? -1.415  1.116   -11.505 1.00 111.28 ? 17 DC B "H5'"  1 
ATOM 399  H "H5''" . DC A 1 13 ? -0.635  1.327   -10.145 1.00 111.28 ? 17 DC B "H5''" 1 
ATOM 400  H "H4'"  . DC A 1 13 ? -2.998  -0.200  -10.393 1.00 126.02 ? 17 DC B "H4'"  1 
ATOM 401  H "H3'"  . DC A 1 13 ? -2.718  2.433   -9.533  1.00 124.63 ? 17 DC B "H3'"  1 
ATOM 402  H "H2'"  . DC A 1 13 ? -3.829  2.186   -7.618  1.00 120.22 ? 17 DC B "H2'"  1 
ATOM 403  H "H2''" . DC A 1 13 ? -4.715  0.992   -8.194  1.00 120.22 ? 17 DC B "H2''" 1 
ATOM 404  H "H1'"  . DC A 1 13 ? -3.350  -0.343  -7.116  1.00 119.07 ? 17 DC B "H1'"  1 
ATOM 405  H H41    . DC A 1 13 ? 1.519   2.582   -4.054  1.00 82.69  ? 17 DC B H41    1 
ATOM 406  H H42    . DC A 1 13 ? 0.408   2.673   -3.067  1.00 82.69  ? 17 DC B H42    1 
ATOM 407  H H5     . DC A 1 13 ? 1.198   1.760   -6.310  1.00 92.70  ? 17 DC B H5     1 
ATOM 408  H H6     . DC A 1 13 ? -0.307  0.903   -7.788  1.00 99.99  ? 17 DC B H6     1 
ATOM 409  P P      . DT A 1 14 ? -4.866  3.276   -10.861 1.00 125.85 ? 18 DT B P      1 
ATOM 410  O OP1    . DT A 1 14 ? -5.863  3.137   -11.947 1.00 131.90 ? 18 DT B OP1    1 
ATOM 411  O OP2    . DT A 1 14 ? -3.689  4.155   -11.048 1.00 104.35 ? 18 DT B OP2    1 
ATOM 412  O "O5'"  . DT A 1 14 ? -5.644  3.719   -9.540  1.00 99.63  ? 18 DT B "O5'"  1 
ATOM 413  C "C5'"  . DT A 1 14 ? -6.685  2.903   -9.026  1.00 99.79  ? 18 DT B "C5'"  1 
ATOM 414  C "C4'"  . DT A 1 14 ? -7.002  3.274   -7.593  1.00 105.77 ? 18 DT B "C4'"  1 
ATOM 415  O "O4'"  . DT A 1 14 ? -5.792  3.262   -6.807  1.00 98.50  ? 18 DT B "O4'"  1 
ATOM 416  C "C3'"  . DT A 1 14 ? -7.591  4.673   -7.417  1.00 104.09 ? 18 DT B "C3'"  1 
ATOM 417  O "O3'"  . DT A 1 14 ? -8.985  4.596   -7.161  1.00 107.00 ? 18 DT B "O3'"  1 
ATOM 418  C "C2'"  . DT A 1 14 ? -6.812  5.285   -6.239  1.00 96.56  ? 18 DT B "C2'"  1 
ATOM 419  C "C1'"  . DT A 1 14 ? -5.967  4.131   -5.717  1.00 94.58  ? 18 DT B "C1'"  1 
ATOM 420  N N1     . DT A 1 14 ? -4.623  4.542   -5.196  1.00 76.92  ? 18 DT B N1     1 
ATOM 421  C C2     . DT A 1 14 ? -4.510  4.950   -3.886  1.00 72.99  ? 18 DT B C2     1 
ATOM 422  O O2     . DT A 1 14 ? -5.454  5.005   -3.118  1.00 80.30  ? 18 DT B O2     1 
ATOM 423  N N3     . DT A 1 14 ? -3.242  5.298   -3.503  1.00 64.75  ? 18 DT B N3     1 
ATOM 424  C C4     . DT A 1 14 ? -2.101  5.279   -4.281  1.00 73.22  ? 18 DT B C4     1 
ATOM 425  O O4     . DT A 1 14 ? -1.002  5.612   -3.844  1.00 68.03  ? 18 DT B O4     1 
ATOM 426  C C5     . DT A 1 14 ? -2.289  4.839   -5.644  1.00 71.06  ? 18 DT B C5     1 
ATOM 427  C C7     . DT A 1 14 ? -1.120  4.777   -6.583  1.00 68.70  ? 18 DT B C7     1 
ATOM 428  C C6     . DT A 1 14 ? -3.527  4.494   -6.032  1.00 70.53  ? 18 DT B C6     1 
ATOM 429  H "H5'"  . DT A 1 14 ? -6.408  1.973   -9.062  1.00 119.84 ? 18 DT B "H5'"  1 
ATOM 430  H "H5''" . DT A 1 14 ? -7.479  3.019   -9.569  1.00 119.84 ? 18 DT B "H5''" 1 
ATOM 431  H "H4'"  . DT A 1 14 ? -7.622  2.623   -7.227  1.00 127.02 ? 18 DT B "H4'"  1 
ATOM 432  H "H3'"  . DT A 1 14 ? -7.434  5.196   -8.219  1.00 125.00 ? 18 DT B "H3'"  1 
ATOM 433  H "H2'"  . DT A 1 14 ? -6.245  6.009   -6.547  1.00 115.97 ? 18 DT B "H2'"  1 
ATOM 434  H "H2''" . DT A 1 14 ? -7.423  5.596   -5.553  1.00 115.97 ? 18 DT B "H2''" 1 
ATOM 435  H "H1'"  . DT A 1 14 ? -6.454  3.669   -5.018  1.00 113.59 ? 18 DT B "H1'"  1 
ATOM 436  H H3     . DT A 1 14 ? -3.146  5.560   -2.690  1.00 77.79  ? 18 DT B H3     1 
ATOM 437  H H71    . DT A 1 14 ? -0.999  3.864   -6.889  1.00 82.53  ? 18 DT B H71    1 
ATOM 438  H H72    . DT A 1 14 ? -1.287  5.355   -7.345  1.00 82.53  ? 18 DT B H72    1 
ATOM 439  H H73    . DT A 1 14 ? -0.319  5.072   -6.122  1.00 82.53  ? 18 DT B H73    1 
ATOM 440  H H6     . DT A 1 14 ? -3.652  4.208   -6.907  1.00 84.74  ? 18 DT B H6     1 
ATOM 441  P P      . DC A 1 15 ? -9.901  5.900   -7.343  1.00 129.17 ? 19 DC B P      1 
ATOM 442  O OP1    . DC A 1 15 ? -11.318 5.487   -7.228  1.00 120.42 ? 19 DC B OP1    1 
ATOM 443  O OP2    . DC A 1 15 ? -9.432  6.611   -8.554  1.00 114.71 ? 19 DC B OP2    1 
ATOM 444  O "O5'"  . DC A 1 15 ? -9.530  6.795   -6.075  1.00 101.10 ? 19 DC B "O5'"  1 
ATOM 445  C "C5'"  . DC A 1 15 ? -9.879  6.354   -4.772  1.00 102.36 ? 19 DC B "C5'"  1 
ATOM 446  C "C4'"  . DC A 1 15 ? -9.451  7.364   -3.725  1.00 109.63 ? 19 DC B "C4'"  1 
ATOM 447  O "O4'"  . DC A 1 15 ? -8.084  7.119   -3.334  1.00 101.92 ? 19 DC B "O4'"  1 
ATOM 448  C "C3'"  . DC A 1 15 ? -9.459  8.813   -4.189  1.00 108.66 ? 19 DC B "C3'"  1 
ATOM 449  O "O3'"  . DC A 1 15 ? -10.763 9.418   -4.044  1.00 105.23 ? 19 DC B "O3'"  1 
ATOM 450  C "C2'"  . DC A 1 15 ? -8.386  9.475   -3.322  1.00 103.88 ? 19 DC B "C2'"  1 
ATOM 451  C "C1'"  . DC A 1 15 ? -7.534  8.311   -2.804  1.00 98.17  ? 19 DC B "C1'"  1 
ATOM 452  N N1     . DC A 1 15 ? -6.092  8.397   -3.207  1.00 78.75  ? 19 DC B N1     1 
ATOM 453  C C2     . DC A 1 15 ? -5.131  8.837   -2.285  1.00 77.23  ? 19 DC B C2     1 
ATOM 454  O O2     . DC A 1 15 ? -5.487  9.152   -1.146  1.00 75.26  ? 19 DC B O2     1 
ATOM 455  N N3     . DC A 1 15 ? -3.831  8.904   -2.675  1.00 59.71  ? 19 DC B N3     1 
ATOM 456  C C4     . DC A 1 15 ? -3.488  8.556   -3.915  1.00 66.17  ? 19 DC B C4     1 
ATOM 457  N N4     . DC A 1 15 ? -2.198  8.636   -4.258  1.00 67.88  ? 19 DC B N4     1 
ATOM 458  C C5     . DC A 1 15 ? -4.453  8.109   -4.863  1.00 67.94  ? 19 DC B C5     1 
ATOM 459  C C6     . DC A 1 15 ? -5.729  8.047   -4.471  1.00 72.91  ? 19 DC B C6     1 
ATOM 460  H "H5'"  . DC A 1 15 ? -9.442  5.507   -4.595  1.00 122.93 ? 19 DC B "H5'"  1 
ATOM 461  H "H5''" . DC A 1 15 ? -10.840 6.233   -4.725  1.00 122.93 ? 19 DC B "H5''" 1 
ATOM 462  H "H4'"  . DC A 1 15 ? -10.024 7.277   -2.948  1.00 131.65 ? 19 DC B "H4'"  1 
ATOM 463  H "H3'"  . DC A 1 15 ? -9.188  8.853   -5.121  1.00 130.49 ? 19 DC B "H3'"  1 
ATOM 464  H "H2'"  . DC A 1 15 ? -7.845  10.078  -3.855  1.00 124.75 ? 19 DC B "H2'"  1 
ATOM 465  H "H2''" . DC A 1 15 ? -8.796  9.949   -2.582  1.00 124.75 ? 19 DC B "H2''" 1 
ATOM 466  H "H1'"  . DC A 1 15 ? -7.591  8.283   -1.836  1.00 117.90 ? 19 DC B "H1'"  1 
ATOM 467  H H41    . DC A 1 15 ? -1.949  8.413   -5.050  1.00 81.56  ? 19 DC B H41    1 
ATOM 468  H H42    . DC A 1 15 ? -1.617  8.914   -3.686  1.00 81.56  ? 19 DC B H42    1 
ATOM 469  H H5     . DC A 1 15 ? -4.203  7.868   -5.726  1.00 81.62  ? 19 DC B H5     1 
ATOM 470  H H6     . DC A 1 15 ? -6.378  7.757   -5.071  1.00 87.59  ? 19 DC B H6     1 
ATOM 471  P P      . DA A 1 16 ? -11.439 9.676   -2.604  1.00 130.84 ? 20 DA B P      1 
ATOM 472  O OP1    . DA A 1 16 ? -11.067 8.618   -1.645  1.00 128.60 ? 20 DA B OP1    1 
ATOM 473  O OP2    . DA A 1 16 ? -12.869 9.953   -2.862  1.00 133.11 ? 20 DA B OP2    1 
ATOM 474  O "O5'"  . DA A 1 16 ? -10.786 11.036  -2.087  1.00 101.59 ? 20 DA B "O5'"  1 
ATOM 475  C "C5'"  . DA A 1 16 ? -11.305 11.637  -0.914  1.00 108.79 ? 20 DA B "C5'"  1 
ATOM 476  C "C4'"  . DA A 1 16 ? -10.215 12.311  -0.101  1.00 102.66 ? 20 DA B "C4'"  1 
ATOM 477  O "O4'"  . DA A 1 16 ? -8.919  11.888  -0.574  1.00 100.33 ? 20 DA B "O4'"  1 
ATOM 478  C "C3'"  . DA A 1 16 ? -10.224 13.835  -0.168  1.00 99.28  ? 20 DA B "C3'"  1 
ATOM 479  O "O3'"  . DA A 1 16 ? -10.537 14.365  1.106   1.00 98.60  ? 20 DA B "O3'"  1 
ATOM 480  C "C2'"  . DA A 1 16 ? -8.815  14.225  -0.646  1.00 100.13 ? 20 DA B "C2'"  1 
ATOM 481  C "C1'"  . DA A 1 16 ? -8.004  12.953  -0.462  1.00 96.03  ? 20 DA B "C1'"  1 
ATOM 482  N N9     . DA A 1 16 ? -6.964  12.740  -1.463  1.00 77.07  ? 20 DA B N9     1 
ATOM 483  C C8     . DA A 1 16 ? -7.141  12.233  -2.711  1.00 89.11  ? 20 DA B C8     1 
ATOM 484  N N7     . DA A 1 16 ? -6.035  12.112  -3.400  1.00 79.48  ? 20 DA B N7     1 
ATOM 485  C C5     . DA A 1 16 ? -5.058  12.567  -2.539  1.00 66.81  ? 20 DA B C5     1 
ATOM 486  C C6     . DA A 1 16 ? -3.668  12.695  -2.680  1.00 68.73  ? 20 DA B C6     1 
ATOM 487  N N6     . DA A 1 16 ? -3.014  12.356  -3.793  1.00 68.48  ? 20 DA B N6     1 
ATOM 488  N N1     . DA A 1 16 ? -2.975  13.183  -1.633  1.00 73.61  ? 20 DA B N1     1 
ATOM 489  C C2     . DA A 1 16 ? -3.642  13.520  -0.520  1.00 83.73  ? 20 DA B C2     1 
ATOM 490  N N3     . DA A 1 16 ? -4.951  13.445  -0.270  1.00 82.69  ? 20 DA B N3     1 
ATOM 491  C C4     . DA A 1 16 ? -5.608  12.956  -1.333  1.00 68.53  ? 20 DA B C4     1 
ATOM 492  H "H5'"  . DA A 1 16 ? -11.730 10.955  -0.370  1.00 130.64 ? 20 DA B "H5'"  1 
ATOM 493  H "H5''" . DA A 1 16 ? -11.968 12.300  -1.165  1.00 130.64 ? 20 DA B "H5''" 1 
ATOM 494  H "H4'"  . DA A 1 16 ? -10.310 12.041  0.826   1.00 123.29 ? 20 DA B "H4'"  1 
ATOM 495  H "H3'"  . DA A 1 16 ? -10.883 14.130  -0.817  1.00 119.23 ? 20 DA B "H3'"  1 
ATOM 496  H "H2'"  . DA A 1 16 ? -8.832  14.486  -1.581  1.00 120.25 ? 20 DA B "H2'"  1 
ATOM 497  H "H2''" . DA A 1 16 ? -8.456  14.940  -0.099  1.00 120.25 ? 20 DA B "H2''" 1 
ATOM 498  H "H1'"  . DA A 1 16 ? -7.609  12.947  0.424   1.00 115.33 ? 20 DA B "H1'"  1 
ATOM 499  H H8     . DA A 1 16 ? -7.973  11.990  -3.046  1.00 107.02 ? 20 DA B H8     1 
ATOM 500  H H61    . DA A 1 16 ? -2.162  12.465  -3.842  1.00 82.27  ? 20 DA B H61    1 
ATOM 501  H H62    . DA A 1 16 ? -3.444  12.030  -4.462  1.00 82.27  ? 20 DA B H62    1 
ATOM 502  H H2     . DA A 1 16 ? -3.120  13.855  0.174   1.00 100.57 ? 20 DA B H2     1 
ATOM 503  P P      . DT A 1 17 ? -11.001 15.891  1.257   1.00 126.88 ? 21 DT B P      1 
ATOM 504  O OP1    . DT A 1 17 ? -11.720 16.010  2.545   1.00 114.18 ? 21 DT B OP1    1 
ATOM 505  O OP2    . DT A 1 17 ? -11.675 16.288  -0.001  1.00 126.82 ? 21 DT B OP2    1 
ATOM 506  O "O5'"  . DT A 1 17 ? -9.617  16.678  1.358   1.00 86.20  ? 21 DT B "O5'"  1 
ATOM 507  C "C5'"  . DT A 1 17 ? -8.628  16.233  2.272   1.00 94.08  ? 21 DT B "C5'"  1 
ATOM 508  C "C4'"  . DT A 1 17 ? -7.345  17.022  2.111   1.00 101.70 ? 21 DT B "C4'"  1 
ATOM 509  O "O4'"  . DT A 1 17 ? -6.520  16.425  1.073   1.00 84.80  ? 21 DT B "O4'"  1 
ATOM 510  C "C3'"  . DT A 1 17 ? -7.543  18.487  1.711   1.00 99.04  ? 21 DT B "C3'"  1 
ATOM 511  O "O3'"  . DT A 1 17 ? -6.900  19.329  2.662   1.00 98.71  ? 21 DT B "O3'"  1 
ATOM 512  C "C2'"  . DT A 1 17 ? -6.928  18.571  0.305   1.00 88.75  ? 21 DT B "C2'"  1 
ATOM 513  C "C1'"  . DT A 1 17 ? -5.904  17.451  0.333   1.00 86.41  ? 21 DT B "C1'"  1 
ATOM 514  N N1     . DT A 1 17 ? -5.505  16.902  -1.018  1.00 77.16  ? 21 DT B N1     1 
ATOM 515  C C2     . DT A 1 17 ? -4.169  16.868  -1.369  1.00 85.72  ? 21 DT B C2     1 
ATOM 516  O O2     . DT A 1 17 ? -3.277  17.286  -0.652  1.00 99.81  ? 21 DT B O2     1 
ATOM 517  N N3     . DT A 1 17 ? -3.912  16.331  -2.604  1.00 67.14  ? 21 DT B N3     1 
ATOM 518  C C4     . DT A 1 17 ? -4.834  15.827  -3.501  1.00 80.28  ? 21 DT B C4     1 
ATOM 519  O O4     . DT A 1 17 ? -4.506  15.365  -4.589  1.00 77.61  ? 21 DT B O4     1 
ATOM 520  C C5     . DT A 1 17 ? -6.210  15.882  -3.070  1.00 80.75  ? 21 DT B C5     1 
ATOM 521  C C7     . DT A 1 17 ? -7.296  15.366  -3.967  1.00 85.25  ? 21 DT B C7     1 
ATOM 522  C C6     . DT A 1 17 ? -6.478  16.405  -1.863  1.00 79.67  ? 21 DT B C6     1 
ATOM 523  H "H5'"  . DT A 1 17 ? -8.445  15.293  2.112   1.00 113.00 ? 21 DT B "H5'"  1 
ATOM 524  H "H5''" . DT A 1 17 ? -8.957  16.343  3.178   1.00 113.00 ? 21 DT B "H5''" 1 
ATOM 525  H "H4'"  . DT A 1 17 ? -6.858  16.993  2.949   1.00 122.14 ? 21 DT B "H4'"  1 
ATOM 526  H "H3'"  . DT A 1 17 ? -8.490  18.693  1.671   1.00 118.94 ? 21 DT B "H3'"  1 
ATOM 527  H "H2'"  . DT A 1 17 ? -7.600  18.408  -0.375  1.00 106.59 ? 21 DT B "H2'"  1 
ATOM 528  H "H2''" . DT A 1 17 ? -6.496  19.430  0.168   1.00 106.59 ? 21 DT B "H2''" 1 
ATOM 529  H "H1'"  . DT A 1 17 ? -5.111  17.754  0.802   1.00 103.79 ? 21 DT B "H1'"  1 
ATOM 530  H H3     . DT A 1 17 ? -3.088  16.304  -2.846  1.00 80.67  ? 21 DT B H3     1 
ATOM 531  H H71    . DT A 1 17 ? -7.762  14.639  -3.525  1.00 102.39 ? 21 DT B H71    1 
ATOM 532  H H72    . DT A 1 17 ? -7.924  16.081  -4.159  1.00 102.39 ? 21 DT B H72    1 
ATOM 533  H H73    . DT A 1 17 ? -6.908  15.046  -4.795  1.00 102.39 ? 21 DT B H73    1 
ATOM 534  H H6     . DT A 1 17 ? -7.365  16.442  -1.584  1.00 95.70  ? 21 DT B H6     1 
ATOM 535  P P      . DC A 1 18 ? -7.118  20.919  2.648   1.00 108.27 ? 22 DC B P      1 
ATOM 536  O OP1    . DC A 1 18 ? -7.628  21.329  3.975   1.00 123.15 ? 22 DC B OP1    1 
ATOM 537  O OP2    . DC A 1 18 ? -7.875  21.265  1.424   1.00 106.95 ? 22 DC B OP2    1 
ATOM 538  O "O5'"  . DC A 1 18 ? -5.631  21.466  2.484   1.00 89.55  ? 22 DC B "O5'"  1 
ATOM 539  C "C5'"  . DC A 1 18 ? -4.746  20.769  1.636   1.00 80.13  ? 22 DC B "C5'"  1 
ATOM 540  C "C4'"  . DC A 1 18 ? -3.369  21.374  1.663   1.00 87.35  ? 22 DC B "C4'"  1 
ATOM 541  O "O4'"  . DC A 1 18 ? -2.559  20.759  0.630   1.00 97.76  ? 22 DC B "O4'"  1 
ATOM 542  C "C3'"  . DC A 1 18 ? -3.327  22.859  1.375   1.00 98.94  ? 22 DC B "C3'"  1 
ATOM 543  O "O3'"  . DC A 1 18 ? -2.237  23.460  2.050   1.00 101.56 ? 22 DC B "O3'"  1 
ATOM 544  C "C2'"  . DC A 1 18 ? -3.195  22.916  -0.148  1.00 95.86  ? 22 DC B "C2'"  1 
ATOM 545  C "C1'"  . DC A 1 18 ? -2.473  21.609  -0.502  1.00 96.37  ? 22 DC B "C1'"  1 
ATOM 546  N N1     . DC A 1 18 ? -3.050  20.877  -1.699  1.00 78.92  ? 22 DC B N1     1 
ATOM 547  C C2     . DC A 1 18 ? -2.189  20.369  -2.681  1.00 76.78  ? 22 DC B C2     1 
ATOM 548  O O2     . DC A 1 18 ? -0.971  20.535  -2.553  1.00 84.07  ? 22 DC B O2     1 
ATOM 549  N N3     . DC A 1 18 ? -2.718  19.713  -3.744  1.00 64.70  ? 22 DC B N3     1 
ATOM 550  C C4     . DC A 1 18 ? -4.039  19.554  -3.844  1.00 76.71  ? 22 DC B C4     1 
ATOM 551  N N4     . DC A 1 18 ? -4.517  18.899  -4.909  1.00 68.31  ? 22 DC B N4     1 
ATOM 552  C C5     . DC A 1 18 ? -4.930  20.061  -2.856  1.00 70.94  ? 22 DC B C5     1 
ATOM 553  C C6     . DC A 1 18 ? -4.401  20.706  -1.813  1.00 72.98  ? 22 DC B C6     1 
ATOM 554  H "H5'"  . DC A 1 18 ? -5.087  20.796  0.729   1.00 96.26  ? 22 DC B "H5'"  1 
ATOM 555  H "H5''" . DC A 1 18 ? -4.692  19.845  1.926   1.00 96.26  ? 22 DC B "H5''" 1 
ATOM 556  H "H4'"  . DC A 1 18 ? -2.963  21.206  2.527   1.00 104.91 ? 22 DC B "H4'"  1 
ATOM 557  H "H3'"  . DC A 1 18 ? -4.160  23.273  1.650   1.00 118.82 ? 22 DC B "H3'"  1 
ATOM 558  H "H2'"  . DC A 1 18 ? -4.071  22.944  -0.564  1.00 115.12 ? 22 DC B "H2'"  1 
ATOM 559  H "H2''" . DC A 1 18 ? -2.663  23.681  -0.415  1.00 115.12 ? 22 DC B "H2''" 1 
ATOM 560  H "H1'"  . DC A 1 18 ? -1.539  21.806  -0.676  1.00 115.73 ? 22 DC B "H1'"  1 
ATOM 561  H H41    . DC A 1 18 ? -5.364  18.776  -4.994  1.00 82.07  ? 22 DC B H41    1 
ATOM 562  H H42    . DC A 1 18 ? -3.977  18.602  -5.509  1.00 82.07  ? 22 DC B H42    1 
ATOM 563  H H5     . DC A 1 18 ? -5.850  19.945  -2.933  1.00 85.22  ? 22 DC B H5     1 
ATOM 564  H H6     . DC A 1 18 ? -4.960  21.046  -1.153  1.00 87.67  ? 22 DC B H6     1 
ATOM 565  P P      . DG A 1 19 ? -1.911  25.015  1.836   1.00 113.08 ? 23 DG B P      1 
ATOM 566  O OP1    . DG A 1 19 ? -1.256  25.516  3.066   1.00 123.26 ? 23 DG B OP1    1 
ATOM 567  O OP2    . DG A 1 19 ? -3.146  25.665  1.338   1.00 91.26  ? 23 DG B OP2    1 
ATOM 568  O "O5'"  . DG A 1 19 ? -0.840  24.999  0.655   1.00 88.62  ? 23 DG B "O5'"  1 
ATOM 569  C "C5'"  . DG A 1 19 ? 0.197   24.030  0.660   1.00 87.72  ? 23 DG B "C5'"  1 
ATOM 570  C "C4'"  . DG A 1 19 ? 1.138   24.248  -0.505  1.00 101.87 ? 23 DG B "C4'"  1 
ATOM 571  O "O4'"  . DG A 1 19 ? 0.664   23.512  -1.674  1.00 113.14 ? 23 DG B "O4'"  1 
ATOM 572  C "C3'"  . DG A 1 19 ? 1.248   25.692  -0.961  1.00 104.06 ? 23 DG B "C3'"  1 
ATOM 573  O "O3'"  . DG A 1 19 ? 2.543   25.947  -1.471  1.00 117.09 ? 23 DG B "O3'"  1 
ATOM 574  C "C2'"  . DG A 1 19 ? 0.175   25.766  -2.034  1.00 85.95  ? 23 DG B "C2'"  1 
ATOM 575  C "C1'"  . DG A 1 19 ? 0.365   24.424  -2.722  1.00 90.35  ? 23 DG B "C1'"  1 
ATOM 576  N N9     . DG A 1 19 ? -0.802  23.931  -3.459  1.00 82.37  ? 23 DG B N9     1 
ATOM 577  C C8     . DG A 1 19 ? -2.124  24.069  -3.112  1.00 82.68  ? 23 DG B C8     1 
ATOM 578  N N7     . DG A 1 19 ? -2.946  23.511  -3.959  1.00 72.92  ? 23 DG B N7     1 
ATOM 579  C C5     . DG A 1 19 ? -2.117  22.959  -4.927  1.00 68.11  ? 23 DG B C5     1 
ATOM 580  C C6     . DG A 1 19 ? -2.440  22.227  -6.095  1.00 79.46  ? 23 DG B C6     1 
ATOM 581  O O6     . DG A 1 19 ? -3.561  21.911  -6.516  1.00 79.59  ? 23 DG B O6     1 
ATOM 582  N N1     . DG A 1 19 ? -1.300  21.849  -6.803  1.00 73.70  ? 23 DG B N1     1 
ATOM 583  C C2     . DG A 1 19 ? -0.010  22.144  -6.429  1.00 80.56  ? 23 DG B C2     1 
ATOM 584  N N2     . DG A 1 19 ? 0.965   21.698  -7.239  1.00 80.96  ? 23 DG B N2     1 
ATOM 585  N N3     . DG A 1 19 ? 0.307   22.831  -5.335  1.00 73.34  ? 23 DG B N3     1 
ATOM 586  C C4     . DG A 1 19 ? -0.793  23.205  -4.635  1.00 72.48  ? 23 DG B C4     1 
ATOM 587  H "H5'"  . DG A 1 19 ? -0.192  23.145  0.596   1.00 105.36 ? 23 DG B "H5'"  1 
ATOM 588  H "H5''" . DG A 1 19 ? 0.695   24.100  1.490   1.00 105.36 ? 23 DG B "H5''" 1 
ATOM 589  H "H4'"  . DG A 1 19 ? 2.021   23.925  -0.264  1.00 122.34 ? 23 DG B "H4'"  1 
ATOM 590  H "H3'"  . DG A 1 19 ? 1.042   26.297  -0.231  1.00 124.97 ? 23 DG B "H3'"  1 
ATOM 591  H "H2'"  . DG A 1 19 ? -0.709  25.832  -1.639  1.00 103.23 ? 23 DG B "H2'"  1 
ATOM 592  H "H2''" . DG A 1 19 ? 0.345   26.498  -2.646  1.00 103.23 ? 23 DG B "H2''" 1 
ATOM 593  H "H1'"  . DG A 1 19 ? 1.124   24.477  -3.324  1.00 108.52 ? 23 DG B "H1'"  1 
ATOM 594  H H8     . DG A 1 19 ? -2.406  24.520  -2.350  1.00 99.31  ? 23 DG B H8     1 
ATOM 595  H H1     . DG A 1 19 ? -1.412  21.401  -7.528  1.00 88.53  ? 23 DG B H1     1 
ATOM 596  H H21    . DG A 1 19 ? 1.788   21.855  -7.047  1.00 97.25  ? 23 DG B H21    1 
ATOM 597  H H22    . DG A 1 19 ? 0.766   21.256  -7.950  1.00 97.25  ? 23 DG B H22    1 
ATOM 598  P P      . DG A 1 20 ? 3.139   27.436  -1.490  1.00 116.77 ? 24 DG B P      1 
ATOM 599  O OP1    . DG A 1 20 ? 4.003   27.583  -0.298  1.00 117.63 ? 24 DG B OP1    1 
ATOM 600  O OP2    . DG A 1 20 ? 2.017   28.375  -1.714  1.00 114.68 ? 24 DG B OP2    1 
ATOM 601  O "O5'"  . DG A 1 20 ? 4.059   27.444  -2.797  1.00 114.34 ? 24 DG B "O5'"  1 
ATOM 602  C "C5'"  . DG A 1 20 ? 4.903   26.331  -3.070  1.00 108.72 ? 24 DG B "C5'"  1 
ATOM 603  C "C4'"  . DG A 1 20 ? 4.952   26.036  -4.559  1.00 118.52 ? 24 DG B "C4'"  1 
ATOM 604  O "O4'"  . DG A 1 20 ? 3.647   25.577  -5.017  1.00 114.09 ? 24 DG B "O4'"  1 
ATOM 605  C "C3'"  . DG A 1 20 ? 5.297   27.232  -5.439  1.00 112.27 ? 24 DG B "C3'"  1 
ATOM 606  O "O3'"  . DG A 1 20 ? 6.125   26.814  -6.511  1.00 101.97 ? 24 DG B "O3'"  1 
ATOM 607  C "C2'"  . DG A 1 20 ? 3.929   27.717  -5.909  1.00 105.03 ? 24 DG B "C2'"  1 
ATOM 608  C "C1'"  . DG A 1 20 ? 3.187   26.405  -6.074  1.00 97.66  ? 24 DG B "C1'"  1 
ATOM 609  N N9     . DG A 1 20 ? 1.731   26.488  -5.982  1.00 93.90  ? 24 DG B N9     1 
ATOM 610  C C8     . DG A 1 20 ? 0.992   27.113  -5.008  1.00 91.02  ? 24 DG B C8     1 
ATOM 611  N N7     . DG A 1 20 ? -0.298  26.982  -5.170  1.00 75.84  ? 24 DG B N7     1 
ATOM 612  C C5     . DG A 1 20 ? -0.420  26.214  -6.321  1.00 77.52  ? 24 DG B C5     1 
ATOM 613  C C6     . DG A 1 20 ? -1.577  25.747  -6.993  1.00 77.36  ? 24 DG B C6     1 
ATOM 614  O O6     . DG A 1 20 ? -2.768  25.925  -6.699  1.00 75.77  ? 24 DG B O6     1 
ATOM 615  N N1     . DG A 1 20 ? -1.248  25.000  -8.121  1.00 73.64  ? 24 DG B N1     1 
ATOM 616  C C2     . DG A 1 20 ? 0.032   24.737  -8.545  1.00 78.74  ? 24 DG B C2     1 
ATOM 617  N N2     . DG A 1 20 ? 0.157   23.997  -9.656  1.00 78.59  ? 24 DG B N2     1 
ATOM 618  N N3     . DG A 1 20 ? 1.121   25.167  -7.925  1.00 84.79  ? 24 DG B N3     1 
ATOM 619  C C4     . DG A 1 20 ? 0.821   25.896  -6.826  1.00 82.10  ? 24 DG B C4     1 
ATOM 620  H "H5'"  . DG A 1 20 ? 4.564   25.552  -2.604  1.00 130.56 ? 24 DG B "H5'"  1 
ATOM 621  H "H5''" . DG A 1 20 ? 5.799   26.527  -2.755  1.00 130.56 ? 24 DG B "H5''" 1 
ATOM 622  H "H4'"  . DG A 1 20 ? 5.603   25.335  -4.716  1.00 142.32 ? 24 DG B "H4'"  1 
ATOM 623  H "H3'"  . DG A 1 20 ? 5.739   27.919  -4.917  1.00 134.81 ? 24 DG B "H3'"  1 
ATOM 624  H "H2'"  . DG A 1 20 ? 3.507   28.271  -5.235  1.00 126.13 ? 24 DG B "H2'"  1 
ATOM 625  H "H2''" . DG A 1 20 ? 3.998   28.185  -6.756  1.00 126.13 ? 24 DG B "H2''" 1 
ATOM 626  H "H1'"  . DG A 1 20 ? 3.431   26.004  -6.923  1.00 117.29 ? 24 DG B "H1'"  1 
ATOM 627  H H8     . DG A 1 20 ? 1.373   27.585  -4.302  1.00 109.32 ? 24 DG B H8     1 
ATOM 628  H H1     . DG A 1 20 ? -1.896  24.680  -8.588  1.00 88.47  ? 24 DG B H1     1 
ATOM 629  H H21    . DG A 1 20 ? 0.938   23.808  -9.961  1.00 94.40  ? 24 DG B H21    1 
ATOM 630  H H22    . DG A 1 20 ? -0.545  23.710  -10.061 1.00 94.40  ? 24 DG B H22    1 
ATOM 631  P P      . DA A 1 21 ? 7.330   27.737  -7.027  1.00 131.98 ? 25 DA B P      1 
ATOM 632  O OP1    . DA A 1 21 ? 8.593   27.121  -6.562  1.00 140.68 ? 25 DA B OP1    1 
ATOM 633  O OP2    . DA A 1 21 ? 7.011   29.139  -6.673  1.00 119.69 ? 25 DA B OP2    1 
ATOM 634  O "O5'"  . DA A 1 21 ? 7.234   27.597  -8.615  1.00 124.52 ? 25 DA B "O5'"  1 
ATOM 635  C "C5'"  . DA A 1 21 ? 5.962   27.676  -9.237  1.00 115.18 ? 25 DA B "C5'"  1 
ATOM 636  C "C4'"  . DA A 1 21 ? 5.854   26.716  -10.407 1.00 108.93 ? 25 DA B "C4'"  1 
ATOM 637  O "O4'"  . DA A 1 21 ? 4.547   26.097  -10.399 1.00 107.05 ? 25 DA B "O4'"  1 
ATOM 638  C "C3'"  . DA A 1 21 ? 5.945   27.364  -11.769 1.00 115.90 ? 25 DA B "C3'"  1 
ATOM 639  O "O3'"  . DA A 1 21 ? 6.321   26.414  -12.764 1.00 107.97 ? 25 DA B "O3'"  1 
ATOM 640  C "C2'"  . DA A 1 21 ? 4.524   27.884  -11.963 1.00 105.30 ? 25 DA B "C2'"  1 
ATOM 641  C "C1'"  . DA A 1 21 ? 3.672   26.831  -11.247 1.00 103.61 ? 25 DA B "C1'"  1 
ATOM 642  N N9     . DA A 1 21 ? 2.595   27.380  -10.421 1.00 93.24  ? 25 DA B N9     1 
ATOM 643  C C8     . DA A 1 21 ? 2.729   28.139  -9.291  1.00 103.11 ? 25 DA B C8     1 
ATOM 644  N N7     . DA A 1 21 ? 1.589   28.472  -8.738  1.00 98.59  ? 25 DA B N7     1 
ATOM 645  C C5     . DA A 1 21 ? 0.639   27.884  -9.554  1.00 80.64  ? 25 DA B C5     1 
ATOM 646  C C6     . DA A 1 21 ? -0.768  27.865  -9.507  1.00 71.14  ? 25 DA B C6     1 
ATOM 647  N N6     . DA A 1 21 ? -1.479  28.480  -8.558  1.00 66.95  ? 25 DA B N6     1 
ATOM 648  N N1     . DA A 1 21 ? -1.416  27.186  -10.474 1.00 68.38  ? 25 DA B N1     1 
ATOM 649  C C2     . DA A 1 21 ? -0.699  26.568  -11.419 1.00 83.47  ? 25 DA B C2     1 
ATOM 650  N N3     . DA A 1 21 ? 0.625   26.518  -11.570 1.00 83.37  ? 25 DA B N3     1 
ATOM 651  C C4     . DA A 1 21 ? 1.240   27.202  -10.594 1.00 75.69  ? 25 DA B C4     1 
ATOM 652  H "H5'"  . DA A 1 21 ? 5.822   28.581  -9.557  1.00 138.31 ? 25 DA B "H5'"  1 
ATOM 653  H "H5''" . DA A 1 21 ? 5.277   27.460  -8.585  1.00 138.31 ? 25 DA B "H5''" 1 
ATOM 654  H "H4'"  . DA A 1 21 ? 6.536   26.032  -10.328 1.00 130.81 ? 25 DA B "H4'"  1 
ATOM 655  H "H3'"  . DA A 1 21 ? 6.574   28.103  -11.749 1.00 139.18 ? 25 DA B "H3'"  1 
ATOM 656  H "HO3'" . DA A 1 21 ? 7.027   26.524  -13.205 1.00 129.65 ? 25 DA B "HO3'" 1 
ATOM 657  H "H2'"  . DA A 1 21 ? 4.416   28.753  -11.546 1.00 126.46 ? 25 DA B "H2'"  1 
ATOM 658  H "H2''" . DA A 1 21 ? 4.300   27.922  -12.907 1.00 126.46 ? 25 DA B "H2''" 1 
ATOM 659  H "H1'"  . DA A 1 21 ? 3.290   26.229  -11.906 1.00 124.42 ? 25 DA B "H1'"  1 
ATOM 660  H H8     . DA A 1 21 ? 3.554   28.398  -8.949  1.00 123.83 ? 25 DA B H8     1 
ATOM 661  H H61    . DA A 1 21 ? -2.337  28.439  -8.569  1.00 80.44  ? 25 DA B H61    1 
ATOM 662  H H62    . DA A 1 21 ? -1.077  28.917  -7.936  1.00 80.44  ? 25 DA B H62    1 
ATOM 663  H H2     . DA A 1 21 ? -1.194  26.115  -12.064 1.00 100.26 ? 25 DA B H2     1 
ATOM 664  P P      . DA B 2 1  ? 1.743   4.619   6.072   1.00 105.13 ? 65 DA A P      1 
ATOM 665  O OP1    . DA B 2 1  ? 3.137   4.462   5.602   1.00 94.12  ? 65 DA A OP1    1 
ATOM 666  O OP2    . DA B 2 1  ? 1.370   4.122   7.415   1.00 104.68 ? 65 DA A OP2    1 
ATOM 667  O "O5'"  . DA B 2 1  ? 1.368   6.172   5.969   1.00 85.51  ? 65 DA A "O5'"  1 
ATOM 668  C "C5'"  . DA B 2 1  ? 0.458   6.763   6.900   1.00 82.47  ? 65 DA A "C5'"  1 
ATOM 669  C "C4'"  . DA B 2 1  ? -0.888  7.036   6.252   1.00 74.46  ? 65 DA A "C4'"  1 
ATOM 670  O "O4'"  . DA B 2 1  ? -0.694  7.801   5.037   1.00 59.64  ? 65 DA A "O4'"  1 
ATOM 671  C "C3'"  . DA B 2 1  ? -1.657  5.799   5.825   1.00 79.59  ? 65 DA A "C3'"  1 
ATOM 672  O "O3'"  . DA B 2 1  ? -2.445  5.303   6.898   1.00 94.47  ? 65 DA A "O3'"  1 
ATOM 673  C "C2'"  . DA B 2 1  ? -2.505  6.303   4.664   1.00 67.78  ? 65 DA A "C2'"  1 
ATOM 674  C "C1'"  . DA B 2 1  ? -1.671  7.442   4.072   1.00 63.39  ? 65 DA A "C1'"  1 
ATOM 675  N N9     . DA B 2 1  ? -0.984  7.092   2.831   1.00 59.73  ? 65 DA A N9     1 
ATOM 676  C C8     . DA B 2 1  ? 0.365   7.095   2.610   1.00 63.70  ? 65 DA A C8     1 
ATOM 677  N N7     . DA B 2 1  ? 0.703   6.744   1.392   1.00 56.07  ? 65 DA A N7     1 
ATOM 678  C C5     . DA B 2 1  ? -0.508  6.493   0.772   1.00 49.04  ? 65 DA A C5     1 
ATOM 679  C C6     . DA B 2 1  ? -0.836  6.079   -0.533  1.00 54.11  ? 65 DA A C6     1 
ATOM 680  N N6     . DA B 2 1  ? 0.077   5.840   -1.478  1.00 67.16  ? 65 DA A N6     1 
ATOM 681  N N1     . DA B 2 1  ? -2.142  5.923   -0.832  1.00 55.23  ? 65 DA A N1     1 
ATOM 682  C C2     . DA B 2 1  ? -3.052  6.167   0.119   1.00 76.86  ? 65 DA A C2     1 
ATOM 683  N N3     . DA B 2 1  ? -2.864  6.559   1.381   1.00 66.11  ? 65 DA A N3     1 
ATOM 684  C C4     . DA B 2 1  ? -1.558  6.705   1.644   1.00 48.80  ? 65 DA A C4     1 
ATOM 685  H "H5'"  . DA B 2 1  ? 0.831   7.598   7.223   1.00 99.05  ? 65 DA A "H5'"  1 
ATOM 686  H "H5''" . DA B 2 1  ? 0.333   6.159   7.648   1.00 99.05  ? 65 DA A "H5''" 1 
ATOM 687  H "H4'"  . DA B 2 1  ? -1.435  7.552   6.865   1.00 89.45  ? 65 DA A "H4'"  1 
ATOM 688  H "H3'"  . DA B 2 1  ? -1.042  5.115   5.517   1.00 95.61  ? 65 DA A "H3'"  1 
ATOM 689  H "H2'"  . DA B 2 1  ? -2.635  5.600   4.007   1.00 81.43  ? 65 DA A "H2'"  1 
ATOM 690  H "H2''" . DA B 2 1  ? -3.358  6.635   4.984   1.00 81.43  ? 65 DA A "H2''" 1 
ATOM 691  H "H1'"  . DA B 2 1  ? -2.248  8.204   3.910   1.00 76.17  ? 65 DA A "H1'"  1 
ATOM 692  H H8     . DA B 2 1  ? 0.986   7.326   3.263   1.00 76.53  ? 65 DA A H8     1 
ATOM 693  H H61    . DA B 2 1  ? -0.170  5.579   -2.259  1.00 80.69  ? 65 DA A H61    1 
ATOM 694  H H62    . DA B 2 1  ? 0.913   5.946   -1.304  1.00 80.69  ? 65 DA A H62    1 
ATOM 695  H H2     . DA B 2 1  ? -3.938  6.044   -0.135  1.00 92.32  ? 65 DA A H2     1 
ATOM 696  P P      . DG B 2 2  ? -2.596  3.721   7.131   1.00 97.92  ? 66 DG A P      1 
ATOM 697  O OP1    . DG B 2 2  ? -3.185  3.519   8.473   1.00 117.04 ? 66 DG A OP1    1 
ATOM 698  O OP2    . DG B 2 2  ? -1.302  3.090   6.791   1.00 94.95  ? 66 DG A OP2    1 
ATOM 699  O "O5'"  . DG B 2 2  ? -3.662  3.276   6.028   1.00 90.43  ? 66 DG A "O5'"  1 
ATOM 700  C "C5'"  . DG B 2 2  ? -4.892  3.976   5.904   1.00 89.15  ? 66 DG A "C5'"  1 
ATOM 701  C "C4'"  . DG B 2 2  ? -5.527  3.704   4.555   1.00 95.18  ? 66 DG A "C4'"  1 
ATOM 702  O "O4'"  . DG B 2 2  ? -4.600  4.085   3.514   1.00 89.98  ? 66 DG A "O4'"  1 
ATOM 703  C "C3'"  . DG B 2 2  ? -5.876  2.237   4.306   1.00 96.92  ? 66 DG A "C3'"  1 
ATOM 704  O "O3'"  . DG B 2 2  ? -7.288  2.045   4.318   1.00 108.61 ? 66 DG A "O3'"  1 
ATOM 705  C "C2'"  . DG B 2 2  ? -5.257  1.903   2.941   1.00 84.52  ? 66 DG A "C2'"  1 
ATOM 706  C "C1'"  . DG B 2 2  ? -4.759  3.238   2.404   1.00 76.73  ? 66 DG A "C1'"  1 
ATOM 707  N N9     . DG B 2 2  ? -3.480  3.146   1.705   1.00 63.86  ? 66 DG A N9     1 
ATOM 708  C C8     . DG B 2 2  ? -2.232  3.379   2.231   1.00 72.94  ? 66 DG A C8     1 
ATOM 709  N N7     . DG B 2 2  ? -1.266  3.218   1.367   1.00 66.35  ? 66 DG A N7     1 
ATOM 710  C C5     . DG B 2 2  ? -1.916  2.853   0.195   1.00 57.20  ? 66 DG A C5     1 
ATOM 711  C C6     . DG B 2 2  ? -1.388  2.547   -1.080  1.00 65.15  ? 66 DG A C6     1 
ATOM 712  O O6     . DG B 2 2  ? -0.200  2.537   -1.440  1.00 66.04  ? 66 DG A O6     1 
ATOM 713  N N1     . DG B 2 2  ? -2.395  2.226   -1.990  1.00 57.75  ? 66 DG A N1     1 
ATOM 714  C C2     . DG B 2 2  ? -3.739  2.206   -1.699  1.00 69.38  ? 66 DG A C2     1 
ATOM 715  N N2     . DG B 2 2  ? -4.561  1.873   -2.706  1.00 71.10  ? 66 DG A N2     1 
ATOM 716  N N3     . DG B 2 2  ? -4.245  2.492   -0.508  1.00 61.23  ? 66 DG A N3     1 
ATOM 717  C C4     . DG B 2 2  ? -3.279  2.805   0.387   1.00 56.03  ? 66 DG A C4     1 
ATOM 718  H "H5'"  . DG B 2 2  ? -4.729  4.928   5.995   1.00 107.08 ? 66 DG A "H5'"  1 
ATOM 719  H "H5''" . DG B 2 2  ? -5.497  3.688   6.607   1.00 107.08 ? 66 DG A "H5''" 1 
ATOM 720  H "H4'"  . DG B 2 2  ? -6.332  4.238   4.471   1.00 114.31 ? 66 DG A "H4'"  1 
ATOM 721  H "H3'"  . DG B 2 2  ? -5.467  1.685   4.991   1.00 116.39 ? 66 DG A "H3'"  1 
ATOM 722  H "H2'"  . DG B 2 2  ? -4.518  1.285   3.048   1.00 101.52 ? 66 DG A "H2'"  1 
ATOM 723  H "H2''" . DG B 2 2  ? -5.929  1.530   2.348   1.00 101.52 ? 66 DG A "H2''" 1 
ATOM 724  H "H1'"  . DG B 2 2  ? -5.426  3.614   1.808   1.00 92.17  ? 66 DG A "H1'"  1 
ATOM 725  H H8     . DG B 2 2  ? -2.088  3.631   3.115   1.00 87.62  ? 66 DG A H8     1 
ATOM 726  H H1     . DG B 2 2  ? -2.157  2.026   -2.793  1.00 69.40  ? 66 DG A H1     1 
ATOM 727  H H21    . DG B 2 2  ? -5.410  1.841   -2.576  1.00 85.42  ? 66 DG A H21    1 
ATOM 728  H H22    . DG B 2 2  ? -4.238  1.689   -3.482  1.00 85.42  ? 66 DG A H22    1 
ATOM 729  P P      . DC B 2 3  ? -7.898  0.580   4.569   1.00 135.58 ? 67 DC A P      1 
ATOM 730  O OP1    . DC B 2 3  ? -9.347  0.737   4.832   1.00 124.19 ? 67 DC A OP1    1 
ATOM 731  O OP2    . DC B 2 3  ? -7.039  -0.105  5.562   1.00 99.91  ? 67 DC A OP2    1 
ATOM 732  O "O5'"  . DC B 2 3  ? -7.701  -0.163  3.167   1.00 104.86 ? 67 DC A "O5'"  1 
ATOM 733  C "C5'"  . DC B 2 3  ? -8.358  0.324   2.003   1.00 101.33 ? 67 DC A "C5'"  1 
ATOM 734  C "C4'"  . DC B 2 3  ? -7.894  -0.420  0.762   1.00 110.25 ? 67 DC A "C4'"  1 
ATOM 735  O "O4'"  . DC B 2 3  ? -6.552  -0.011  0.426   1.00 98.29  ? 67 DC A "O4'"  1 
ATOM 736  C "C3'"  . DC B 2 3  ? -7.837  -1.941  0.909   1.00 112.52 ? 67 DC A "C3'"  1 
ATOM 737  O "O3'"  . DC B 2 3  ? -8.937  -2.547  0.239   1.00 118.18 ? 67 DC A "O3'"  1 
ATOM 738  C "C2'"  . DC B 2 3  ? -6.486  -2.348  0.298   1.00 100.85 ? 67 DC A "C2'"  1 
ATOM 739  C "C1'"  . DC B 2 3  ? -5.932  -1.052  -0.285  1.00 86.35  ? 67 DC A "C1'"  1 
ATOM 740  N N1     . DC B 2 3  ? -4.452  -0.903  -0.150  1.00 60.95  ? 67 DC A N1     1 
ATOM 741  C C2     . DC B 2 3  ? -3.621  -1.160  -1.247  1.00 67.86  ? 67 DC A C2     1 
ATOM 742  O O2     . DC B 2 3  ? -4.126  -1.520  -2.320  1.00 69.98  ? 67 DC A O2     1 
ATOM 743  N N3     . DC B 2 3  ? -2.280  -1.011  -1.104  1.00 62.26  ? 67 DC A N3     1 
ATOM 744  C C4     . DC B 2 3  ? -1.773  -0.621  0.066   1.00 68.08  ? 67 DC A C4     1 
ATOM 745  N N4     . DC B 2 3  ? -0.445  -0.488  0.161   1.00 68.24  ? 67 DC A N4     1 
ATOM 746  C C5     . DC B 2 3  ? -2.604  -0.352  1.193   1.00 63.30  ? 67 DC A C5     1 
ATOM 747  C C6     . DC B 2 3  ? -3.924  -0.503  1.040   1.00 67.42  ? 67 DC A C6     1 
ATOM 748  H "H5'"  . DC B 2 3  ? -8.164  1.269   1.899   1.00 121.68 ? 67 DC A "H5'"  1 
ATOM 749  H "H5''" . DC B 2 3  ? -9.315  0.206   2.105   1.00 121.68 ? 67 DC A "H5''" 1 
ATOM 750  H "H4'"  . DC B 2 3  ? -8.484  -0.198  0.024   1.00 132.40 ? 67 DC A "H4'"  1 
ATOM 751  H "H3'"  . DC B 2 3  ? -7.855  -2.180  1.850   1.00 135.12 ? 67 DC A "H3'"  1 
ATOM 752  H "H2'"  . DC B 2 3  ? -5.893  -2.692  0.983   1.00 121.12 ? 67 DC A "H2'"  1 
ATOM 753  H "H2''" . DC B 2 3  ? -6.615  -3.005  -0.403  1.00 121.12 ? 67 DC A "H2''" 1 
ATOM 754  H "H1'"  . DC B 2 3  ? -6.177  -0.990  -1.221  1.00 103.71 ? 67 DC A "H1'"  1 
ATOM 755  H H41    . DC B 2 3  ? -0.088  -0.255  0.909   1.00 81.98  ? 67 DC A H41    1 
ATOM 756  H H42    . DC B 2 3  ? 0.052   -0.635  -0.525  1.00 81.98  ? 67 DC A H42    1 
ATOM 757  H H5     . DC B 2 3  ? -2.241  -0.081  2.005   1.00 76.06  ? 67 DC A H5     1 
ATOM 758  H H6     . DC B 2 3  ? -4.489  -0.333  1.758   1.00 80.99  ? 67 DC A H6     1 
ATOM 759  P P      . DA B 2 4  ? -9.263  -4.106  0.457   1.00 136.88 ? 68 DA A P      1 
ATOM 760  O OP1    . DA B 2 4  ? -10.702 -4.304  0.176   1.00 140.76 ? 68 DA A OP1    1 
ATOM 761  O OP2    . DA B 2 4  ? -8.704  -4.508  1.768   1.00 113.00 ? 68 DA A OP2    1 
ATOM 762  O "O5'"  . DA B 2 4  ? -8.409  -4.837  -0.679  1.00 113.39 ? 68 DA A "O5'"  1 
ATOM 763  C "C5'"  . DA B 2 4  ? -8.603  -4.493  -2.047  1.00 105.40 ? 68 DA A "C5'"  1 
ATOM 764  C "C4'"  . DA B 2 4  ? -7.479  -5.045  -2.904  1.00 102.59 ? 68 DA A "C4'"  1 
ATOM 765  O "O4'"  . DA B 2 4  ? -6.241  -4.405  -2.530  1.00 98.39  ? 68 DA A "O4'"  1 
ATOM 766  C "C3'"  . DA B 2 4  ? -7.246  -6.549  -2.757  1.00 108.18 ? 68 DA A "C3'"  1 
ATOM 767  O "O3'"  . DA B 2 4  ? -7.614  -7.226  -3.951  1.00 118.85 ? 68 DA A "O3'"  1 
ATOM 768  C "C2'"  . DA B 2 4  ? -5.750  -6.698  -2.441  1.00 105.45 ? 68 DA A "C2'"  1 
ATOM 769  C "C1'"  . DA B 2 4  ? -5.176  -5.309  -2.682  1.00 90.17  ? 68 DA A "C1'"  1 
ATOM 770  N N9     . DA B 2 4  ? -4.121  -4.928  -1.746  1.00 70.42  ? 68 DA A N9     1 
ATOM 771  C C8     . DA B 2 4  ? -4.277  -4.540  -0.444  1.00 79.77  ? 68 DA A C8     1 
ATOM 772  N N7     . DA B 2 4  ? -3.151  -4.236  0.158   1.00 70.08  ? 68 DA A N7     1 
ATOM 773  C C5     . DA B 2 4  ? -2.190  -4.436  -0.818  1.00 63.01  ? 68 DA A C5     1 
ATOM 774  C C6     . DA B 2 4  ? -0.791  -4.285  -0.814  1.00 64.64  ? 68 DA A C6     1 
ATOM 775  N N6     . DA B 2 4  ? -0.100  -3.884  0.256   1.00 67.76  ? 68 DA A N6     1 
ATOM 776  N N1     . DA B 2 4  ? -0.129  -4.563  -1.956  1.00 59.17  ? 68 DA A N1     1 
ATOM 777  C C2     . DA B 2 4  ? -0.828  -4.964  -3.023  1.00 71.23  ? 68 DA A C2     1 
ATOM 778  N N3     . DA B 2 4  ? -2.143  -5.143  -3.147  1.00 70.40  ? 68 DA A N3     1 
ATOM 779  C C4     . DA B 2 4  ? -2.772  -4.858  -1.998  1.00 60.46  ? 68 DA A C4     1 
ATOM 780  H "H5'"  . DA B 2 4  ? -8.625  -3.527  -2.133  1.00 126.58 ? 68 DA A "H5'"  1 
ATOM 781  H "H5''" . DA B 2 4  ? -9.446  -4.862  -2.352  1.00 126.58 ? 68 DA A "H5''" 1 
ATOM 782  H "H4'"  . DA B 2 4  ? -7.667  -4.845  -3.834  1.00 123.21 ? 68 DA A "H4'"  1 
ATOM 783  H "H3'"  . DA B 2 4  ? -7.771  -6.889  -2.016  1.00 129.92 ? 68 DA A "H3'"  1 
ATOM 784  H "H2'"  . DA B 2 4  ? -5.623  -6.962  -1.517  1.00 126.63 ? 68 DA A "H2'"  1 
ATOM 785  H "H2''" . DA B 2 4  ? -5.340  -7.343  -3.039  1.00 126.63 ? 68 DA A "H2''" 1 
ATOM 786  H "H1'"  . DA B 2 4  ? -4.836  -5.254  -3.588  1.00 108.30 ? 68 DA A "H1'"  1 
ATOM 787  H H8     . DA B 2 4  ? -5.105  -4.498  -0.023  1.00 95.82  ? 68 DA A H8     1 
ATOM 788  H H61    . DA B 2 4  ? 0.757   -3.817  0.215   1.00 81.41  ? 68 DA A H61    1 
ATOM 789  H H62    . DA B 2 4  ? -0.510  -3.691  0.987   1.00 81.41  ? 68 DA A H62    1 
ATOM 790  H H2     . DA B 2 4  ? -0.327  -5.145  -3.785  1.00 85.57  ? 68 DA A H2     1 
ATOM 791  P P      . DT B 2 5  ? -7.715  -8.829  -3.972  1.00 136.26 ? 69 DT A P      1 
ATOM 792  O OP1    . DT B 2 5  ? -8.640  -9.201  -5.066  1.00 130.74 ? 69 DT A OP1    1 
ATOM 793  O OP2    . DT B 2 5  ? -7.992  -9.281  -2.589  1.00 131.02 ? 69 DT A OP2    1 
ATOM 794  O "O5'"  . DT B 2 5  ? -6.236  -9.296  -4.362  1.00 108.80 ? 69 DT A "O5'"  1 
ATOM 795  C "C5'"  . DT B 2 5  ? -5.658  -8.851  -5.580  1.00 103.98 ? 69 DT A "C5'"  1 
ATOM 796  C "C4'"  . DT B 2 5  ? -4.184  -9.201  -5.648  1.00 104.67 ? 69 DT A "C4'"  1 
ATOM 797  O "O4'"  . DT B 2 5  ? -3.460  -8.466  -4.624  1.00 105.81 ? 69 DT A "O4'"  1 
ATOM 798  C "C3'"  . DT B 2 5  ? -3.856  -10.684 -5.413  1.00 108.41 ? 69 DT A "C3'"  1 
ATOM 799  O "O3'"  . DT B 2 5  ? -3.140  -11.223 -6.526  1.00 107.59 ? 69 DT A "O3'"  1 
ATOM 800  C "C2'"  . DT B 2 5  ? -3.019  -10.679 -4.133  1.00 95.62  ? 69 DT A "C2'"  1 
ATOM 801  C "C1'"  . DT B 2 5  ? -2.422  -9.287  -4.151  1.00 90.89  ? 69 DT A "C1'"  1 
ATOM 802  N N1     . DT B 2 5  ? -1.950  -8.788  -2.818  1.00 72.43  ? 69 DT A N1     1 
ATOM 803  C C2     . DT B 2 5  ? -0.605  -8.559  -2.630  1.00 71.02  ? 69 DT A C2     1 
ATOM 804  O O2     . DT B 2 5  ? 0.230   -8.742  -3.497  1.00 77.15  ? 69 DT A O2     1 
ATOM 805  N N3     . DT B 2 5  ? -0.268  -8.103  -1.384  1.00 63.16  ? 69 DT A N3     1 
ATOM 806  C C4     . DT B 2 5  ? -1.120  -7.858  -0.327  1.00 68.78  ? 69 DT A C4     1 
ATOM 807  O O4     . DT B 2 5  ? -0.718  -7.447  0.758   1.00 69.52  ? 69 DT A O4     1 
ATOM 808  C C5     . DT B 2 5  ? -2.518  -8.118  -0.586  1.00 65.52  ? 69 DT A C5     1 
ATOM 809  C C7     . DT B 2 5  ? -3.539  -7.889  0.491   1.00 60.68  ? 69 DT A C7     1 
ATOM 810  C C6     . DT B 2 5  ? -2.864  -8.566  -1.807  1.00 66.85  ? 69 DT A C6     1 
ATOM 811  H "H5'"  . DT B 2 5  ? -5.761  -7.889  -5.649  1.00 124.87 ? 69 DT A "H5'"  1 
ATOM 812  H "H5''" . DT B 2 5  ? -6.119  -9.273  -6.323  1.00 124.87 ? 69 DT A "H5''" 1 
ATOM 813  H "H4'"  . DT B 2 5  ? -3.842  -8.940  -6.517  1.00 125.70 ? 69 DT A "H4'"  1 
ATOM 814  H "H3'"  . DT B 2 5  ? -4.675  -11.185 -5.270  1.00 130.18 ? 69 DT A "H3'"  1 
ATOM 815  H "H2'"  . DT B 2 5  ? -3.581  -10.803 -3.352  1.00 114.84 ? 69 DT A "H2'"  1 
ATOM 816  H "H2''" . DT B 2 5  ? -2.324  -11.354 -4.172  1.00 114.84 ? 69 DT A "H2''" 1 
ATOM 817  H "H1'"  . DT B 2 5  ? -1.685  -9.264  -4.781  1.00 109.16 ? 69 DT A "H1'"  1 
ATOM 818  H H3     . DT B 2 5  ? 0.567   -7.952  -1.245  1.00 75.89  ? 69 DT A H3     1 
ATOM 819  H H71    . DT B 2 5  ? -4.182  -7.227  0.191   1.00 72.91  ? 69 DT A H71    1 
ATOM 820  H H72    . DT B 2 5  ? -3.997  -8.721  0.684   1.00 72.91  ? 69 DT A H72    1 
ATOM 821  H H73    . DT B 2 5  ? -3.096  -7.570  1.293   1.00 72.91  ? 69 DT A H73    1 
ATOM 822  H H6     . DT B 2 5  ? -3.762  -8.735  -1.978  1.00 80.31  ? 69 DT A H6     1 
ATOM 823  P P      . DG B 2 6  ? -2.791  -12.792 -6.588  1.00 119.83 ? 70 DG A P      1 
ATOM 824  O OP1    . DG B 2 6  ? -3.189  -13.282 -7.926  1.00 103.20 ? 70 DG A OP1    1 
ATOM 825  O OP2    . DG B 2 6  ? -3.347  -13.429 -5.372  1.00 108.28 ? 70 DG A OP2    1 
ATOM 826  O "O5'"  . DG B 2 6  ? -1.193  -12.836 -6.489  1.00 93.39  ? 70 DG A "O5'"  1 
ATOM 827  C "C5'"  . DG B 2 6  ? -0.405  -12.347 -7.566  1.00 82.04  ? 70 DG A "C5'"  1 
ATOM 828  C "C4'"  . DG B 2 6  ? 1.072   -12.615 -7.335  1.00 82.45  ? 70 DG A "C4'"  1 
ATOM 829  O "O4'"  . DG B 2 6  ? 1.510   -11.928 -6.130  1.00 104.07 ? 70 DG A "O4'"  1 
ATOM 830  C "C3'"  . DG B 2 6  ? 1.439   -14.074 -7.122  1.00 78.28  ? 70 DG A "C3'"  1 
ATOM 831  O "O3'"  . DG B 2 6  ? 2.742   -14.331 -7.635  1.00 69.92  ? 70 DG A "O3'"  1 
ATOM 832  C "C2'"  . DG B 2 6  ? 1.360   -14.223 -5.605  1.00 83.75  ? 70 DG A "C2'"  1 
ATOM 833  C "C1'"  . DG B 2 6  ? 1.860   -12.868 -5.122  1.00 89.46  ? 70 DG A "C1'"  1 
ATOM 834  N N9     . DG B 2 6  ? 1.277   -12.405 -3.862  1.00 77.29  ? 70 DG A N9     1 
ATOM 835  C C8     . DG B 2 6  ? -0.043  -12.453 -3.491  1.00 83.40  ? 70 DG A C8     1 
ATOM 836  N N7     . DG B 2 6  ? -0.273  -11.933 -2.315  1.00 75.84  ? 70 DG A N7     1 
ATOM 837  C C5     . DG B 2 6  ? 0.973   -11.500 -1.884  1.00 65.60  ? 70 DG A C5     1 
ATOM 838  C C6     . DG B 2 6  ? 1.350   -10.856 -0.682  1.00 74.55  ? 70 DG A C6     1 
ATOM 839  O O6     . DG B 2 6  ? 0.628   -10.531 0.273   1.00 75.49  ? 70 DG A O6     1 
ATOM 840  N N1     . DG B 2 6  ? 2.718   -10.591 -0.645  1.00 67.70  ? 70 DG A N1     1 
ATOM 841  C C2     . DG B 2 6  ? 3.607   -10.907 -1.645  1.00 73.91  ? 70 DG A C2     1 
ATOM 842  N N2     . DG B 2 6  ? 4.888   -10.571 -1.430  1.00 77.42  ? 70 DG A N2     1 
ATOM 843  N N3     . DG B 2 6  ? 3.267   -11.511 -2.776  1.00 67.80  ? 70 DG A N3     1 
ATOM 844  C C4     . DG B 2 6  ? 1.938   -11.776 -2.827  1.00 73.54  ? 70 DG A C4     1 
ATOM 845  H "H5'"  . DG B 2 6  ? -0.544  -11.391 -7.653  1.00 98.54  ? 70 DG A "H5'"  1 
ATOM 846  H "H5''" . DG B 2 6  ? -0.682  -12.784 -8.387  1.00 98.54  ? 70 DG A "H5''" 1 
ATOM 847  H "H4'"  . DG B 2 6  ? 1.574   -12.273 -8.090  1.00 99.04  ? 70 DG A "H4'"  1 
ATOM 848  H "H3'"  . DG B 2 6  ? 0.787   -14.650 -7.550  1.00 94.04  ? 70 DG A "H3'"  1 
ATOM 849  H "H2'"  . DG B 2 6  ? 0.446   -14.376 -5.321  1.00 100.59 ? 70 DG A "H2'"  1 
ATOM 850  H "H2''" . DG B 2 6  ? 1.945   -14.935 -5.299  1.00 100.59 ? 70 DG A "H2''" 1 
ATOM 851  H "H1'"  . DG B 2 6  ? 2.825   -12.896 -5.035  1.00 107.45 ? 70 DG A "H1'"  1 
ATOM 852  H H8     . DG B 2 6  ? -0.709  -12.826 -4.022  1.00 100.17 ? 70 DG A H8     1 
ATOM 853  H H1     . DG B 2 6  ? 3.028   -10.199 0.055   1.00 81.33  ? 70 DG A H1     1 
ATOM 854  H H21    . DG B 2 6  ? 5.485   -10.751 -2.023  1.00 93.00  ? 70 DG A H21    1 
ATOM 855  H H22    . DG B 2 6  ? 5.113   -10.176 -0.699  1.00 93.00  ? 70 DG A H22    1 
ATOM 856  P P      . DA B 2 7  ? 3.268   -15.838 -7.814  1.00 93.86  ? 71 DA A P      1 
ATOM 857  O OP1    . DA B 2 7  ? 4.166   -15.866 -8.991  1.00 74.19  ? 71 DA A OP1    1 
ATOM 858  O OP2    . DA B 2 7  ? 2.101   -16.744 -7.740  1.00 99.60  ? 71 DA A OP2    1 
ATOM 859  O "O5'"  . DA B 2 7  ? 4.165   -16.079 -6.516  1.00 87.25  ? 71 DA A "O5'"  1 
ATOM 860  C "C5'"  . DA B 2 7  ? 5.511   -15.646 -6.506  1.00 74.44  ? 71 DA A "C5'"  1 
ATOM 861  C "C4'"  . DA B 2 7  ? 6.064   -15.637 -5.097  1.00 70.66  ? 71 DA A "C4'"  1 
ATOM 862  O "O4'"  . DA B 2 7  ? 5.131   -14.954 -4.217  1.00 69.88  ? 71 DA A "O4'"  1 
ATOM 863  C "C3'"  . DA B 2 7  ? 6.285   -17.027 -4.486  1.00 65.74  ? 71 DA A "C3'"  1 
ATOM 864  O "O3'"  . DA B 2 7  ? 7.627   -17.181 -4.074  1.00 64.42  ? 71 DA A "O3'"  1 
ATOM 865  C "C2'"  . DA B 2 7  ? 5.317   -17.077 -3.307  1.00 84.58  ? 71 DA A "C2'"  1 
ATOM 866  C "C1'"  . DA B 2 7  ? 5.127   -15.611 -2.976  1.00 68.59  ? 71 DA A "C1'"  1 
ATOM 867  N N9     . DA B 2 7  ? 3.883   -15.318 -2.272  1.00 75.66  ? 71 DA A N9     1 
ATOM 868  C C8     . DA B 2 7  ? 2.618   -15.687 -2.636  1.00 80.65  ? 71 DA A C8     1 
ATOM 869  N N7     . DA B 2 7  ? 1.689   -15.287 -1.798  1.00 75.17  ? 71 DA A N7     1 
ATOM 870  C C5     . DA B 2 7  ? 2.397   -14.612 -0.816  1.00 74.77  ? 71 DA A C5     1 
ATOM 871  C C6     . DA B 2 7  ? 1.993   -13.949 0.359   1.00 70.03  ? 71 DA A C6     1 
ATOM 872  N N6     . DA B 2 7  ? 0.719   -13.858 0.752   1.00 72.84  ? 71 DA A N6     1 
ATOM 873  N N1     . DA B 2 7  ? 2.954   -13.381 1.118   1.00 65.38  ? 71 DA A N1     1 
ATOM 874  C C2     . DA B 2 7  ? 4.227   -13.473 0.721   1.00 78.43  ? 71 DA A C2     1 
ATOM 875  N N3     . DA B 2 7  ? 4.727   -14.070 -0.360  1.00 71.88  ? 71 DA A N3     1 
ATOM 876  C C4     . DA B 2 7  ? 3.750   -14.625 -1.092  1.00 74.88  ? 71 DA A C4     1 
ATOM 877  H "H5'"  . DA B 2 7  ? 5.562   -14.750 -6.874  1.00 89.42  ? 71 DA A "H5'"  1 
ATOM 878  H "H5''" . DA B 2 7  ? 6.043   -16.246 -7.053  1.00 89.42  ? 71 DA A "H5''" 1 
ATOM 879  H "H4'"  . DA B 2 7  ? 6.907   -15.156 -5.094  1.00 84.88  ? 71 DA A "H4'"  1 
ATOM 880  H "H3'"  . DA B 2 7  ? 6.054   -17.713 -5.133  1.00 78.98  ? 71 DA A "H3'"  1 
ATOM 881  H "HO3'" . DA B 2 7  ? 7.803   -17.336 -3.267  1.00 77.39  ? 71 DA A "HO3'" 1 
ATOM 882  H "H2'"  . DA B 2 7  ? 4.475   -17.482 -3.569  1.00 101.60 ? 71 DA A "H2'"  1 
ATOM 883  H "H2''" . DA B 2 7  ? 5.711   -17.550 -2.557  1.00 101.60 ? 71 DA A "H2''" 1 
ATOM 884  H "H1'"  . DA B 2 7  ? 5.878   -15.301 -2.446  1.00 82.40  ? 71 DA A "H1'"  1 
ATOM 885  H H8     . DA B 2 7  ? 2.432   -16.174 -3.406  1.00 96.88  ? 71 DA A H8     1 
ATOM 886  H H61    . DA B 2 7  ? 0.521   -13.445 1.480   1.00 87.51  ? 71 DA A H61    1 
ATOM 887  H H62    . DA B 2 7  ? 0.096   -14.212 0.276   1.00 87.51  ? 71 DA A H62    1 
ATOM 888  H H2     . DA B 2 7  ? 4.851   -13.067 1.277   1.00 94.21  ? 71 DA A H2     1 
ATOM 889  O "O5'"  . DT C 3 1  ? -9.276  38.867  -7.659  1.00 133.35 ? 56 DT C "O5'"  1 
ATOM 890  C "C5'"  . DT C 3 1  ? -9.156  37.469  -7.439  1.00 113.41 ? 56 DT C "C5'"  1 
ATOM 891  C "C4'"  . DT C 3 1  ? -9.509  36.692  -8.691  1.00 108.11 ? 56 DT C "C4'"  1 
ATOM 892  O "O4'"  . DT C 3 1  ? -8.350  36.650  -9.579  1.00 96.57  ? 56 DT C "O4'"  1 
ATOM 893  C "C3'"  . DT C 3 1  ? -9.907  35.238  -8.445  1.00 105.88 ? 56 DT C "C3'"  1 
ATOM 894  O "O3'"  . DT C 3 1  ? -11.011 34.867  -9.275  1.00 109.05 ? 56 DT C "O3'"  1 
ATOM 895  C "C2'"  . DT C 3 1  ? -8.632  34.477  -8.778  1.00 103.39 ? 56 DT C "C2'"  1 
ATOM 896  C "C1'"  . DT C 3 1  ? -8.043  35.309  -9.901  1.00 86.39  ? 56 DT C "C1'"  1 
ATOM 897  N N1     . DT C 3 1  ? -6.559  35.160  -10.050 1.00 75.60  ? 56 DT C N1     1 
ATOM 898  C C2     . DT C 3 1  ? -6.055  34.535  -11.168 1.00 79.44  ? 56 DT C C2     1 
ATOM 899  O O2     . DT C 3 1  ? -6.755  34.100  -12.065 1.00 88.65  ? 56 DT C O2     1 
ATOM 900  N N3     . DT C 3 1  ? -4.689  34.438  -11.204 1.00 67.12  ? 56 DT C N3     1 
ATOM 901  C C4     . DT C 3 1  ? -3.796  34.889  -10.252 1.00 75.68  ? 56 DT C C4     1 
ATOM 902  O O4     . DT C 3 1  ? -2.581  34.757  -10.376 1.00 68.01  ? 56 DT C O4     1 
ATOM 903  C C5     . DT C 3 1  ? -4.389  35.531  -9.103  1.00 82.18  ? 56 DT C C5     1 
ATOM 904  C C7     . DT C 3 1  ? -3.515  36.062  -8.005  1.00 84.08  ? 56 DT C C7     1 
ATOM 905  C C6     . DT C 3 1  ? -5.728  35.632  -9.056  1.00 81.16  ? 56 DT C C6     1 
ATOM 906  H "H5'"  . DT C 3 1  ? -9.755  37.207  -6.723  1.00 136.19 ? 56 DT C "H5'"  1 
ATOM 907  H "H5''" . DT C 3 1  ? -8.244  37.264  -7.183  1.00 136.19 ? 56 DT C "H5''" 1 
ATOM 908  H "H4'"  . DT C 3 1  ? -10.237 37.144  -9.147  1.00 129.83 ? 56 DT C "H4'"  1 
ATOM 909  H "H3'"  . DT C 3 1  ? -10.135 35.112  -7.510  1.00 127.16 ? 56 DT C "H3'"  1 
ATOM 910  H "H2'"  . DT C 3 1  ? -8.034  34.455  -8.014  1.00 124.17 ? 56 DT C "H2'"  1 
ATOM 911  H "H2''" . DT C 3 1  ? -8.836  33.579  -9.084  1.00 124.17 ? 56 DT C "H2''" 1 
ATOM 912  H "H1'"  . DT C 3 1  ? -8.475  35.073  -10.737 1.00 103.77 ? 56 DT C "H1'"  1 
ATOM 913  H H3     . DT C 3 1  ? -4.351  34.055  -11.895 1.00 80.64  ? 56 DT C H3     1 
ATOM 914  H H71    . DT C 3 1  ? -2.585  35.898  -8.224  1.00 100.99 ? 56 DT C H71    1 
ATOM 915  H H72    . DT C 3 1  ? -3.662  37.016  -7.908  1.00 100.99 ? 56 DT C H72    1 
ATOM 916  H H73    . DT C 3 1  ? -3.735  35.615  -7.172  1.00 100.99 ? 56 DT C H73    1 
ATOM 917  H H6     . DT C 3 1  ? -6.113  36.043  -8.316  1.00 97.49  ? 56 DT C H6     1 
ATOM 918  H "HO5'" . DT C 3 1  ? -9.966  39.274  -7.406  1.00 160.12 ? 56 DT C "HO5'" 1 
ATOM 919  P P      . DG C 3 2  ? -11.883 33.556  -8.945  1.00 110.36 ? 57 DG C P      1 
ATOM 920  O OP1    . DG C 3 2  ? -13.301 33.962  -8.820  1.00 118.70 ? 57 DG C OP1    1 
ATOM 921  O OP2    . DG C 3 2  ? -11.219 32.842  -7.832  1.00 100.14 ? 57 DG C OP2    1 
ATOM 922  O "O5'"  . DG C 3 2  ? -11.737 32.674  -10.268 1.00 94.19  ? 57 DG C "O5'"  1 
ATOM 923  C "C5'"  . DG C 3 2  ? -10.450 32.458  -10.801 1.00 89.69  ? 57 DG C "C5'"  1 
ATOM 924  C "C4'"  . DG C 3 2  ? -10.471 31.462  -11.936 1.00 94.03  ? 57 DG C "C4'"  1 
ATOM 925  O "O4'"  . DG C 3 2  ? -9.121  31.300  -12.432 1.00 88.30  ? 57 DG C "O4'"  1 
ATOM 926  C "C3'"  . DG C 3 2  ? -10.890 30.060  -11.552 1.00 98.55  ? 57 DG C "C3'"  1 
ATOM 927  O "O3'"  . DG C 3 2  ? -11.299 29.318  -12.710 1.00 102.61 ? 57 DG C "O3'"  1 
ATOM 928  C "C2'"  . DG C 3 2  ? -9.606  29.528  -10.928 1.00 94.93  ? 57 DG C "C2'"  1 
ATOM 929  C "C1'"  . DG C 3 2  ? -8.522  30.174  -11.804 1.00 88.21  ? 57 DG C "C1'"  1 
ATOM 930  N N9     . DG C 3 2  ? -7.337  30.620  -11.074 1.00 77.70  ? 57 DG C N9     1 
ATOM 931  C C8     . DG C 3 2  ? -7.292  31.319  -9.892  1.00 77.99  ? 57 DG C C8     1 
ATOM 932  N N7     . DG C 3 2  ? -6.078  31.582  -9.490  1.00 72.11  ? 57 DG C N7     1 
ATOM 933  C C5     . DG C 3 2  ? -5.269  31.024  -10.473 1.00 67.09  ? 57 DG C C5     1 
ATOM 934  C C6     . DG C 3 2  ? -3.860  30.992  -10.585 1.00 64.57  ? 57 DG C C6     1 
ATOM 935  O O6     . DG C 3 2  ? -3.016  31.465  -9.811  1.00 66.74  ? 57 DG C O6     1 
ATOM 936  N N1     . DG C 3 2  ? -3.450  30.325  -11.737 1.00 69.95  ? 57 DG C N1     1 
ATOM 937  C C2     . DG C 3 2  ? -4.297  29.759  -12.660 1.00 72.73  ? 57 DG C C2     1 
ATOM 938  N N2     . DG C 3 2  ? -3.719  29.163  -13.713 1.00 82.11  ? 57 DG C N2     1 
ATOM 939  N N3     . DG C 3 2  ? -5.616  29.787  -12.568 1.00 65.50  ? 57 DG C N3     1 
ATOM 940  C C4     . DG C 3 2  ? -6.030  30.432  -11.453 1.00 66.09  ? 57 DG C C4     1 
ATOM 941  H "H5'"  . DG C 3 2  ? -9.870  32.124  -10.100 1.00 107.72 ? 57 DG C "H5'"  1 
ATOM 942  H "H5''" . DG C 3 2  ? -10.098 33.301  -11.128 1.00 107.72 ? 57 DG C "H5''" 1 
ATOM 943  H "H4'"  . DG C 3 2  ? -11.042 31.790  -12.650 1.00 112.93 ? 57 DG C "H4'"  1 
ATOM 944  H "H3'"  . DG C 3 2  ? -11.602 30.087  -10.894 1.00 118.36 ? 57 DG C "H3'"  1 
ATOM 945  H "H2'"  . DG C 3 2  ? -9.524  29.820  -10.007 1.00 114.01 ? 57 DG C "H2'"  1 
ATOM 946  H "H2''" . DG C 3 2  ? -9.568  28.561  -10.991 1.00 114.01 ? 57 DG C "H2''" 1 
ATOM 947  H "H1'"  . DG C 3 2  ? -8.251  29.541  -12.486 1.00 105.94 ? 57 DG C "H1'"  1 
ATOM 948  H H8     . DG C 3 2  ? -8.052  31.575  -9.420  1.00 93.69  ? 57 DG C H8     1 
ATOM 949  H H1     . DG C 3 2  ? -2.604  30.262  -11.881 1.00 84.04  ? 57 DG C H1     1 
ATOM 950  H H21    . DG C 3 2  ? -4.206  28.813  -14.329 1.00 98.62  ? 57 DG C H21    1 
ATOM 951  H H22    . DG C 3 2  ? -2.862  29.130  -13.772 1.00 98.62  ? 57 DG C H22    1 
ATOM 952  P P      . DT C 3 3  ? -11.949 27.854  -12.564 1.00 113.08 ? 58 DT C P      1 
ATOM 953  O OP1    . DT C 3 3  ? -13.217 27.852  -13.328 1.00 123.32 ? 58 DT C OP1    1 
ATOM 954  O OP2    . DT C 3 3  ? -11.958 27.512  -11.125 1.00 112.92 ? 58 DT C OP2    1 
ATOM 955  O "O5'"  . DT C 3 3  ? -10.915 26.898  -13.330 1.00 87.64  ? 58 DT C "O5'"  1 
ATOM 956  C "C5'"  . DT C 3 3  ? -9.526  27.038  -13.078 1.00 77.48  ? 58 DT C "C5'"  1 
ATOM 957  C "C4'"  . DT C 3 3  ? -8.688  26.242  -14.058 1.00 82.52  ? 58 DT C "C4'"  1 
ATOM 958  O "O4'"  . DT C 3 3  ? -7.294  26.606  -13.892 1.00 92.88  ? 58 DT C "O4'"  1 
ATOM 959  C "C3'"  . DT C 3 3  ? -8.715  24.741  -13.862 1.00 102.78 ? 58 DT C "C3'"  1 
ATOM 960  O "O3'"  . DT C 3 3  ? -8.397  24.075  -15.080 1.00 108.41 ? 58 DT C "O3'"  1 
ATOM 961  C "C2'"  . DT C 3 3  ? -7.654  24.537  -12.785 1.00 88.99  ? 58 DT C "C2'"  1 
ATOM 962  C "C1'"  . DT C 3 3  ? -6.622  25.619  -13.120 1.00 90.87  ? 58 DT C "C1'"  1 
ATOM 963  N N1     . DT C 3 3  ? -6.006  26.293  -11.924 1.00 72.36  ? 58 DT C N1     1 
ATOM 964  C C2     . DT C 3 3  ? -4.644  26.483  -11.891 1.00 78.52  ? 58 DT C C2     1 
ATOM 965  O O2     . DT C 3 3  ? -3.896  26.122  -12.781 1.00 84.40  ? 58 DT C O2     1 
ATOM 966  N N3     . DT C 3 3  ? -4.180  27.115  -10.769 1.00 74.38  ? 58 DT C N3     1 
ATOM 967  C C4     . DT C 3 3  ? -4.926  27.573  -9.699  1.00 75.22  ? 58 DT C C4     1 
ATOM 968  O O4     . DT C 3 3  ? -4.415  28.131  -8.733  1.00 74.59  ? 58 DT C O4     1 
ATOM 969  C C5     . DT C 3 3  ? -6.345  27.348  -9.796  1.00 75.31  ? 58 DT C C5     1 
ATOM 970  C C7     . DT C 3 3  ? -7.254  27.800  -8.691  1.00 72.75  ? 58 DT C C7     1 
ATOM 971  C C6     . DT C 3 3  ? -6.814  26.729  -10.892 1.00 80.03  ? 58 DT C C6     1 
ATOM 972  H "H5'"  . DT C 3 3  ? -9.337  26.729  -12.179 1.00 93.07  ? 58 DT C "H5'"  1 
ATOM 973  H "H5''" . DT C 3 3  ? -9.286  27.975  -13.147 1.00 93.07  ? 58 DT C "H5''" 1 
ATOM 974  H "H4'"  . DT C 3 3  ? -8.968  26.452  -14.962 1.00 99.12  ? 58 DT C "H4'"  1 
ATOM 975  H "H3'"  . DT C 3 3  ? -9.583  24.459  -13.536 1.00 123.43 ? 58 DT C "H3'"  1 
ATOM 976  H "H2'"  . DT C 3 3  ? -8.029  24.681  -11.902 1.00 106.88 ? 58 DT C "H2'"  1 
ATOM 977  H "H2''" . DT C 3 3  ? -7.260  23.653  -12.853 1.00 106.88 ? 58 DT C "H2''" 1 
ATOM 978  H "H1'"  . DT C 3 3  ? -5.917  25.226  -13.657 1.00 109.14 ? 58 DT C "H1'"  1 
ATOM 979  H H3     . DT C 3 3  ? -3.331  27.245  -10.726 1.00 89.36  ? 58 DT C H3     1 
ATOM 980  H H71    . DT C 3 3  ? -7.901  28.431  -9.044  1.00 87.39  ? 58 DT C H71    1 
ATOM 981  H H72    . DT C 3 3  ? -7.718  27.034  -8.320  1.00 87.39  ? 58 DT C H72    1 
ATOM 982  H H73    . DT C 3 3  ? -6.730  28.229  -7.997  1.00 87.39  ? 58 DT C H73    1 
ATOM 983  H H6     . DT C 3 3  ? -7.730  26.580  -10.955 1.00 96.13  ? 58 DT C H6     1 
ATOM 984  P P      . DC C 3 4  ? -8.294  22.474  -15.133 1.00 112.00 ? 59 DC C P      1 
ATOM 985  O OP1    . DC C 3 4  ? -8.492  22.065  -16.541 1.00 112.14 ? 59 DC C OP1    1 
ATOM 986  O OP2    . DC C 3 4  ? -9.174  21.935  -14.071 1.00 104.92 ? 59 DC C OP2    1 
ATOM 987  O "O5'"  . DC C 3 4  ? -6.776  22.176  -14.725 1.00 80.44  ? 59 DC C "O5'"  1 
ATOM 988  C "C5'"  . DC C 3 4  ? -5.716  22.666  -15.536 1.00 94.67  ? 59 DC C "C5'"  1 
ATOM 989  C "C4'"  . DC C 3 4  ? -4.371  22.174  -15.032 1.00 109.76 ? 59 DC C "C4'"  1 
ATOM 990  O "O4'"  . DC C 3 4  ? -4.010  22.890  -13.813 1.00 98.06  ? 59 DC C "O4'"  1 
ATOM 991  C "C3'"  . DC C 3 4  ? -4.325  20.692  -14.658 1.00 103.91 ? 59 DC C "C3'"  1 
ATOM 992  O "O3'"  . DC C 3 4  ? -3.058  20.145  -14.971 1.00 108.41 ? 59 DC C "O3'"  1 
ATOM 993  C "C2'"  . DC C 3 4  ? -4.577  20.728  -13.162 1.00 96.59  ? 59 DC C "C2'"  1 
ATOM 994  C "C1'"  . DC C 3 4  ? -3.767  21.953  -12.779 1.00 89.24  ? 59 DC C "C1'"  1 
ATOM 995  N N1     . DC C 3 4  ? -4.117  22.578  -11.464 1.00 76.44  ? 59 DC C N1     1 
ATOM 996  C C2     . DC C 3 4  ? -3.106  23.183  -10.717 1.00 82.42  ? 59 DC C C2     1 
ATOM 997  O O2     . DC C 3 4  ? -1.951  23.176  -11.161 1.00 77.05  ? 59 DC C O2     1 
ATOM 998  N N3     . DC C 3 4  ? -3.417  23.759  -9.530  1.00 77.68  ? 59 DC C N3     1 
ATOM 999  C C4     . DC C 3 4  ? -4.677  23.745  -9.092  1.00 85.88  ? 59 DC C C4     1 
ATOM 1000 N N4     . DC C 3 4  ? -4.934  24.327  -7.916  1.00 94.76  ? 59 DC C N4     1 
ATOM 1001 C C5     . DC C 3 4  ? -5.726  23.133  -9.840  1.00 79.24  ? 59 DC C C5     1 
ATOM 1002 C C6     . DC C 3 4  ? -5.406  22.569  -11.011 1.00 83.99  ? 59 DC C C6     1 
ATOM 1003 H "H5'"  . DC C 3 4  ? -5.726  23.636  -15.520 1.00 113.70 ? 59 DC C "H5'"  1 
ATOM 1004 H "H5''" . DC C 3 4  ? -5.845  22.362  -16.447 1.00 113.70 ? 59 DC C "H5''" 1 
ATOM 1005 H "H4'"  . DC C 3 4  ? -3.699  22.347  -15.709 1.00 131.81 ? 59 DC C "H4'"  1 
ATOM 1006 H "H3'"  . DC C 3 4  ? -5.031  20.205  -15.110 1.00 124.79 ? 59 DC C "H3'"  1 
ATOM 1007 H "H2'"  . DC C 3 4  ? -5.519  20.856  -12.968 1.00 116.00 ? 59 DC C "H2'"  1 
ATOM 1008 H "H2''" . DC C 3 4  ? -4.231  19.931  -12.730 1.00 116.00 ? 59 DC C "H2''" 1 
ATOM 1009 H "H1'"  . DC C 3 4  ? -2.825  21.722  -12.778 1.00 107.18 ? 59 DC C "H1'"  1 
ATOM 1010 H H41    . DC C 3 4  ? -5.734  24.332  -7.604  1.00 113.80 ? 59 DC C H41    1 
ATOM 1011 H H42    . DC C 3 4  ? -4.297  24.696  -7.470  1.00 113.80 ? 59 DC C H42    1 
ATOM 1012 H H5     . DC C 3 4  ? -6.602  23.128  -9.527  1.00 95.18  ? 59 DC C H5     1 
ATOM 1013 H H6     . DC C 3 4  ? -6.069  22.164  -11.521 1.00 100.89 ? 59 DC C H6     1 
ATOM 1014 P P      . DC C 3 5  ? -2.928  18.653  -15.546 1.00 121.21 ? 60 DC C P      1 
ATOM 1015 O OP1    . DC C 3 5  ? -2.829  18.770  -17.018 1.00 91.07  ? 60 DC C OP1    1 
ATOM 1016 O OP2    . DC C 3 5  ? -3.981  17.819  -14.923 1.00 107.48 ? 60 DC C OP2    1 
ATOM 1017 O "O5'"  . DC C 3 5  ? -1.498  18.180  -15.019 1.00 101.44 ? 60 DC C "O5'"  1 
ATOM 1018 C "C5'"  . DC C 3 5  ? -0.344  18.913  -15.388 1.00 96.85  ? 60 DC C "C5'"  1 
ATOM 1019 C "C4'"  . DC C 3 5  ? 0.687   18.897  -14.278 1.00 83.38  ? 60 DC C "C4'"  1 
ATOM 1020 O "O4'"  . DC C 3 5  ? 0.153   19.587  -13.118 1.00 84.71  ? 60 DC C "O4'"  1 
ATOM 1021 C "C3'"  . DC C 3 5  ? 1.093   17.501  -13.811 1.00 91.69  ? 60 DC C "C3'"  1 
ATOM 1022 O "O3'"  . DC C 3 5  ? 2.506   17.377  -13.816 1.00 110.35 ? 60 DC C "O3'"  1 
ATOM 1023 C "C2'"  . DC C 3 5  ? 0.497   17.375  -12.408 1.00 92.06  ? 60 DC C "C2'"  1 
ATOM 1024 C "C1'"  . DC C 3 5  ? 0.352   18.822  -11.951 1.00 82.82  ? 60 DC C "C1'"  1 
ATOM 1025 N N1     . DC C 3 5  ? -0.811  19.076  -11.028 1.00 63.54  ? 60 DC C N1     1 
ATOM 1026 C C2     . DC C 3 5  ? -0.615  19.790  -9.834  1.00 78.14  ? 60 DC C C2     1 
ATOM 1027 O O2     . DC C 3 5  ? 0.520   20.187  -9.547  1.00 77.23  ? 60 DC C O2     1 
ATOM 1028 N N3     . DC C 3 5  ? -1.682  20.019  -9.024  1.00 69.03  ? 60 DC C N3     1 
ATOM 1029 C C4     . DC C 3 5  ? -2.892  19.579  -9.370  1.00 75.47  ? 60 DC C C4     1 
ATOM 1030 N N4     . DC C 3 5  ? -3.914  19.829  -8.542  1.00 88.65  ? 60 DC C N4     1 
ATOM 1031 C C5     . DC C 3 5  ? -3.111  18.855  -10.579 1.00 73.92  ? 60 DC C C5     1 
ATOM 1032 C C6     . DC C 3 5  ? -2.055  18.636  -11.372 1.00 74.09  ? 60 DC C C6     1 
ATOM 1033 H "H5'"  . DC C 3 5  ? -0.595  19.831  -15.575 1.00 116.31 ? 60 DC C "H5'"  1 
ATOM 1034 H "H5''" . DC C 3 5  ? 0.042   18.520  -16.186 1.00 116.31 ? 60 DC C "H5''" 1 
ATOM 1035 H "H4'"  . DC C 3 5  ? 1.479   19.366  -14.582 1.00 100.15 ? 60 DC C "H4'"  1 
ATOM 1036 H "H3'"  . DC C 3 5  ? 0.701   16.834  -14.395 1.00 110.13 ? 60 DC C "H3'"  1 
ATOM 1037 H "H2'"  . DC C 3 5  ? -0.370  16.940  -12.443 1.00 110.57 ? 60 DC C "H2'"  1 
ATOM 1038 H "H2''" . DC C 3 5  ? 1.100   16.892  -11.823 1.00 110.57 ? 60 DC C "H2''" 1 
ATOM 1039 H "H1'"  . DC C 3 5  ? 1.172   19.105  -11.519 1.00 99.48  ? 60 DC C "H1'"  1 
ATOM 1040 H H41    . DC C 3 5  ? -4.708  19.570  -8.749  1.00 106.48 ? 60 DC C H41    1 
ATOM 1041 H H42    . DC C 3 5  ? -3.777  20.248  -7.803  1.00 106.48 ? 60 DC C H42    1 
ATOM 1042 H H5     . DC C 3 5  ? -3.959  18.553  -10.812 1.00 88.79  ? 60 DC C H5     1 
ATOM 1043 H H6     . DC C 3 5  ? -2.171  18.169  -12.167 1.00 89.00  ? 60 DC C H6     1 
ATOM 1044 P P      . DG C 3 6  ? 3.194   15.938  -13.636 1.00 125.46 ? 61 DG C P      1 
ATOM 1045 O OP1    . DG C 3 6  ? 4.316   15.853  -14.598 1.00 116.65 ? 61 DG C OP1    1 
ATOM 1046 O OP2    . DG C 3 6  ? 2.120   14.920  -13.662 1.00 104.51 ? 61 DG C OP2    1 
ATOM 1047 O "O5'"  . DG C 3 6  ? 3.814   16.007  -12.166 1.00 103.29 ? 61 DG C "O5'"  1 
ATOM 1048 C "C5'"  . DG C 3 6  ? 4.593   17.134  -11.780 1.00 95.79  ? 61 DG C "C5'"  1 
ATOM 1049 C "C4'"  . DG C 3 6  ? 4.554   17.330  -10.277 1.00 94.31  ? 61 DG C "C4'"  1 
ATOM 1050 O "O4'"  . DG C 3 6  ? 3.220   17.709  -9.877  1.00 88.86  ? 61 DG C "O4'"  1 
ATOM 1051 C "C3'"  . DG C 3 6  ? 4.896   16.081  -9.460  1.00 101.20 ? 61 DG C "C3'"  1 
ATOM 1052 O "O3'"  . DG C 3 6  ? 6.182   16.212  -8.867  1.00 102.57 ? 61 DG C "O3'"  1 
ATOM 1053 C "C2'"  . DG C 3 6  ? 3.777   15.977  -8.411  1.00 90.70  ? 61 DG C "C2'"  1 
ATOM 1054 C "C1'"  . DG C 3 6  ? 3.008   17.281  -8.559  1.00 87.01  ? 61 DG C "C1'"  1 
ATOM 1055 N N9     . DG C 3 6  ? 1.571   17.157  -8.331  1.00 79.38  ? 61 DG C N9     1 
ATOM 1056 C C8     . DG C 3 6  ? 0.650   16.532  -9.138  1.00 82.26  ? 61 DG C C8     1 
ATOM 1057 N N7     . DG C 3 6  ? -0.570  16.591  -8.675  1.00 71.66  ? 61 DG C N7     1 
ATOM 1058 C C5     . DG C 3 6  ? -0.448  17.303  -7.489  1.00 64.77  ? 61 DG C C5     1 
ATOM 1059 C C6     . DG C 3 6  ? -1.431  17.682  -6.547  1.00 71.11  ? 61 DG C C6     1 
ATOM 1060 O O6     . DG C 3 6  ? -2.648  17.458  -6.576  1.00 76.45  ? 61 DG C O6     1 
ATOM 1061 N N1     . DG C 3 6  ? -0.881  18.395  -5.485  1.00 70.63  ? 61 DG C N1     1 
ATOM 1062 C C2     . DG C 3 6  ? 0.452   18.703  -5.353  1.00 80.56  ? 61 DG C C2     1 
ATOM 1063 N N2     . DG C 3 6  ? 0.802   19.399  -4.261  1.00 82.13  ? 61 DG C N2     1 
ATOM 1064 N N3     . DG C 3 6  ? 1.382   18.353  -6.229  1.00 71.55  ? 61 DG C N3     1 
ATOM 1065 C C4     . DG C 3 6  ? 0.863   17.659  -7.266  1.00 67.27  ? 61 DG C C4     1 
ATOM 1066 H "H5'"  . DG C 3 6  ? 4.243   17.927  -12.214 1.00 115.05 ? 61 DG C "H5'"  1 
ATOM 1067 H "H5''" . DG C 3 6  ? 5.512   16.997  -12.060 1.00 115.05 ? 61 DG C "H5''" 1 
ATOM 1068 H "H4'"  . DG C 3 6  ? 5.168   18.041  -10.037 1.00 113.27 ? 61 DG C "H4'"  1 
ATOM 1069 H "H3'"  . DG C 3 6  ? 4.878   15.301  -10.035 1.00 121.53 ? 61 DG C "H3'"  1 
ATOM 1070 H "H2'"  . DG C 3 6  ? 3.202   15.219  -8.603  1.00 108.93 ? 61 DG C "H2'"  1 
ATOM 1071 H "H2''" . DG C 3 6  ? 4.153   15.903  -7.521  1.00 108.93 ? 61 DG C "H2''" 1 
ATOM 1072 H "H1'"  . DG C 3 6  ? 3.373   17.939  -7.946  1.00 104.50 ? 61 DG C "H1'"  1 
ATOM 1073 H H8     . DG C 3 6  ? 0.873   16.108  -9.934  1.00 98.80  ? 61 DG C H8     1 
ATOM 1074 H H1     . DG C 3 6  ? -1.415  18.663  -4.866  1.00 84.85  ? 61 DG C H1     1 
ATOM 1075 H H21    . DG C 3 6  ? 1.625   19.618  -4.136  1.00 98.65  ? 61 DG C H21    1 
ATOM 1076 H H22    . DG C 3 6  ? 0.205   19.625  -3.686  1.00 98.65  ? 61 DG C H22    1 
ATOM 1077 P P      . DA C 3 7  ? 6.750   15.050  -7.915  1.00 106.44 ? 62 DA C P      1 
ATOM 1078 O OP1    . DA C 3 7  ? 8.229   15.087  -7.974  1.00 101.09 ? 62 DA C OP1    1 
ATOM 1079 O OP2    . DA C 3 7  ? 6.028   13.806  -8.262  1.00 103.72 ? 62 DA C OP2    1 
ATOM 1080 O "O5'"  . DA C 3 7  ? 6.277   15.495  -6.455  1.00 92.48  ? 62 DA C "O5'"  1 
ATOM 1081 C "C5'"  . DA C 3 7  ? 6.469   16.835  -6.027  1.00 85.76  ? 62 DA C "C5'"  1 
ATOM 1082 C "C4'"  . DA C 3 7  ? 5.925   17.037  -4.626  1.00 89.37  ? 62 DA C "C4'"  1 
ATOM 1083 O "O4'"  . DA C 3 7  ? 4.473   17.111  -4.675  1.00 87.64  ? 62 DA C "O4'"  1 
ATOM 1084 C "C3'"  . DA C 3 7  ? 6.267   15.917  -3.646  1.00 105.45 ? 62 DA C "C3'"  1 
ATOM 1085 O "O3'"  . DA C 3 7  ? 6.706   16.456  -2.407  1.00 104.73 ? 62 DA C "O3'"  1 
ATOM 1086 C "C2'"  . DA C 3 7  ? 4.961   15.134  -3.515  1.00 92.49  ? 62 DA C "C2'"  1 
ATOM 1087 C "C1'"  . DA C 3 7  ? 3.905   16.198  -3.757  1.00 85.46  ? 62 DA C "C1'"  1 
ATOM 1088 N N9     . DA C 3 7  ? 2.658   15.691  -4.326  1.00 76.84  ? 62 DA C N9     1 
ATOM 1089 C C8     . DA C 3 7  ? 2.500   15.063  -5.528  1.00 83.47  ? 62 DA C C8     1 
ATOM 1090 N N7     . DA C 3 7  ? 1.260   14.726  -5.792  1.00 79.49  ? 62 DA C N7     1 
ATOM 1091 C C5     . DA C 3 7  ? 0.553   15.174  -4.690  1.00 67.16  ? 62 DA C C5     1 
ATOM 1092 C C6     . DA C 3 7  ? -0.815  15.124  -4.359  1.00 74.03  ? 62 DA C C6     1 
ATOM 1093 N N6     . DA C 3 7  ? -1.739  14.572  -5.151  1.00 73.31  ? 62 DA C N6     1 
ATOM 1094 N N1     . DA C 3 7  ? -1.197  15.663  -3.182  1.00 73.45  ? 62 DA C N1     1 
ATOM 1095 C C2     . DA C 3 7  ? -0.263  16.213  -2.396  1.00 84.32  ? 62 DA C C2     1 
ATOM 1096 N N3     . DA C 3 7  ? 1.051   16.320  -2.600  1.00 78.45  ? 62 DA C N3     1 
ATOM 1097 C C4     . DA C 3 7  ? 1.397   15.775  -3.777  1.00 70.33  ? 62 DA C C4     1 
ATOM 1098 H "H5'"  . DA C 3 7  ? 6.009   17.434  -6.637  1.00 103.00 ? 62 DA C "H5'"  1 
ATOM 1099 H "H5''" . DA C 3 7  ? 7.417   17.039  -6.034  1.00 103.00 ? 62 DA C "H5''" 1 
ATOM 1100 H "H4'"  . DA C 3 7  ? 6.268   17.874  -4.276  1.00 107.33 ? 62 DA C "H4'"  1 
ATOM 1101 H "H3'"  . DA C 3 7  ? 6.956   15.348  -4.023  1.00 126.63 ? 62 DA C "H3'"  1 
ATOM 1102 H "H2'"  . DA C 3 7  ? 4.908   14.439  -4.190  1.00 111.08 ? 62 DA C "H2'"  1 
ATOM 1103 H "H2''" . DA C 3 7  ? 4.873   14.759  -2.625  1.00 111.08 ? 62 DA C "H2''" 1 
ATOM 1104 H "H1'"  . DA C 3 7  ? 3.716   16.658  -2.923  1.00 102.65 ? 62 DA C "H1'"  1 
ATOM 1105 H H8     . DA C 3 7  ? 3.208   14.884  -6.103  1.00 100.26 ? 62 DA C H8     1 
ATOM 1106 H H61    . DA C 3 7  ? -2.562  14.556  -4.904  1.00 88.06  ? 62 DA C H61    1 
ATOM 1107 H H62    . DA C 3 7  ? -1.510  14.235  -5.908  1.00 88.06  ? 62 DA C H62    1 
ATOM 1108 H H2     . DA C 3 7  ? -0.575  16.569  -1.595  1.00 101.27 ? 62 DA C H2     1 
ATOM 1109 P P      . DT C 3 8  ? 7.345   15.494  -1.292  1.00 108.20 ? 63 DT C P      1 
ATOM 1110 O OP1    . DT C 3 8  ? 8.309   16.301  -0.511  1.00 100.69 ? 63 DT C OP1    1 
ATOM 1111 O OP2    . DT C 3 8  ? 7.791   14.254  -1.967  1.00 92.71  ? 63 DT C OP2    1 
ATOM 1112 O "O5'"  . DT C 3 8  ? 6.109   15.155  -0.336  1.00 92.94  ? 63 DT C "O5'"  1 
ATOM 1113 C "C5'"  . DT C 3 8  ? 5.477   16.202  0.377   1.00 82.47  ? 63 DT C "C5'"  1 
ATOM 1114 C "C4'"  . DT C 3 8  ? 4.235   15.711  1.098   1.00 76.87  ? 63 DT C "C4'"  1 
ATOM 1115 O "O4'"  . DT C 3 8  ? 3.229   15.310  0.137   1.00 80.94  ? 63 DT C "O4'"  1 
ATOM 1116 C "C3'"  . DT C 3 8  ? 4.447   14.498  2.010   1.00 85.25  ? 63 DT C "C3'"  1 
ATOM 1117 O "O3'"  . DT C 3 8  ? 4.062   14.829  3.335   1.00 77.70  ? 63 DT C "O3'"  1 
ATOM 1118 C "C2'"  . DT C 3 8  ? 3.559   13.404  1.394   1.00 87.48  ? 63 DT C "C2'"  1 
ATOM 1119 C "C1'"  . DT C 3 8  ? 2.513   14.227  0.676   1.00 76.45  ? 63 DT C "C1'"  1 
ATOM 1120 N N1     . DT C 3 8  ? 1.784   13.547  -0.437  1.00 76.46  ? 63 DT C N1     1 
ATOM 1121 C C2     . DT C 3 8  ? 0.420   13.384  -0.343  1.00 74.11  ? 63 DT C C2     1 
ATOM 1122 O O2     . DT C 3 8  ? -0.228  13.725  0.630   1.00 78.71  ? 63 DT C O2     1 
ATOM 1123 N N3     . DT C 3 8  ? -0.165  12.791  -1.428  1.00 64.37  ? 63 DT C N3     1 
ATOM 1124 C C4     . DT C 3 8  ? 0.465   12.362  -2.582  1.00 77.51  ? 63 DT C C4     1 
ATOM 1125 O O4     . DT C 3 8  ? -0.147  11.836  -3.507  1.00 65.45  ? 63 DT C O4     1 
ATOM 1126 C C5     . DT C 3 8  ? 1.895   12.578  -2.624  1.00 73.82  ? 63 DT C C5     1 
ATOM 1127 C C7     . DT C 3 8  ? 2.688   12.151  -3.822  1.00 79.84  ? 63 DT C C7     1 
ATOM 1128 C C6     . DT C 3 8  ? 2.478   13.162  -1.564  1.00 76.85  ? 63 DT C C6     1 
ATOM 1129 H "H5'"  . DT C 3 8  ? 5.227   16.904  -0.244  1.00 99.06  ? 63 DT C "H5'"  1 
ATOM 1130 H "H5''" . DT C 3 8  ? 6.100   16.562  1.028   1.00 99.06  ? 63 DT C "H5''" 1 
ATOM 1131 H "H4'"  . DT C 3 8  ? 3.880   16.440  1.631   1.00 92.33  ? 63 DT C "H4'"  1 
ATOM 1132 H "H3'"  . DT C 3 8  ? 5.377   14.224  1.989   1.00 102.40 ? 63 DT C "H3'"  1 
ATOM 1133 H "H2'"  . DT C 3 8  ? 4.063   12.862  0.766   1.00 105.07 ? 63 DT C "H2'"  1 
ATOM 1134 H "H2''" . DT C 3 8  ? 3.155   12.855  2.084   1.00 105.07 ? 63 DT C "H2''" 1 
ATOM 1135 H "H1'"  . DT C 3 8  ? 1.870   14.560  1.323   1.00 91.84  ? 63 DT C "H1'"  1 
ATOM 1136 H H3     . DT C 3 8  ? -1.016  12.669  -1.387  1.00 77.33  ? 63 DT C H3     1 
ATOM 1137 H H71    . DT C 3 8  ? 3.107   12.928  -4.225  1.00 95.91  ? 63 DT C H71    1 
ATOM 1138 H H72    . DT C 3 8  ? 3.371   11.519  -3.549  1.00 95.91  ? 63 DT C H72    1 
ATOM 1139 H H73    . DT C 3 8  ? 2.098   11.731  -4.468  1.00 95.91  ? 63 DT C H73    1 
ATOM 1140 H H6     . DT C 3 8  ? 3.396   13.303  -1.589  1.00 92.32  ? 63 DT C H6     1 
ATOM 1141 P P      . DG C 3 9  ? 4.662   14.025  4.585   1.00 86.66  ? 64 DG C P      1 
ATOM 1142 O OP1    . DG C 3 9  ? 4.701   14.966  5.728   1.00 83.35  ? 64 DG C OP1    1 
ATOM 1143 O OP2    . DG C 3 9  ? 5.900   13.341  4.144   1.00 85.82  ? 64 DG C OP2    1 
ATOM 1144 O "O5'"  . DG C 3 9  ? 3.539   12.935  4.895   1.00 85.81  ? 64 DG C "O5'"  1 
ATOM 1145 C "C5'"  . DG C 3 9  ? 2.260   13.353  5.337   1.00 72.13  ? 64 DG C "C5'"  1 
ATOM 1146 C "C4'"  . DG C 3 9  ? 1.241   12.246  5.170   1.00 73.72  ? 64 DG C "C4'"  1 
ATOM 1147 O "O4'"  . DG C 3 9  ? 0.911   12.095  3.760   1.00 90.49  ? 64 DG C "O4'"  1 
ATOM 1148 C "C3'"  . DG C 3 9  ? 1.710   10.857  5.639   1.00 75.99  ? 64 DG C "C3'"  1 
ATOM 1149 O "O3'"  . DG C 3 9  ? 0.782   10.283  6.541   1.00 72.37  ? 64 DG C "O3'"  1 
ATOM 1150 C "C2'"  . DG C 3 9  ? 1.796   10.058  4.350   1.00 86.21  ? 64 DG C "C2'"  1 
ATOM 1151 C "C1'"  . DG C 3 9  ? 0.728   10.727  3.519   1.00 68.23  ? 64 DG C "C1'"  1 
ATOM 1152 N N9     . DG C 3 9  ? 0.811   10.432  2.095   1.00 68.65  ? 64 DG C N9     1 
ATOM 1153 C C8     . DG C 3 9  ? 1.944   10.352  1.320   1.00 61.86  ? 64 DG C C8     1 
ATOM 1154 N N7     . DG C 3 9  ? 1.698   10.033  0.078   1.00 70.16  ? 64 DG C N7     1 
ATOM 1155 C C5     . DG C 3 9  ? 0.316   9.877   0.037   1.00 58.48  ? 64 DG C C5     1 
ATOM 1156 C C6     . DG C 3 9  ? -0.533  9.532   -1.041  1.00 72.71  ? 64 DG C C6     1 
ATOM 1157 O O6     . DG C 3 9  ? -0.223  9.289   -2.214  1.00 79.57  ? 64 DG C O6     1 
ATOM 1158 N N1     . DG C 3 9  ? -1.872  9.484   -0.649  1.00 65.91  ? 64 DG C N1     1 
ATOM 1159 C C2     . DG C 3 9  ? -2.326  9.738   0.622   1.00 70.00  ? 64 DG C C2     1 
ATOM 1160 N N2     . DG C 3 9  ? -3.649  9.645   0.822   1.00 84.90  ? 64 DG C N2     1 
ATOM 1161 N N3     . DG C 3 9  ? -1.539  10.059  1.636   1.00 68.98  ? 64 DG C N3     1 
ATOM 1162 C C4     . DG C 3 9  ? -0.238  10.110  1.271   1.00 59.44  ? 64 DG C C4     1 
ATOM 1163 H "H5'"  . DG C 3 9  ? 1.981   14.124  4.819   1.00 86.66  ? 64 DG C "H5'"  1 
ATOM 1164 H "H5''" . DG C 3 9  ? 2.312   13.600  6.274   1.00 86.66  ? 64 DG C "H5''" 1 
ATOM 1165 H "H4'"  . DG C 3 9  ? 0.436   12.486  5.656   1.00 88.56  ? 64 DG C "H4'"  1 
ATOM 1166 H "H3'"  . DG C 3 9  ? 2.585   10.920  6.052   1.00 91.28  ? 64 DG C "H3'"  1 
ATOM 1167 H "HO3'" . DG C 3 9  ? 0.409   9.554   6.353   1.00 86.94  ? 64 DG C "HO3'" 1 
ATOM 1168 H "H2'"  . DG C 3 9  ? 2.669   10.156  3.939   1.00 103.55 ? 64 DG C "H2'"  1 
ATOM 1169 H "H2''" . DG C 3 9  ? 1.582   9.124   4.504   1.00 103.55 ? 64 DG C "H2''" 1 
ATOM 1170 H "H1'"  . DG C 3 9  ? -0.145  10.461  3.849   1.00 81.97  ? 64 DG C "H1'"  1 
ATOM 1171 H H8     . DG C 3 9  ? 2.799   10.519  1.645   1.00 74.32  ? 64 DG C H8     1 
ATOM 1172 H H1     . DG C 3 9  ? -2.456  9.283   -1.248  1.00 79.19  ? 64 DG C H1     1 
ATOM 1173 H H21    . DG C 3 9  ? -3.977  9.790   1.604   1.00 101.97 ? 64 DG C H21    1 
ATOM 1174 H H22    . DG C 3 9  ? -4.169  9.441   0.168   1.00 101.97 ? 64 DG C H22    1 
ATOM 1175 P P      . DG D 4 1  ? 5.102   -21.503 -0.726  1.00 88.08  ? 72 DG D P      1 
ATOM 1176 O OP1    . DG D 4 1  ? 6.208   -22.481 -0.871  1.00 83.33  ? 72 DG D OP1    1 
ATOM 1177 O OP2    . DG D 4 1  ? 4.009   -21.728 0.247   1.00 132.78 ? 72 DG D OP2    1 
ATOM 1178 O "O5'"  . DG D 4 1  ? 5.739   -20.058 -0.464  1.00 89.72  ? 72 DG D "O5'"  1 
ATOM 1179 C "C5'"  . DG D 4 1  ? 6.957   -19.684 -1.108  1.00 95.53  ? 72 DG D "C5'"  1 
ATOM 1180 C "C4'"  . DG D 4 1  ? 7.677   -18.600 -0.322  1.00 83.48  ? 72 DG D "C4'"  1 
ATOM 1181 O "O4'"  . DG D 4 1  ? 6.916   -17.367 -0.392  1.00 69.20  ? 72 DG D "O4'"  1 
ATOM 1182 C "C3'"  . DG D 4 1  ? 7.869   -18.919 1.157   1.00 81.75  ? 72 DG D "C3'"  1 
ATOM 1183 O "O3'"  . DG D 4 1  ? 9.213   -19.307 1.400   1.00 69.84  ? 72 DG D "O3'"  1 
ATOM 1184 C "C2'"  . DG D 4 1  ? 7.501   -17.629 1.887   1.00 71.78  ? 72 DG D "C2'"  1 
ATOM 1185 C "C1'"  . DG D 4 1  ? 6.619   -16.881 0.902   1.00 67.20  ? 72 DG D "C1'"  1 
ATOM 1186 N N9     . DG D 4 1  ? 5.184   -17.039 1.128   1.00 65.00  ? 72 DG D N9     1 
ATOM 1187 C C8     . DG D 4 1  ? 4.304   -17.750 0.351   1.00 75.58  ? 72 DG D C8     1 
ATOM 1188 N N7     . DG D 4 1  ? 3.075   -17.698 0.778   1.00 80.53  ? 72 DG D N7     1 
ATOM 1189 C C5     . DG D 4 1  ? 3.140   -16.894 1.905   1.00 67.64  ? 72 DG D C5     1 
ATOM 1190 C C6     . DG D 4 1  ? 2.116   -16.481 2.786   1.00 72.71  ? 72 DG D C6     1 
ATOM 1191 O O6     . DG D 4 1  ? 0.909   -16.756 2.742   1.00 81.47  ? 72 DG D O6     1 
ATOM 1192 N N1     . DG D 4 1  ? 2.608   -15.668 3.803   1.00 78.03  ? 72 DG D N1     1 
ATOM 1193 C C2     . DG D 4 1  ? 3.925   -15.302 3.947   1.00 85.65  ? 72 DG D C2     1 
ATOM 1194 N N2     . DG D 4 1  ? 4.208   -14.512 4.991   1.00 91.48  ? 72 DG D N2     1 
ATOM 1195 N N3     . DG D 4 1  ? 4.897   -15.683 3.126   1.00 77.97  ? 72 DG D N3     1 
ATOM 1196 C C4     . DG D 4 1  ? 4.433   -16.475 2.133   1.00 70.09  ? 72 DG D C4     1 
ATOM 1197 H "H5'"  . DG D 4 1  ? 6.758   -19.353 -1.997  1.00 114.73 ? 72 DG D "H5'"  1 
ATOM 1198 H "H5''" . DG D 4 1  ? 7.532   -20.462 -1.178  1.00 114.73 ? 72 DG D "H5''" 1 
ATOM 1199 H "H4'"  . DG D 4 1  ? 8.547   -18.451 -0.724  1.00 100.27 ? 72 DG D "H4'"  1 
ATOM 1200 H "H3'"  . DG D 4 1  ? 7.266   -19.631 1.422   1.00 98.20  ? 72 DG D "H3'"  1 
ATOM 1201 H "H2'"  . DG D 4 1  ? 7.011   -17.828 2.700   1.00 86.23  ? 72 DG D "H2'"  1 
ATOM 1202 H "H2''" . DG D 4 1  ? 8.299   -17.114 2.087   1.00 86.23  ? 72 DG D "H2''" 1 
ATOM 1203 H "H1'"  . DG D 4 1  ? 6.839   -15.937 0.940   1.00 80.74  ? 72 DG D "H1'"  1 
ATOM 1204 H H8     . DG D 4 1  ? 4.562   -18.231 -0.402  1.00 90.79  ? 72 DG D H8     1 
ATOM 1205 H H1     . DG D 4 1  ? 2.046   -15.371 4.382   1.00 93.74  ? 72 DG D H1     1 
ATOM 1206 H H21    . DG D 4 1  ? 5.018   -14.253 5.127   1.00 109.87 ? 72 DG D H21    1 
ATOM 1207 H H22    . DG D 4 1  ? 3.583   -14.263 5.526   1.00 109.87 ? 72 DG D H22    1 
ATOM 1208 P P      . DT D 4 2  ? 9.562   -20.312 2.602   1.00 89.01  ? 73 DT D P      1 
ATOM 1209 O OP1    . DT D 4 2  ? 10.994  -20.661 2.480   1.00 81.14  ? 73 DT D OP1    1 
ATOM 1210 O OP2    . DT D 4 2  ? 8.538   -21.382 2.625   1.00 98.27  ? 73 DT D OP2    1 
ATOM 1211 O "O5'"  . DT D 4 2  ? 9.366   -19.416 3.905   1.00 69.09  ? 73 DT D "O5'"  1 
ATOM 1212 C "C5'"  . DT D 4 2  ? 10.122  -18.232 4.060   1.00 81.21  ? 73 DT D "C5'"  1 
ATOM 1213 C "C4'"  . DT D 4 2  ? 9.728   -17.505 5.327   1.00 92.11  ? 73 DT D "C4'"  1 
ATOM 1214 O "O4'"  . DT D 4 2  ? 8.310   -17.189 5.286   1.00 90.32  ? 73 DT D "O4'"  1 
ATOM 1215 C "C3'"  . DT D 4 2  ? 9.954   -18.302 6.607   1.00 88.87  ? 73 DT D "C3'"  1 
ATOM 1216 O "O3'"  . DT D 4 2  ? 10.537  -17.475 7.599   1.00 86.14  ? 73 DT D "O3'"  1 
ATOM 1217 C "C2'"  . DT D 4 2  ? 8.558   -18.791 6.988   1.00 89.77  ? 73 DT D "C2'"  1 
ATOM 1218 C "C1'"  . DT D 4 2  ? 7.654   -17.705 6.427   1.00 92.72  ? 73 DT D "C1'"  1 
ATOM 1219 N N1     . DT D 4 2  ? 6.301   -18.178 6.006   1.00 82.51  ? 73 DT D N1     1 
ATOM 1220 C C2     . DT D 4 2  ? 5.181   -17.636 6.597   1.00 84.83  ? 73 DT D C2     1 
ATOM 1221 O O2     . DT D 4 2  ? 5.230   -16.795 7.475   1.00 91.78  ? 73 DT D O2     1 
ATOM 1222 N N3     . DT D 4 2  ? 3.993   -18.123 6.123   1.00 81.22  ? 73 DT D N3     1 
ATOM 1223 C C4     . DT D 4 2  ? 3.814   -19.071 5.134   1.00 84.40  ? 73 DT D C4     1 
ATOM 1224 O O4     . DT D 4 2  ? 2.701   -19.445 4.776   1.00 83.87  ? 73 DT D O4     1 
ATOM 1225 C C5     . DT D 4 2  ? 5.028   -19.591 4.551   1.00 81.90  ? 73 DT D C5     1 
ATOM 1226 C C7     . DT D 4 2  ? 4.960   -20.625 3.467   1.00 80.02  ? 73 DT D C7     1 
ATOM 1227 C C6     . DT D 4 2  ? 6.199   -19.123 5.006   1.00 80.44  ? 73 DT D C6     1 
ATOM 1228 H "H5'"  . DT D 4 2  ? 9.966   -17.652 3.298   1.00 97.54  ? 73 DT D "H5'"  1 
ATOM 1229 H "H5''" . DT D 4 2  ? 11.064  -18.458 4.102   1.00 97.54  ? 73 DT D "H5''" 1 
ATOM 1230 H "H4'"  . DT D 4 2  ? 10.232  -16.678 5.382   1.00 110.63 ? 73 DT D "H4'"  1 
ATOM 1231 H "H3'"  . DT D 4 2  ? 10.532  -19.060 6.426   1.00 106.74 ? 73 DT D "H3'"  1 
ATOM 1232 H "H2'"  . DT D 4 2  ? 8.367   -19.645 6.569   1.00 107.81 ? 73 DT D "H2'"  1 
ATOM 1233 H "H2''" . DT D 4 2  ? 8.465   -18.851 7.952   1.00 107.81 ? 73 DT D "H2''" 1 
ATOM 1234 H "H1'"  . DT D 4 2  ? 7.556   -16.999 7.086   1.00 111.36 ? 73 DT D "H1'"  1 
ATOM 1235 H H3     . DT D 4 2  ? 3.279   -17.802 6.480   1.00 97.56  ? 73 DT D H3     1 
ATOM 1236 H H71    . DT D 4 2  ? 4.031   -20.831 3.276   1.00 96.12  ? 73 DT D H71    1 
ATOM 1237 H H72    . DT D 4 2  ? 5.385   -20.281 2.666   1.00 96.12  ? 73 DT D H72    1 
ATOM 1238 H H73    . DT D 4 2  ? 5.417   -21.428 3.758   1.00 96.12  ? 73 DT D H73    1 
ATOM 1239 H H6     . DT D 4 2  ? 6.982   -19.456 4.632   1.00 96.62  ? 73 DT D H6     1 
ATOM 1240 P P      . DC D 4 3  ? 11.329  -18.121 8.835   1.00 109.65 ? 74 DC D P      1 
ATOM 1241 O OP1    . DC D 4 3  ? 12.360  -17.148 9.258   1.00 115.23 ? 74 DC D OP1    1 
ATOM 1242 O OP2    . DC D 4 3  ? 11.724  -19.502 8.470   1.00 95.76  ? 74 DC D OP2    1 
ATOM 1243 O "O5'"  . DC D 4 3  ? 10.215  -18.214 9.970   1.00 90.22  ? 74 DC D "O5'"  1 
ATOM 1244 C "C5'"  . DC D 4 3  ? 9.491   -17.054 10.343  1.00 89.31  ? 74 DC D "C5'"  1 
ATOM 1245 C "C4'"  . DC D 4 3  ? 8.363   -17.406 11.290  1.00 98.89  ? 74 DC D "C4'"  1 
ATOM 1246 O "O4'"  . DC D 4 3  ? 7.194   -17.756 10.529  1.00 87.34  ? 74 DC D "O4'"  1 
ATOM 1247 C "C3'"  . DC D 4 3  ? 8.646   -18.597 12.195  1.00 112.48 ? 74 DC D "C3'"  1 
ATOM 1248 O "O3'"  . DC D 4 3  ? 9.109   -18.139 13.463  1.00 110.61 ? 74 DC D "O3'"  1 
ATOM 1249 C "C2'"  . DC D 4 3  ? 7.311   -19.352 12.282  1.00 106.51 ? 74 DC D "C2'"  1 
ATOM 1250 C "C1'"  . DC D 4 3  ? 6.406   -18.679 11.245  1.00 97.84  ? 74 DC D "C1'"  1 
ATOM 1251 N N1     . DC D 4 3  ? 5.799   -19.616 10.246  1.00 98.10  ? 74 DC D N1     1 
ATOM 1252 C C2     . DC D 4 3  ? 4.407   -19.646 10.075  1.00 92.83  ? 74 DC D C2     1 
ATOM 1253 O O2     . DC D 4 3  ? 3.694   -18.921 10.778  1.00 92.70  ? 74 DC D O2     1 
ATOM 1254 N N3     . DC D 4 3  ? 3.879   -20.483 9.149   1.00 84.41  ? 74 DC D N3     1 
ATOM 1255 C C4     . DC D 4 3  ? 4.677   -21.250 8.407   1.00 87.01  ? 74 DC D C4     1 
ATOM 1256 N N4     . DC D 4 3  ? 4.108   -22.057 7.504   1.00 87.12  ? 74 DC D N4     1 
ATOM 1257 C C5     . DC D 4 3  ? 6.096   -21.226 8.556   1.00 77.80  ? 74 DC D C5     1 
ATOM 1258 C C6     . DC D 4 3  ? 6.609   -20.398 9.473   1.00 91.91  ? 74 DC D C6     1 
ATOM 1259 H "H5'"  . DC D 4 3  ? 9.123   -16.637 9.548   1.00 107.27 ? 74 DC D "H5'"  1 
ATOM 1260 H "H5''" . DC D 4 3  ? 10.092  -16.430 10.781  1.00 107.27 ? 74 DC D "H5''" 1 
ATOM 1261 H "H4'"  . DC D 4 3  ? 8.161   -16.633 11.841  1.00 118.77 ? 74 DC D "H4'"  1 
ATOM 1262 H "H3'"  . DC D 4 3  ? 9.318   -19.165 11.786  1.00 135.08 ? 74 DC D "H3'"  1 
ATOM 1263 H "H2'"  . DC D 4 3  ? 7.438   -20.288 12.062  1.00 127.91 ? 74 DC D "H2'"  1 
ATOM 1264 H "H2''" . DC D 4 3  ? 6.931   -19.262 13.170  1.00 127.91 ? 74 DC D "H2''" 1 
ATOM 1265 H "H1'"  . DC D 4 3  ? 5.697   -18.202 11.704  1.00 117.50 ? 74 DC D "H1'"  1 
ATOM 1266 H H41    . DC D 4 3  ? 4.597   -22.570 7.018   1.00 104.64 ? 74 DC D H41    1 
ATOM 1267 H H42    . DC D 4 3  ? 3.254   -22.061 7.411   1.00 104.64 ? 74 DC D H42    1 
ATOM 1268 H H5     . DC D 4 3  ? 6.645   -21.766 8.034   1.00 93.45  ? 74 DC D H5     1 
ATOM 1269 H H6     . DC D 4 3  ? 7.530   -20.360 9.593   1.00 110.39 ? 74 DC D H6     1 
ATOM 1270 P P      . DA D 4 4  ? 9.364   -19.169 14.667  1.00 118.17 ? 75 DA D P      1 
ATOM 1271 O OP1    . DA D 4 4  ? 10.382  -18.565 15.556  1.00 118.32 ? 75 DA D OP1    1 
ATOM 1272 O OP2    . DA D 4 4  ? 9.605   -20.509 14.085  1.00 96.32  ? 75 DA D OP2    1 
ATOM 1273 O "O5'"  . DA D 4 4  ? 7.961   -19.197 15.430  1.00 113.75 ? 75 DA D "O5'"  1 
ATOM 1274 C "C5'"  . DA D 4 4  ? 7.199   -18.000 15.550  1.00 98.87  ? 75 DA D "C5'"  1 
ATOM 1275 C "C4'"  . DA D 4 4  ? 5.812   -18.292 16.084  1.00 116.18 ? 75 DA D "C4'"  1 
ATOM 1276 O "O4'"  . DA D 4 4  ? 5.034   -18.990 15.067  1.00 107.29 ? 75 DA D "O4'"  1 
ATOM 1277 C "C3'"  . DA D 4 4  ? 5.785   -19.184 17.320  1.00 125.42 ? 75 DA D "C3'"  1 
ATOM 1278 O "O3'"  . DA D 4 4  ? 4.745   -18.762 18.214  1.00 133.38 ? 75 DA D "O3'"  1 
ATOM 1279 C "C2'"  . DA D 4 4  ? 5.565   -20.575 16.727  1.00 102.08 ? 75 DA D "C2'"  1 
ATOM 1280 C "C1'"  . DA D 4 4  ? 4.688   -20.291 15.516  1.00 107.47 ? 75 DA D "C1'"  1 
ATOM 1281 N N9     . DA D 4 4  ? 4.871   -21.234 14.409  1.00 99.53  ? 75 DA D N9     1 
ATOM 1282 C C8     . DA D 4 4  ? 6.049   -21.769 13.965  1.00 98.77  ? 75 DA D C8     1 
ATOM 1283 N N7     . DA D 4 4  ? 5.912   -22.585 12.948  1.00 85.76  ? 75 DA D N7     1 
ATOM 1284 C C5     . DA D 4 4  ? 4.551   -22.588 12.704  1.00 81.75  ? 75 DA D C5     1 
ATOM 1285 C C6     . DA D 4 4  ? 3.761   -23.257 11.749  1.00 89.60  ? 75 DA D C6     1 
ATOM 1286 N N6     . DA D 4 4  ? 4.267   -24.086 10.831  1.00 83.37  ? 75 DA D N6     1 
ATOM 1287 N N1     . DA D 4 4  ? 2.429   -23.043 11.778  1.00 87.83  ? 75 DA D N1     1 
ATOM 1288 C C2     . DA D 4 4  ? 1.929   -22.213 12.705  1.00 89.03  ? 75 DA D C2     1 
ATOM 1289 N N3     . DA D 4 4  ? 2.571   -21.526 13.650  1.00 76.03  ? 75 DA D N3     1 
ATOM 1290 C C4     . DA D 4 4  ? 3.891   -21.761 13.596  1.00 85.19  ? 75 DA D C4     1 
ATOM 1291 H "H5'"  . DA D 4 4  ? 7.122   -17.581 14.679  1.00 118.74 ? 75 DA D "H5'"  1 
ATOM 1292 H "H5''" . DA D 4 4  ? 7.653   -17.393 16.156  1.00 118.74 ? 75 DA D "H5''" 1 
ATOM 1293 H "H4'"  . DA D 4 4  ? 5.373   -17.453 16.294  1.00 139.51 ? 75 DA D "H4'"  1 
ATOM 1294 H "H3'"  . DA D 4 4  ? 6.643   -19.148 17.771  1.00 150.60 ? 75 DA D "H3'"  1 
ATOM 1295 H "H2'"  . DA D 4 4  ? 6.409   -20.969 16.455  1.00 122.60 ? 75 DA D "H2'"  1 
ATOM 1296 H "H2''" . DA D 4 4  ? 5.104   -21.149 17.358  1.00 122.60 ? 75 DA D "H2''" 1 
ATOM 1297 H "H1'"  . DA D 4 4  ? 3.757   -20.296 15.789  1.00 129.06 ? 75 DA D "H1'"  1 
ATOM 1298 H H8     . DA D 4 4  ? 6.873   -21.571 14.349  1.00 118.61 ? 75 DA D H8     1 
ATOM 1299 H H61    . DA D 4 4  ? 3.746   -24.471 10.265  1.00 100.14 ? 75 DA D H61    1 
ATOM 1300 H H62    . DA D 4 4  ? 5.114   -24.235 10.805  1.00 100.14 ? 75 DA D H62    1 
ATOM 1301 H H2     . DA D 4 4  ? 1.007   -22.095 12.680  1.00 106.93 ? 75 DA D H2     1 
ATOM 1302 P P      . DT D 4 5  ? 4.229   -19.715 19.398  1.00 133.45 ? 76 DT D P      1 
ATOM 1303 O OP1    . DT D 4 5  ? 3.458   -18.870 20.339  1.00 125.32 ? 76 DT D OP1    1 
ATOM 1304 O OP2    . DT D 4 5  ? 5.362   -20.542 19.874  1.00 92.16  ? 76 DT D OP2    1 
ATOM 1305 O "O5'"  . DT D 4 5  ? 3.215   -20.691 18.657  1.00 122.78 ? 76 DT D "O5'"  1 
ATOM 1306 C "C5'"  . DT D 4 5  ? 2.221   -21.358 19.382  1.00 119.55 ? 76 DT D "C5'"  1 
ATOM 1307 C "C4'"  . DT D 4 5  ? 0.987   -21.534 18.523  1.00 109.99 ? 76 DT D "C4'"  1 
ATOM 1308 O "O4'"  . DT D 4 5  ? 1.394   -21.888 17.168  1.00 110.58 ? 76 DT D "O4'"  1 
ATOM 1309 C "C3'"  . DT D 4 5  ? 0.038   -22.635 18.985  1.00 113.94 ? 76 DT D "C3'"  1 
ATOM 1310 O "O3'"  . DT D 4 5  ? -1.314  -22.227 18.854  1.00 122.83 ? 76 DT D "O3'"  1 
ATOM 1311 C "C2'"  . DT D 4 5  ? 0.384   -23.802 18.074  1.00 103.64 ? 76 DT D "C2'"  1 
ATOM 1312 C "C1'"  . DT D 4 5  ? 0.798   -23.116 16.787  1.00 107.48 ? 76 DT D "C1'"  1 
ATOM 1313 N N1     . DT D 4 5  ? 1.783   -23.895 15.995  1.00 91.55  ? 76 DT D N1     1 
ATOM 1314 C C2     . DT D 4 5  ? 1.363   -24.626 14.911  1.00 85.87  ? 76 DT D C2     1 
ATOM 1315 O O2     . DT D 4 5  ? 0.203   -24.670 14.543  1.00 85.27  ? 76 DT D O2     1 
ATOM 1316 N N3     . DT D 4 5  ? 2.360   -25.303 14.262  1.00 77.61  ? 76 DT D N3     1 
ATOM 1317 C C4     . DT D 4 5  ? 3.702   -25.322 14.590  1.00 79.91  ? 76 DT D C4     1 
ATOM 1318 O O4     . DT D 4 5  ? 4.522   -25.962 13.949  1.00 82.69  ? 76 DT D O4     1 
ATOM 1319 C C5     . DT D 4 5  ? 4.070   -24.541 15.742  1.00 78.15  ? 76 DT D C5     1 
ATOM 1320 C C7     . DT D 4 5  ? 5.500   -24.482 16.203  1.00 83.83  ? 76 DT D C7     1 
ATOM 1321 C C6     . DT D 4 5  ? 3.102   -23.878 16.382  1.00 82.40  ? 76 DT D C6     1 
ATOM 1322 H "H5'"  . DT D 4 5  ? 1.994   -20.839 20.170  1.00 143.55 ? 76 DT D "H5'"  1 
ATOM 1323 H "H5''" . DT D 4 5  ? 2.550   -22.229 19.655  1.00 143.55 ? 76 DT D "H5''" 1 
ATOM 1324 H "H4'"  . DT D 4 5  ? 0.501   -20.694 18.495  1.00 132.08 ? 76 DT D "H4'"  1 
ATOM 1325 H "H3'"  . DT D 4 5  ? 0.226   -22.868 19.907  1.00 136.82 ? 76 DT D "H3'"  1 
ATOM 1326 H "HO3'" . DT D 4 5  ? -1.810  -22.198 19.531  1.00 147.49 ? 76 DT D "HO3'" 1 
ATOM 1327 H "H2'"  . DT D 4 5  ? 1.120   -24.316 18.441  1.00 124.47 ? 76 DT D "H2'"  1 
ATOM 1328 H "H2''" . DT D 4 5  ? -0.393  -24.365 17.928  1.00 124.47 ? 76 DT D "H2''" 1 
ATOM 1329 H "H1'"  . DT D 4 5  ? 0.014   -22.941 16.246  1.00 129.07 ? 76 DT D "H1'"  1 
ATOM 1330 H H3     . DT D 4 5  ? 2.125   -25.766 13.577  1.00 93.22  ? 76 DT D H3     1 
ATOM 1331 H H71    . DT D 4 5  ? 5.811   -23.565 16.175  1.00 100.70 ? 76 DT D H71    1 
ATOM 1332 H H72    . DT D 4 5  ? 5.561   -24.818 17.111  1.00 100.70 ? 76 DT D H72    1 
ATOM 1333 H H73    . DT D 4 5  ? 6.051   -25.028 15.619  1.00 100.70 ? 76 DT D H73    1 
ATOM 1334 H H6     . DT D 4 5  ? 3.335   -23.368 17.124  1.00 98.97  ? 76 DT D H6     1 
# 
loop_
_pdbx_poly_seq_scheme.asym_id 
_pdbx_poly_seq_scheme.entity_id 
_pdbx_poly_seq_scheme.seq_id 
_pdbx_poly_seq_scheme.mon_id 
_pdbx_poly_seq_scheme.ndb_seq_num 
_pdbx_poly_seq_scheme.pdb_seq_num 
_pdbx_poly_seq_scheme.auth_seq_num 
_pdbx_poly_seq_scheme.pdb_mon_id 
_pdbx_poly_seq_scheme.auth_mon_id 
_pdbx_poly_seq_scheme.pdb_strand_id 
_pdbx_poly_seq_scheme.pdb_ins_code 
_pdbx_poly_seq_scheme.hetero 
A 1 1  DC 1  5  5  DC DC B . n 
A 1 2  DA 2  6  6  DA DA B . n 
A 1 3  DA 3  7  7  DA DA B . n 
A 1 4  DT 4  8  8  DT DT B . n 
A 1 5  DG 5  9  9  DG DG B . n 
A 1 6  DA 6  10 10 DA DA B . n 
A 1 7  DC 7  11 11 DC DC B . n 
A 1 8  DT 8  12 12 DT DT B . n 
A 1 9  DC 9  13 13 DC DC B . n 
A 1 10 DA 10 14 14 DA DA B . n 
A 1 11 DT 11 15 15 DT DT B . n 
A 1 12 DG 12 16 16 DG DG B . n 
A 1 13 DC 13 17 17 DC DC B . n 
A 1 14 DT 14 18 18 DT DT B . n 
A 1 15 DC 15 19 19 DC DC B . n 
A 1 16 DA 16 20 20 DA DA B . n 
A 1 17 DT 17 21 21 DT DT B . n 
A 1 18 DC 18 22 22 DC DC B . n 
A 1 19 DG 19 23 23 DG DG B . n 
A 1 20 DG 20 24 24 DG DG B . n 
A 1 21 DA 21 25 25 DA DA B . n 
B 2 1  DA 1  65 65 DA DA A . n 
B 2 2  DG 2  66 66 DG DG A . n 
B 2 3  DC 3  67 67 DC DC A . n 
B 2 4  DA 4  68 68 DA DA A . n 
B 2 5  DT 5  69 69 DT DT A . n 
B 2 6  DG 6  70 70 DG DG A . n 
B 2 7  DA 7  71 71 DA DA A . n 
C 3 1  DT 1  56 56 DT DT C . n 
C 3 2  DG 2  57 57 DG DG C . n 
C 3 3  DT 3  58 58 DT DT C . n 
C 3 4  DC 4  59 59 DC DC C . n 
C 3 5  DC 5  60 60 DC DC C . n 
C 3 6  DG 6  61 61 DG DG C . n 
C 3 7  DA 7  62 62 DA DA C . n 
C 3 8  DT 8  63 63 DT DT C . n 
C 3 9  DG 9  64 64 DG DG C . n 
D 4 1  DG 1  72 72 DG DG D . n 
D 4 2  DT 2  73 73 DT DT D . n 
D 4 3  DC 3  74 74 DC DC D . n 
D 4 4  DA 4  75 75 DA DA D . n 
D 4 5  DT 5  76 76 DT DT D . n 
# 
_pdbx_struct_assembly.id                   1 
_pdbx_struct_assembly.details              author_defined_assembly 
_pdbx_struct_assembly.method_details       ? 
_pdbx_struct_assembly.oligomeric_details   tetrameric 
_pdbx_struct_assembly.oligomeric_count     4 
# 
_pdbx_struct_assembly_gen.assembly_id       1 
_pdbx_struct_assembly_gen.oper_expression   1 
_pdbx_struct_assembly_gen.asym_id_list      A,B,C,D 
# 
_pdbx_struct_oper_list.id                   1 
_pdbx_struct_oper_list.type                 'identity operation' 
_pdbx_struct_oper_list.name                 1_555 
_pdbx_struct_oper_list.symmetry_operation   x,y,z 
_pdbx_struct_oper_list.matrix[1][1]         1.0000000000 
_pdbx_struct_oper_list.matrix[1][2]         0.0000000000 
_pdbx_struct_oper_list.matrix[1][3]         0.0000000000 
_pdbx_struct_oper_list.vector[1]            0.0000000000 
_pdbx_struct_oper_list.matrix[2][1]         0.0000000000 
_pdbx_struct_oper_list.matrix[2][2]         1.0000000000 
_pdbx_struct_oper_list.matrix[2][3]         0.0000000000 
_pdbx_struct_oper_list.vector[2]            0.0000000000 
_pdbx_struct_oper_list.matrix[3][1]         0.0000000000 
_pdbx_struct_oper_list.matrix[3][2]         0.0000000000 
_pdbx_struct_oper_list.matrix[3][3]         1.0000000000 
_pdbx_struct_oper_list.vector[3]            0.0000000000 
# 
loop_
_pdbx_audit_revision_history.ordinal 
_pdbx_audit_revision_history.data_content_type 
_pdbx_audit_revision_history.major_revision 
_pdbx_audit_revision_history.minor_revision 
_pdbx_audit_revision_history.revision_date 
1 'Structure model' 1 0 2020-09-23 
2 'Structure model' 1 1 2021-02-24 
3 'Structure model' 1 2 2021-03-10 
4 'Structure model' 1 3 2023-10-11 
# 
_pdbx_audit_revision_details.ordinal             1 
_pdbx_audit_revision_details.revision_ordinal    1 
_pdbx_audit_revision_details.data_content_type   'Structure model' 
_pdbx_audit_revision_details.provider            repository 
_pdbx_audit_revision_details.type                'Initial release' 
_pdbx_audit_revision_details.description         ? 
_pdbx_audit_revision_details.details             ? 
# 
loop_
_pdbx_audit_revision_group.ordinal 
_pdbx_audit_revision_group.revision_ordinal 
_pdbx_audit_revision_group.data_content_type 
_pdbx_audit_revision_group.group 
1 2 'Structure model' 'Database references'    
2 3 'Structure model' 'Database references'    
3 4 'Structure model' 'Data collection'        
4 4 'Structure model' 'Database references'    
5 4 'Structure model' 'Refinement description' 
# 
loop_
_pdbx_audit_revision_category.ordinal 
_pdbx_audit_revision_category.revision_ordinal 
_pdbx_audit_revision_category.data_content_type 
_pdbx_audit_revision_category.category 
1 2 'Structure model' citation                      
2 2 'Structure model' citation_author               
3 3 'Structure model' citation                      
4 4 'Structure model' chem_comp_atom                
5 4 'Structure model' chem_comp_bond                
6 4 'Structure model' database_2                    
7 4 'Structure model' pdbx_initial_refinement_model 
# 
loop_
_pdbx_audit_revision_item.ordinal 
_pdbx_audit_revision_item.revision_ordinal 
_pdbx_audit_revision_item.data_content_type 
_pdbx_audit_revision_item.item 
1  2 'Structure model' '_citation.country'                   
2  2 'Structure model' '_citation.journal_abbrev'            
3  2 'Structure model' '_citation.journal_id_ASTM'           
4  2 'Structure model' '_citation.journal_id_CSD'            
5  2 'Structure model' '_citation.journal_id_ISSN'           
6  2 'Structure model' '_citation.pdbx_database_id_DOI'      
7  2 'Structure model' '_citation.pdbx_database_id_PubMed'   
8  2 'Structure model' '_citation.title'                     
9  2 'Structure model' '_citation.year'                      
10 3 'Structure model' '_citation.journal_volume'            
11 3 'Structure model' '_citation.page_first'                
12 3 'Structure model' '_citation.page_last'                 
13 4 'Structure model' '_database_2.pdbx_DOI'                
14 4 'Structure model' '_database_2.pdbx_database_accession' 
# 
loop_
_software.citation_id 
_software.classification 
_software.compiler_name 
_software.compiler_version 
_software.contact_author 
_software.contact_author_email 
_software.date 
_software.description 
_software.dependencies 
_software.hardware 
_software.language 
_software.location 
_software.mods 
_software.name 
_software.os 
_software.os_version 
_software.type 
_software.version 
_software.pdbx_ordinal 
? refinement        ? ? ? ? ? ? ? ? ? ? ? PHENIX      ? ? ? 1.11.1_2575 1 
? 'data reduction'  ? ? ? ? ? ? ? ? ? ? ? HKL-2000    ? ? ? .           2 
? 'data scaling'    ? ? ? ? ? ? ? ? ? ? ? HKL-2000    ? ? ? .           3 
? 'data extraction' ? ? ? ? ? ? ? ? ? ? ? PDB_EXTRACT ? ? ? 3.25        4 
? phasing           ? ? ? ? ? ? ? ? ? ? ? PHASER      ? ? ? .           5 
# 
_pdbx_entry_details.entry_id                 6UEF 
_pdbx_entry_details.nonpolymer_details       ? 
_pdbx_entry_details.sequence_details         ? 
_pdbx_entry_details.compound_details         ? 
_pdbx_entry_details.source_details           ? 
_pdbx_entry_details.has_ligand_of_interest   N 
# 
loop_
_pdbx_validate_rmsd_angle.id 
_pdbx_validate_rmsd_angle.PDB_model_num 
_pdbx_validate_rmsd_angle.auth_atom_id_1 
_pdbx_validate_rmsd_angle.auth_asym_id_1 
_pdbx_validate_rmsd_angle.auth_comp_id_1 
_pdbx_validate_rmsd_angle.auth_seq_id_1 
_pdbx_validate_rmsd_angle.PDB_ins_code_1 
_pdbx_validate_rmsd_angle.label_alt_id_1 
_pdbx_validate_rmsd_angle.auth_atom_id_2 
_pdbx_validate_rmsd_angle.auth_asym_id_2 
_pdbx_validate_rmsd_angle.auth_comp_id_2 
_pdbx_validate_rmsd_angle.auth_seq_id_2 
_pdbx_validate_rmsd_angle.PDB_ins_code_2 
_pdbx_validate_rmsd_angle.label_alt_id_2 
_pdbx_validate_rmsd_angle.auth_atom_id_3 
_pdbx_validate_rmsd_angle.auth_asym_id_3 
_pdbx_validate_rmsd_angle.auth_comp_id_3 
_pdbx_validate_rmsd_angle.auth_seq_id_3 
_pdbx_validate_rmsd_angle.PDB_ins_code_3 
_pdbx_validate_rmsd_angle.label_alt_id_3 
_pdbx_validate_rmsd_angle.angle_value 
_pdbx_validate_rmsd_angle.angle_target_value 
_pdbx_validate_rmsd_angle.angle_deviation 
_pdbx_validate_rmsd_angle.angle_standard_deviation 
_pdbx_validate_rmsd_angle.linker_flag 
1 1 "O4'" B DC 11 ? ? "C1'" B DC 11 ? ? N1 B DC 11 ? ? 110.30 108.30 2.00 0.30 N 
2 1 "O4'" C DG 64 ? ? "C1'" C DG 64 ? ? N9 C DG 64 ? ? 111.01 108.30 2.71 0.30 N 
# 
loop_
_chem_comp_atom.comp_id 
_chem_comp_atom.atom_id 
_chem_comp_atom.type_symbol 
_chem_comp_atom.pdbx_aromatic_flag 
_chem_comp_atom.pdbx_stereo_config 
_chem_comp_atom.pdbx_ordinal 
DA OP3    O N N 1   
DA P      P N N 2   
DA OP1    O N N 3   
DA OP2    O N N 4   
DA "O5'"  O N N 5   
DA "C5'"  C N N 6   
DA "C4'"  C N R 7   
DA "O4'"  O N N 8   
DA "C3'"  C N S 9   
DA "O3'"  O N N 10  
DA "C2'"  C N N 11  
DA "C1'"  C N R 12  
DA N9     N Y N 13  
DA C8     C Y N 14  
DA N7     N Y N 15  
DA C5     C Y N 16  
DA C6     C Y N 17  
DA N6     N N N 18  
DA N1     N Y N 19  
DA C2     C Y N 20  
DA N3     N Y N 21  
DA C4     C Y N 22  
DA HOP3   H N N 23  
DA HOP2   H N N 24  
DA "H5'"  H N N 25  
DA "H5''" H N N 26  
DA "H4'"  H N N 27  
DA "H3'"  H N N 28  
DA "HO3'" H N N 29  
DA "H2'"  H N N 30  
DA "H2''" H N N 31  
DA "H1'"  H N N 32  
DA H8     H N N 33  
DA H61    H N N 34  
DA H62    H N N 35  
DA H2     H N N 36  
DC OP3    O N N 37  
DC P      P N N 38  
DC OP1    O N N 39  
DC OP2    O N N 40  
DC "O5'"  O N N 41  
DC "C5'"  C N N 42  
DC "C4'"  C N R 43  
DC "O4'"  O N N 44  
DC "C3'"  C N S 45  
DC "O3'"  O N N 46  
DC "C2'"  C N N 47  
DC "C1'"  C N R 48  
DC N1     N N N 49  
DC C2     C N N 50  
DC O2     O N N 51  
DC N3     N N N 52  
DC C4     C N N 53  
DC N4     N N N 54  
DC C5     C N N 55  
DC C6     C N N 56  
DC HOP3   H N N 57  
DC HOP2   H N N 58  
DC "H5'"  H N N 59  
DC "H5''" H N N 60  
DC "H4'"  H N N 61  
DC "H3'"  H N N 62  
DC "HO3'" H N N 63  
DC "H2'"  H N N 64  
DC "H2''" H N N 65  
DC "H1'"  H N N 66  
DC H41    H N N 67  
DC H42    H N N 68  
DC H5     H N N 69  
DC H6     H N N 70  
DG OP3    O N N 71  
DG P      P N N 72  
DG OP1    O N N 73  
DG OP2    O N N 74  
DG "O5'"  O N N 75  
DG "C5'"  C N N 76  
DG "C4'"  C N R 77  
DG "O4'"  O N N 78  
DG "C3'"  C N S 79  
DG "O3'"  O N N 80  
DG "C2'"  C N N 81  
DG "C1'"  C N R 82  
DG N9     N Y N 83  
DG C8     C Y N 84  
DG N7     N Y N 85  
DG C5     C Y N 86  
DG C6     C N N 87  
DG O6     O N N 88  
DG N1     N N N 89  
DG C2     C N N 90  
DG N2     N N N 91  
DG N3     N N N 92  
DG C4     C Y N 93  
DG HOP3   H N N 94  
DG HOP2   H N N 95  
DG "H5'"  H N N 96  
DG "H5''" H N N 97  
DG "H4'"  H N N 98  
DG "H3'"  H N N 99  
DG "HO3'" H N N 100 
DG "H2'"  H N N 101 
DG "H2''" H N N 102 
DG "H1'"  H N N 103 
DG H8     H N N 104 
DG H1     H N N 105 
DG H21    H N N 106 
DG H22    H N N 107 
DT OP3    O N N 108 
DT P      P N N 109 
DT OP1    O N N 110 
DT OP2    O N N 111 
DT "O5'"  O N N 112 
DT "C5'"  C N N 113 
DT "C4'"  C N R 114 
DT "O4'"  O N N 115 
DT "C3'"  C N S 116 
DT "O3'"  O N N 117 
DT "C2'"  C N N 118 
DT "C1'"  C N R 119 
DT N1     N N N 120 
DT C2     C N N 121 
DT O2     O N N 122 
DT N3     N N N 123 
DT C4     C N N 124 
DT O4     O N N 125 
DT C5     C N N 126 
DT C7     C N N 127 
DT C6     C N N 128 
DT HOP3   H N N 129 
DT HOP2   H N N 130 
DT "H5'"  H N N 131 
DT "H5''" H N N 132 
DT "H4'"  H N N 133 
DT "H3'"  H N N 134 
DT "HO3'" H N N 135 
DT "H2'"  H N N 136 
DT "H2''" H N N 137 
DT "H1'"  H N N 138 
DT H3     H N N 139 
DT H71    H N N 140 
DT H72    H N N 141 
DT H73    H N N 142 
DT H6     H N N 143 
# 
loop_
_chem_comp_bond.comp_id 
_chem_comp_bond.atom_id_1 
_chem_comp_bond.atom_id_2 
_chem_comp_bond.value_order 
_chem_comp_bond.pdbx_aromatic_flag 
_chem_comp_bond.pdbx_stereo_config 
_chem_comp_bond.pdbx_ordinal 
DA OP3   P      sing N N 1   
DA OP3   HOP3   sing N N 2   
DA P     OP1    doub N N 3   
DA P     OP2    sing N N 4   
DA P     "O5'"  sing N N 5   
DA OP2   HOP2   sing N N 6   
DA "O5'" "C5'"  sing N N 7   
DA "C5'" "C4'"  sing N N 8   
DA "C5'" "H5'"  sing N N 9   
DA "C5'" "H5''" sing N N 10  
DA "C4'" "O4'"  sing N N 11  
DA "C4'" "C3'"  sing N N 12  
DA "C4'" "H4'"  sing N N 13  
DA "O4'" "C1'"  sing N N 14  
DA "C3'" "O3'"  sing N N 15  
DA "C3'" "C2'"  sing N N 16  
DA "C3'" "H3'"  sing N N 17  
DA "O3'" "HO3'" sing N N 18  
DA "C2'" "C1'"  sing N N 19  
DA "C2'" "H2'"  sing N N 20  
DA "C2'" "H2''" sing N N 21  
DA "C1'" N9     sing N N 22  
DA "C1'" "H1'"  sing N N 23  
DA N9    C8     sing Y N 24  
DA N9    C4     sing Y N 25  
DA C8    N7     doub Y N 26  
DA C8    H8     sing N N 27  
DA N7    C5     sing Y N 28  
DA C5    C6     sing Y N 29  
DA C5    C4     doub Y N 30  
DA C6    N6     sing N N 31  
DA C6    N1     doub Y N 32  
DA N6    H61    sing N N 33  
DA N6    H62    sing N N 34  
DA N1    C2     sing Y N 35  
DA C2    N3     doub Y N 36  
DA C2    H2     sing N N 37  
DA N3    C4     sing Y N 38  
DC OP3   P      sing N N 39  
DC OP3   HOP3   sing N N 40  
DC P     OP1    doub N N 41  
DC P     OP2    sing N N 42  
DC P     "O5'"  sing N N 43  
DC OP2   HOP2   sing N N 44  
DC "O5'" "C5'"  sing N N 45  
DC "C5'" "C4'"  sing N N 46  
DC "C5'" "H5'"  sing N N 47  
DC "C5'" "H5''" sing N N 48  
DC "C4'" "O4'"  sing N N 49  
DC "C4'" "C3'"  sing N N 50  
DC "C4'" "H4'"  sing N N 51  
DC "O4'" "C1'"  sing N N 52  
DC "C3'" "O3'"  sing N N 53  
DC "C3'" "C2'"  sing N N 54  
DC "C3'" "H3'"  sing N N 55  
DC "O3'" "HO3'" sing N N 56  
DC "C2'" "C1'"  sing N N 57  
DC "C2'" "H2'"  sing N N 58  
DC "C2'" "H2''" sing N N 59  
DC "C1'" N1     sing N N 60  
DC "C1'" "H1'"  sing N N 61  
DC N1    C2     sing N N 62  
DC N1    C6     sing N N 63  
DC C2    O2     doub N N 64  
DC C2    N3     sing N N 65  
DC N3    C4     doub N N 66  
DC C4    N4     sing N N 67  
DC C4    C5     sing N N 68  
DC N4    H41    sing N N 69  
DC N4    H42    sing N N 70  
DC C5    C6     doub N N 71  
DC C5    H5     sing N N 72  
DC C6    H6     sing N N 73  
DG OP3   P      sing N N 74  
DG OP3   HOP3   sing N N 75  
DG P     OP1    doub N N 76  
DG P     OP2    sing N N 77  
DG P     "O5'"  sing N N 78  
DG OP2   HOP2   sing N N 79  
DG "O5'" "C5'"  sing N N 80  
DG "C5'" "C4'"  sing N N 81  
DG "C5'" "H5'"  sing N N 82  
DG "C5'" "H5''" sing N N 83  
DG "C4'" "O4'"  sing N N 84  
DG "C4'" "C3'"  sing N N 85  
DG "C4'" "H4'"  sing N N 86  
DG "O4'" "C1'"  sing N N 87  
DG "C3'" "O3'"  sing N N 88  
DG "C3'" "C2'"  sing N N 89  
DG "C3'" "H3'"  sing N N 90  
DG "O3'" "HO3'" sing N N 91  
DG "C2'" "C1'"  sing N N 92  
DG "C2'" "H2'"  sing N N 93  
DG "C2'" "H2''" sing N N 94  
DG "C1'" N9     sing N N 95  
DG "C1'" "H1'"  sing N N 96  
DG N9    C8     sing Y N 97  
DG N9    C4     sing Y N 98  
DG C8    N7     doub Y N 99  
DG C8    H8     sing N N 100 
DG N7    C5     sing Y N 101 
DG C5    C6     sing N N 102 
DG C5    C4     doub Y N 103 
DG C6    O6     doub N N 104 
DG C6    N1     sing N N 105 
DG N1    C2     sing N N 106 
DG N1    H1     sing N N 107 
DG C2    N2     sing N N 108 
DG C2    N3     doub N N 109 
DG N2    H21    sing N N 110 
DG N2    H22    sing N N 111 
DG N3    C4     sing N N 112 
DT OP3   P      sing N N 113 
DT OP3   HOP3   sing N N 114 
DT P     OP1    doub N N 115 
DT P     OP2    sing N N 116 
DT P     "O5'"  sing N N 117 
DT OP2   HOP2   sing N N 118 
DT "O5'" "C5'"  sing N N 119 
DT "C5'" "C4'"  sing N N 120 
DT "C5'" "H5'"  sing N N 121 
DT "C5'" "H5''" sing N N 122 
DT "C4'" "O4'"  sing N N 123 
DT "C4'" "C3'"  sing N N 124 
DT "C4'" "H4'"  sing N N 125 
DT "O4'" "C1'"  sing N N 126 
DT "C3'" "O3'"  sing N N 127 
DT "C3'" "C2'"  sing N N 128 
DT "C3'" "H3'"  sing N N 129 
DT "O3'" "HO3'" sing N N 130 
DT "C2'" "C1'"  sing N N 131 
DT "C2'" "H2'"  sing N N 132 
DT "C2'" "H2''" sing N N 133 
DT "C1'" N1     sing N N 134 
DT "C1'" "H1'"  sing N N 135 
DT N1    C2     sing N N 136 
DT N1    C6     sing N N 137 
DT C2    O2     doub N N 138 
DT C2    N3     sing N N 139 
DT N3    C4     sing N N 140 
DT N3    H3     sing N N 141 
DT C4    O4     doub N N 142 
DT C4    C5     sing N N 143 
DT C5    C7     sing N N 144 
DT C5    C6     doub N N 145 
DT C7    H71    sing N N 146 
DT C7    H72    sing N N 147 
DT C7    H73    sing N N 148 
DT C6    H6     sing N N 149 
# 
loop_
_ndb_struct_conf_na.entry_id 
_ndb_struct_conf_na.feature 
6UEF 'double helix'        
6UEF 'a-form double helix' 
6UEF 'b-form double helix' 
# 
loop_
_ndb_struct_na_base_pair.model_number 
_ndb_struct_na_base_pair.i_label_asym_id 
_ndb_struct_na_base_pair.i_label_comp_id 
_ndb_struct_na_base_pair.i_label_seq_id 
_ndb_struct_na_base_pair.i_symmetry 
_ndb_struct_na_base_pair.j_label_asym_id 
_ndb_struct_na_base_pair.j_label_comp_id 
_ndb_struct_na_base_pair.j_label_seq_id 
_ndb_struct_na_base_pair.j_symmetry 
_ndb_struct_na_base_pair.shear 
_ndb_struct_na_base_pair.stretch 
_ndb_struct_na_base_pair.stagger 
_ndb_struct_na_base_pair.buckle 
_ndb_struct_na_base_pair.propeller 
_ndb_struct_na_base_pair.opening 
_ndb_struct_na_base_pair.pair_number 
_ndb_struct_na_base_pair.pair_name 
_ndb_struct_na_base_pair.i_auth_asym_id 
_ndb_struct_na_base_pair.i_auth_seq_id 
_ndb_struct_na_base_pair.i_PDB_ins_code 
_ndb_struct_na_base_pair.j_auth_asym_id 
_ndb_struct_na_base_pair.j_auth_seq_id 
_ndb_struct_na_base_pair.j_PDB_ins_code 
_ndb_struct_na_base_pair.hbond_type_28 
_ndb_struct_na_base_pair.hbond_type_12 
1 A DA 3  1_555 D DT 5 1_555 0.249  -0.092 0.073  6.151   -20.383 -1.805  1  B_DA7:DT76_D  B 7  ? D 76 ? 20 1 
1 A DT 4  1_555 D DA 4 1_555 -0.647 -0.068 -0.158 4.370   -19.490 -10.528 2  B_DT8:DA75_D  B 8  ? D 75 ? 20 1 
1 A DG 5  1_555 D DC 3 1_555 -0.028 -0.341 -0.013 1.651   -20.146 1.920   3  B_DG9:DC74_D  B 9  ? D 74 ? 19 1 
1 A DA 6  1_555 D DT 2 1_555 0.226  -0.412 -0.409 -9.172  -20.575 -4.822  4  B_DA10:DT73_D B 10 ? D 73 ? 20 1 
1 A DC 7  1_555 D DG 1 1_555 -0.049 0.011  0.091  -8.225  -13.152 4.304   5  B_DC11:DG72_D B 11 ? D 72 ? 19 1 
1 A DT 8  1_555 B DA 7 1_555 -1.286 -0.062 0.430  -10.579 -5.741  -4.059  6  B_DT12:DA71_A B 12 ? A 71 ? 20 1 
1 A DC 9  1_555 B DG 6 1_555 0.115  -0.017 0.448  -5.789  -2.422  0.508   7  B_DC13:DG70_A B 13 ? A 70 ? 19 1 
1 A DA 10 1_555 B DT 5 1_555 -0.238 0.005  0.708  3.472   -1.962  -4.073  8  B_DA14:DT69_A B 14 ? A 69 ? 20 1 
1 A DT 11 1_555 B DA 4 1_555 -1.128 -0.200 0.320  8.158   -2.234  -5.060  9  B_DT15:DA68_A B 15 ? A 68 ? 20 1 
1 A DG 12 1_555 B DC 3 1_555 0.171  -0.348 0.313  6.120   -7.828  -3.330  10 B_DG16:DC67_A B 16 ? A 67 ? 19 1 
1 A DC 13 1_555 B DG 2 1_555 0.259  -0.452 0.223  -1.877  -9.133  -2.831  11 B_DC17:DG66_A B 17 ? A 66 ? 19 1 
1 A DT 14 1_555 B DA 1 1_555 -0.716 -0.094 0.360  -2.035  -6.990  -13.578 12 B_DT18:DA65_A B 18 ? A 65 ? 20 1 
1 A DC 15 1_555 C DG 9 1_555 0.145  -0.140 0.270  -4.358  2.061   0.711   13 B_DC19:DG64_C B 19 ? C 64 ? 19 1 
1 A DA 16 1_555 C DT 8 1_555 0.080  -0.255 0.867  1.996   -3.335  -2.797  14 B_DA20:DT63_C B 20 ? C 63 ? 20 1 
1 A DT 17 1_555 C DA 7 1_555 -0.151 -0.189 0.661  1.708   -3.208  -2.457  15 B_DT21:DA62_C B 21 ? C 62 ? 20 1 
1 A DC 18 1_555 C DG 6 1_555 0.154  -0.207 0.461  2.320   -4.135  -0.026  16 B_DC22:DG61_C B 22 ? C 61 ? 19 1 
1 A DG 19 1_555 C DC 5 1_555 -0.126 -0.154 0.515  2.393   -7.677  -1.394  17 B_DG23:DC60_C B 23 ? C 60 ? 19 1 
1 A DG 20 1_555 C DC 4 1_555 -0.213 -0.151 0.207  -1.639  -10.428 1.179   18 B_DG24:DC59_C B 24 ? C 59 ? 19 1 
1 A DA 21 1_555 C DT 3 1_555 0.067  -0.176 -0.269 -2.976  -7.627  1.500   19 B_DA25:DT58_C B 25 ? C 58 ? 20 1 
# 
loop_
_ndb_struct_na_base_pair_step.model_number 
_ndb_struct_na_base_pair_step.i_label_asym_id_1 
_ndb_struct_na_base_pair_step.i_label_comp_id_1 
_ndb_struct_na_base_pair_step.i_label_seq_id_1 
_ndb_struct_na_base_pair_step.i_symmetry_1 
_ndb_struct_na_base_pair_step.j_label_asym_id_1 
_ndb_struct_na_base_pair_step.j_label_comp_id_1 
_ndb_struct_na_base_pair_step.j_label_seq_id_1 
_ndb_struct_na_base_pair_step.j_symmetry_1 
_ndb_struct_na_base_pair_step.i_label_asym_id_2 
_ndb_struct_na_base_pair_step.i_label_comp_id_2 
_ndb_struct_na_base_pair_step.i_label_seq_id_2 
_ndb_struct_na_base_pair_step.i_symmetry_2 
_ndb_struct_na_base_pair_step.j_label_asym_id_2 
_ndb_struct_na_base_pair_step.j_label_comp_id_2 
_ndb_struct_na_base_pair_step.j_label_seq_id_2 
_ndb_struct_na_base_pair_step.j_symmetry_2 
_ndb_struct_na_base_pair_step.shift 
_ndb_struct_na_base_pair_step.slide 
_ndb_struct_na_base_pair_step.rise 
_ndb_struct_na_base_pair_step.tilt 
_ndb_struct_na_base_pair_step.roll 
_ndb_struct_na_base_pair_step.twist 
_ndb_struct_na_base_pair_step.x_displacement 
_ndb_struct_na_base_pair_step.y_displacement 
_ndb_struct_na_base_pair_step.helical_rise 
_ndb_struct_na_base_pair_step.inclination 
_ndb_struct_na_base_pair_step.tip 
_ndb_struct_na_base_pair_step.helical_twist 
_ndb_struct_na_base_pair_step.step_number 
_ndb_struct_na_base_pair_step.step_name 
_ndb_struct_na_base_pair_step.i_auth_asym_id_1 
_ndb_struct_na_base_pair_step.i_auth_seq_id_1 
_ndb_struct_na_base_pair_step.i_PDB_ins_code_1 
_ndb_struct_na_base_pair_step.j_auth_asym_id_1 
_ndb_struct_na_base_pair_step.j_auth_seq_id_1 
_ndb_struct_na_base_pair_step.j_PDB_ins_code_1 
_ndb_struct_na_base_pair_step.i_auth_asym_id_2 
_ndb_struct_na_base_pair_step.i_auth_seq_id_2 
_ndb_struct_na_base_pair_step.i_PDB_ins_code_2 
_ndb_struct_na_base_pair_step.j_auth_asym_id_2 
_ndb_struct_na_base_pair_step.j_auth_seq_id_2 
_ndb_struct_na_base_pair_step.j_PDB_ins_code_2 
1 A DA 3  1_555 D DT 5 1_555 A DT 4  1_555 D DA 4 1_555 -0.427 -0.747 3.177 0.957  0.625  31.667 -1.480 0.952  3.148 1.144  -1.753 
31.688 1  BB_DA7DT8:DA75DT76_DD   B 7  ? D 76 ? B 8  ? D 75 ? 
1 A DT 4  1_555 D DA 4 1_555 A DG 5  1_555 D DC 3 1_555 0.720  1.012  3.694 0.301  2.511  35.762 1.234  -1.120 3.760 4.083  -0.489 
35.849 2  BB_DT8DG9:DC74DA75_DD   B 8  ? D 75 ? B 9  ? D 74 ? 
1 A DG 5  1_555 D DC 3 1_555 A DA 6  1_555 D DT 2 1_555 -0.298 0.066  3.595 -2.820 -0.694 39.351 0.187  0.076  3.605 -1.029 4.181  
39.454 3  BB_DG9DA10:DT73DC74_DD  B 9  ? D 74 ? B 10 ? D 73 ? 
1 A DA 6  1_555 D DT 2 1_555 A DC 7  1_555 D DG 1 1_555 0.900  -0.865 3.256 -6.395 0.351  34.187 -1.500 -2.454 3.035 0.591  10.761 
34.764 4  BB_DA10DC11:DG72DT73_DD B 10 ? D 73 ? B 11 ? D 72 ? 
1 A DC 7  1_555 D DG 1 1_555 A DT 8  1_555 B DA 7 1_555 -1.061 -1.431 3.444 -1.834 -2.985 23.195 -2.417 1.931  3.668 -7.370 4.528  
23.454 5  BB_DC11DT12:DA71DG72_AD B 11 ? D 72 ? B 12 ? A 71 ? 
1 A DT 8  1_555 B DA 7 1_555 A DC 9  1_555 B DG 6 1_555 0.219  -0.075 3.255 -0.972 3.694  36.731 -0.614 -0.477 3.226 5.842  1.537  
36.923 6  BB_DT12DC13:DG70DA71_AA B 12 ? A 71 ? B 13 ? A 70 ? 
1 A DC 9  1_555 B DG 6 1_555 A DA 10 1_555 B DT 5 1_555 0.238  0.107  2.939 -1.495 3.769  38.845 -0.248 -0.518 2.925 5.648  2.241  
39.048 7  BB_DC13DA14:DT69DG70_AA B 13 ? A 70 ? B 14 ? A 69 ? 
1 A DA 10 1_555 B DT 5 1_555 A DT 11 1_555 B DA 4 1_555 -0.163 -1.115 3.331 1.753  2.437  27.224 -2.960 0.779  3.204 5.157  -3.709 
27.386 8  BB_DA14DT15:DA68DT69_AA B 14 ? A 69 ? B 15 ? A 68 ? 
1 A DT 11 1_555 B DA 4 1_555 A DG 12 1_555 B DC 3 1_555 0.493  -0.470 3.342 -0.472 0.569  36.070 -0.841 -0.865 3.328 0.919  0.762  
36.078 9  BB_DT15DG16:DC67DA68_AA B 15 ? A 68 ? B 16 ? A 67 ? 
1 A DG 12 1_555 B DC 3 1_555 A DC 13 1_555 B DG 2 1_555 -0.039 -1.170 3.376 0.042  1.074  37.218 -1.978 0.066  3.342 1.682  -0.066 
37.233 10 BB_DG16DC17:DG66DC67_AA B 16 ? A 67 ? B 17 ? A 66 ? 
1 A DC 13 1_555 B DG 2 1_555 A DT 14 1_555 B DA 1 1_555 -0.314 -1.846 3.218 0.236  2.003  27.842 -4.285 0.705  3.078 4.155  -0.491 
27.913 11 BB_DC17DT18:DA65DG66_AA B 17 ? A 66 ? B 18 ? A 65 ? 
1 A DT 14 1_555 B DA 1 1_555 A DC 15 1_555 C DG 9 1_555 0.060  -1.045 3.345 0.572  -1.065 32.671 -1.667 -0.006 3.377 -1.893 -1.017 
32.693 12 BB_DT18DC19:DG64DA65_CA B 18 ? A 65 ? B 19 ? C 64 ? 
1 A DC 15 1_555 C DG 9 1_555 A DA 16 1_555 C DT 8 1_555 -0.714 -0.132 3.242 -3.352 6.191  31.480 -1.339 0.689  3.216 11.235 6.083  
32.239 13 BB_DC19DA20:DT63DG64_CC B 19 ? C 64 ? B 20 ? C 63 ? 
1 A DA 16 1_555 C DT 8 1_555 A DT 17 1_555 C DA 7 1_555 0.083  -1.002 3.360 1.299  2.960  30.388 -2.497 0.104  3.250 5.628  -2.470 
30.555 14 BB_DA20DT21:DA62DT63_CC B 20 ? C 63 ? B 21 ? C 62 ? 
1 A DT 17 1_555 C DA 7 1_555 A DC 18 1_555 C DG 6 1_555 -0.019 -0.514 3.322 3.308  2.897  37.998 -1.153 0.449  3.263 4.432  -5.060 
38.242 15 BB_DT21DC22:DG61DA62_CC B 21 ? C 62 ? B 22 ? C 61 ? 
1 A DC 18 1_555 C DG 6 1_555 A DG 19 1_555 C DC 5 1_555 -0.155 -0.090 3.250 0.109  0.267  29.656 -0.231 0.325  3.248 0.522  -0.212 
29.657 16 BB_DC22DG23:DC60DG61_CC B 22 ? C 61 ? B 23 ? C 60 ? 
1 A DG 19 1_555 C DC 5 1_555 A DG 20 1_555 C DC 4 1_555 0.231  1.131  3.563 0.296  -1.116 40.418 1.772  -0.298 3.533 -1.614 -0.428 
40.434 17 BB_DG23DG24:DC59DC60_CC B 23 ? C 60 ? B 24 ? C 59 ? 
1 A DG 20 1_555 C DC 4 1_555 A DA 21 1_555 C DT 3 1_555 -0.650 0.204  3.326 -1.334 -0.375 38.524 0.357  0.816  3.343 -0.568 2.022  
38.548 18 BB_DG24DA25:DT58DC59_CC B 24 ? C 59 ? B 25 ? C 58 ? 
# 
loop_
_pdbx_audit_support.funding_organization 
_pdbx_audit_support.country 
_pdbx_audit_support.grant_number 
_pdbx_audit_support.ordinal 
'National Science Foundation (NSF, United States)'                                   'United States' 1360635     1 
'National Institutes of Health/National Human Genome Research Institute (NIH/NHGRI)' 'United States' R01GM104960 2 
# 
_pdbx_initial_refinement_model.id               1 
_pdbx_initial_refinement_model.entity_id_list   ? 
_pdbx_initial_refinement_model.type             'experimental model' 
_pdbx_initial_refinement_model.source_name      PDB 
_pdbx_initial_refinement_model.accession_code   6U40 
_pdbx_initial_refinement_model.details          ? 
# 
_pdbx_struct_assembly_auth_evidence.id                     1 
_pdbx_struct_assembly_auth_evidence.assembly_id            1 
_pdbx_struct_assembly_auth_evidence.experimental_support   none 
_pdbx_struct_assembly_auth_evidence.details                ? 
# 
